data_1UJY
#
_entry.id   1UJY
#
_entity_poly.entity_id   1
_entity_poly.type   'polypeptide(L)'
_entity_poly.pdbx_seq_one_letter_code
;GSSGSSGSHQLIVKARFNFKQTNEDELSVCKGDIIYVTRVEEGGWWEGTLNGRTGWFPSNYVREIKSSERSGPSSG
;
_entity_poly.pdbx_strand_id   A
#
# COMPACT_ATOMS: atom_id res chain seq x y z
N GLY A 1 -30.23 -1.73 10.85
CA GLY A 1 -29.36 -0.62 10.49
C GLY A 1 -28.09 -1.11 9.81
N SER A 2 -27.21 -0.17 9.50
CA SER A 2 -25.96 -0.50 8.85
C SER A 2 -24.85 0.44 9.34
N SER A 3 -25.07 1.73 9.15
CA SER A 3 -24.11 2.72 9.56
C SER A 3 -22.69 2.25 9.24
N GLY A 4 -22.26 2.54 8.02
CA GLY A 4 -20.93 2.15 7.58
C GLY A 4 -19.86 2.79 8.45
N SER A 5 -18.68 2.96 7.86
CA SER A 5 -17.56 3.56 8.57
C SER A 5 -16.78 4.47 7.63
N SER A 6 -17.30 5.68 7.46
CA SER A 6 -16.67 6.67 6.61
C SER A 6 -15.50 7.31 7.33
N GLY A 7 -14.30 7.00 6.86
CA GLY A 7 -13.09 7.54 7.46
C GLY A 7 -11.87 7.28 6.56
N SER A 8 -11.35 6.07 6.65
CA SER A 8 -10.20 5.69 5.86
C SER A 8 -10.14 4.18 5.71
N HIS A 9 -10.02 3.74 4.47
CA HIS A 9 -9.96 2.32 4.17
C HIS A 9 -8.51 1.91 3.90
N GLN A 10 -7.60 2.76 4.35
CA GLN A 10 -6.18 2.50 4.17
C GLN A 10 -5.87 1.02 4.41
N LEU A 11 -5.04 0.47 3.54
CA LEU A 11 -4.67 -0.94 3.65
C LEU A 11 -3.25 -1.03 4.21
N ILE A 12 -3.12 -1.76 5.31
CA ILE A 12 -1.83 -1.93 5.95
C ILE A 12 -1.16 -3.21 5.41
N VAL A 13 -0.08 -3.00 4.69
CA VAL A 13 0.65 -4.12 4.11
C VAL A 13 2.15 -3.94 4.40
N LYS A 14 2.77 -5.04 4.81
CA LYS A 14 4.19 -5.02 5.12
C LYS A 14 4.98 -5.43 3.88
N ALA A 15 6.14 -4.81 3.73
CA ALA A 15 7.00 -5.11 2.59
C ALA A 15 7.40 -6.58 2.62
N ARG A 16 7.97 -7.03 1.52
CA ARG A 16 8.39 -8.41 1.40
C ARG A 16 9.91 -8.52 1.54
N PHE A 17 10.61 -7.82 0.68
CA PHE A 17 12.06 -7.82 0.69
C PHE A 17 12.62 -6.47 0.22
N ASN A 18 13.94 -6.42 0.12
CA ASN A 18 14.60 -5.21 -0.33
C ASN A 18 14.11 -4.83 -1.72
N PHE A 19 13.25 -3.82 -1.75
CA PHE A 19 12.68 -3.35 -3.01
C PHE A 19 13.13 -1.93 -3.31
N LYS A 20 13.92 -1.79 -4.36
CA LYS A 20 14.42 -0.50 -4.77
C LYS A 20 13.44 0.15 -5.74
N GLN A 21 13.27 1.45 -5.58
CA GLN A 21 12.35 2.21 -6.44
C GLN A 21 13.06 2.61 -7.73
N THR A 22 12.32 2.47 -8.83
CA THR A 22 12.84 2.82 -10.13
C THR A 22 12.93 4.33 -10.30
N ASN A 23 12.06 5.02 -9.56
CA ASN A 23 12.02 6.48 -9.61
C ASN A 23 11.38 7.01 -8.33
N GLU A 24 11.63 8.28 -8.06
CA GLU A 24 11.08 8.93 -6.88
C GLU A 24 9.55 8.95 -6.96
N ASP A 25 9.06 8.91 -8.18
CA ASP A 25 7.62 8.93 -8.40
C ASP A 25 6.99 7.70 -7.74
N GLU A 26 7.71 6.58 -7.83
CA GLU A 26 7.23 5.34 -7.24
C GLU A 26 7.63 5.26 -5.77
N LEU A 27 7.19 4.18 -5.13
CA LEU A 27 7.49 3.97 -3.73
C LEU A 27 8.77 3.15 -3.60
N SER A 28 9.26 3.04 -2.37
CA SER A 28 10.47 2.29 -2.10
C SER A 28 10.41 1.67 -0.71
N VAL A 29 10.53 0.34 -0.68
CA VAL A 29 10.49 -0.39 0.57
C VAL A 29 11.69 -1.32 0.67
N CYS A 30 12.08 -1.62 1.89
CA CYS A 30 13.22 -2.50 2.13
C CYS A 30 12.71 -3.76 2.84
N LYS A 31 12.51 -3.63 4.14
CA LYS A 31 12.02 -4.74 4.94
C LYS A 31 11.35 -4.19 6.20
N GLY A 32 10.31 -4.89 6.62
CA GLY A 32 9.56 -4.50 7.81
C GLY A 32 9.18 -3.02 7.74
N ASP A 33 8.34 -2.70 6.76
CA ASP A 33 7.89 -1.33 6.59
C ASP A 33 6.42 -1.33 6.15
N ILE A 34 5.55 -1.27 7.14
CA ILE A 34 4.12 -1.26 6.88
C ILE A 34 3.78 -0.10 5.94
N ILE A 35 3.07 -0.44 4.87
CA ILE A 35 2.67 0.57 3.89
C ILE A 35 1.15 0.72 3.91
N TYR A 36 0.71 1.94 3.62
CA TYR A 36 -0.71 2.24 3.60
C TYR A 36 -1.22 2.39 2.17
N VAL A 37 -2.05 1.43 1.76
CA VAL A 37 -2.60 1.45 0.42
C VAL A 37 -3.85 2.34 0.41
N THR A 38 -3.79 3.37 -0.43
CA THR A 38 -4.89 4.30 -0.55
C THR A 38 -5.63 4.08 -1.87
N ARG A 39 -4.85 3.91 -2.93
CA ARG A 39 -5.42 3.70 -4.25
C ARG A 39 -6.05 2.31 -4.33
N VAL A 40 -5.19 1.30 -4.39
CA VAL A 40 -5.64 -0.07 -4.46
C VAL A 40 -6.13 -0.36 -5.89
N GLU A 41 -5.18 -0.56 -6.79
CA GLU A 41 -5.50 -0.84 -8.18
C GLU A 41 -5.32 -2.33 -8.47
N GLU A 42 -6.09 -2.81 -9.43
CA GLU A 42 -6.03 -4.21 -9.82
C GLU A 42 -5.20 -4.37 -11.09
N GLY A 43 -4.78 -3.23 -11.63
CA GLY A 43 -3.98 -3.24 -12.85
C GLY A 43 -2.70 -4.05 -12.65
N GLY A 44 -2.05 -3.82 -11.53
CA GLY A 44 -0.81 -4.52 -11.22
C GLY A 44 0.00 -3.77 -10.17
N TRP A 45 -0.13 -2.45 -10.19
CA TRP A 45 0.59 -1.61 -9.25
C TRP A 45 -0.39 -1.21 -8.14
N TRP A 46 0.18 -0.86 -7.00
CA TRP A 46 -0.62 -0.45 -5.85
C TRP A 46 -0.01 0.82 -5.28
N GLU A 47 -0.86 1.85 -5.17
CA GLU A 47 -0.42 3.13 -4.64
C GLU A 47 -0.77 3.23 -3.16
N GLY A 48 0.26 3.44 -2.35
CA GLY A 48 0.07 3.56 -0.92
C GLY A 48 1.02 4.61 -0.32
N THR A 49 1.27 4.47 0.97
CA THR A 49 2.15 5.39 1.67
C THR A 49 2.98 4.64 2.71
N LEU A 50 4.28 4.92 2.70
CA LEU A 50 5.19 4.28 3.64
C LEU A 50 5.68 5.32 4.65
N ASN A 51 6.30 4.82 5.70
CA ASN A 51 6.81 5.69 6.75
C ASN A 51 7.58 6.86 6.12
N GLY A 52 6.86 7.94 5.90
CA GLY A 52 7.46 9.12 5.29
C GLY A 52 7.81 8.88 3.83
N ARG A 53 7.08 7.95 3.22
CA ARG A 53 7.31 7.61 1.83
C ARG A 53 5.98 7.51 1.09
N THR A 54 6.07 7.47 -0.24
CA THR A 54 4.88 7.37 -1.07
C THR A 54 5.26 6.87 -2.46
N GLY A 55 4.23 6.55 -3.24
CA GLY A 55 4.44 6.06 -4.60
C GLY A 55 3.68 4.75 -4.82
N TRP A 56 3.92 4.16 -5.98
CA TRP A 56 3.27 2.91 -6.34
C TRP A 56 4.24 1.77 -6.04
N PHE A 57 3.68 0.59 -5.87
CA PHE A 57 4.49 -0.60 -5.58
C PHE A 57 3.68 -1.87 -5.79
N PRO A 58 4.42 -3.00 -5.94
CA PRO A 58 3.78 -4.30 -6.14
C PRO A 58 3.20 -4.83 -4.83
N SER A 59 1.87 -4.96 -4.82
CA SER A 59 1.18 -5.46 -3.66
C SER A 59 1.36 -6.97 -3.52
N ASN A 60 1.28 -7.64 -4.66
CA ASN A 60 1.44 -9.09 -4.69
C ASN A 60 2.74 -9.46 -3.96
N TYR A 61 3.75 -8.62 -4.15
CA TYR A 61 5.04 -8.84 -3.53
C TYR A 61 4.95 -8.70 -2.01
N VAL A 62 4.60 -7.50 -1.58
CA VAL A 62 4.48 -7.22 -0.17
C VAL A 62 3.35 -8.07 0.43
N ARG A 63 3.43 -8.26 1.74
CA ARG A 63 2.43 -9.06 2.42
C ARG A 63 1.33 -8.15 2.98
N GLU A 64 0.18 -8.75 3.26
CA GLU A 64 -0.95 -8.02 3.79
C GLU A 64 -1.15 -8.36 5.27
N ILE A 65 -1.43 -7.32 6.05
CA ILE A 65 -1.65 -7.50 7.47
C ILE A 65 -3.15 -7.46 7.76
N LYS A 66 -3.79 -6.40 7.31
CA LYS A 66 -5.22 -6.23 7.52
C LYS A 66 -5.94 -7.51 7.10
N SER A 67 -6.68 -8.07 8.04
CA SER A 67 -7.43 -9.29 7.78
C SER A 67 -8.85 -8.95 7.32
N SER A 68 -9.21 -7.69 7.50
CA SER A 68 -10.53 -7.23 7.10
C SER A 68 -10.48 -6.66 5.68
N GLU A 69 -9.26 -6.52 5.18
CA GLU A 69 -9.06 -5.99 3.84
C GLU A 69 -8.84 -7.14 2.85
N ARG A 70 -8.20 -8.19 3.34
CA ARG A 70 -7.92 -9.35 2.50
C ARG A 70 -9.23 -9.91 1.92
N SER A 71 -10.13 -10.26 2.82
CA SER A 71 -11.42 -10.80 2.41
C SER A 71 -12.40 -9.67 2.11
N GLY A 72 -11.86 -8.47 2.07
CA GLY A 72 -12.68 -7.29 1.80
C GLY A 72 -11.90 -6.25 0.99
N PRO A 73 -11.92 -6.42 -0.35
CA PRO A 73 -11.22 -5.51 -1.24
C PRO A 73 -11.96 -4.17 -1.35
N SER A 74 -12.14 -3.53 -0.22
CA SER A 74 -12.84 -2.26 -0.18
C SER A 74 -14.34 -2.47 -0.37
N SER A 75 -14.70 -2.87 -1.59
CA SER A 75 -16.08 -3.11 -1.92
C SER A 75 -16.18 -4.04 -3.13
N GLY A 76 -15.54 -3.62 -4.22
CA GLY A 76 -15.54 -4.40 -5.44
C GLY A 76 -15.26 -3.51 -6.66
N GLY A 1 -13.44 25.28 5.94
CA GLY A 1 -12.94 24.12 5.22
C GLY A 1 -11.66 23.57 5.86
N SER A 2 -11.63 22.27 6.03
CA SER A 2 -10.49 21.61 6.63
C SER A 2 -10.67 20.10 6.60
N SER A 3 -10.06 19.48 5.59
CA SER A 3 -10.15 18.04 5.44
C SER A 3 -8.84 17.49 4.86
N GLY A 4 -8.72 16.17 4.90
CA GLY A 4 -7.52 15.52 4.39
C GLY A 4 -7.83 14.08 3.97
N SER A 5 -8.23 13.94 2.71
CA SER A 5 -8.56 12.62 2.17
C SER A 5 -9.70 12.00 2.98
N SER A 6 -10.92 12.37 2.58
CA SER A 6 -12.10 11.85 3.25
C SER A 6 -12.49 10.49 2.64
N GLY A 7 -13.07 9.65 3.48
CA GLY A 7 -13.51 8.34 3.04
C GLY A 7 -12.31 7.45 2.71
N SER A 8 -12.56 6.48 1.84
CA SER A 8 -11.50 5.55 1.43
C SER A 8 -11.04 4.73 2.63
N HIS A 9 -10.47 3.57 2.32
CA HIS A 9 -9.99 2.67 3.36
C HIS A 9 -8.53 2.32 3.08
N GLN A 10 -7.68 2.65 4.04
CA GLN A 10 -6.26 2.37 3.92
C GLN A 10 -5.98 0.89 4.18
N LEU A 11 -4.97 0.38 3.51
CA LEU A 11 -4.59 -1.01 3.66
C LEU A 11 -3.18 -1.10 4.24
N ILE A 12 -3.06 -1.84 5.34
CA ILE A 12 -1.77 -2.02 5.99
C ILE A 12 -1.11 -3.29 5.48
N VAL A 13 -0.03 -3.10 4.72
CA VAL A 13 0.70 -4.22 4.16
C VAL A 13 2.19 -4.05 4.45
N LYS A 14 2.86 -5.17 4.66
CA LYS A 14 4.28 -5.16 4.95
C LYS A 14 5.05 -5.64 3.72
N ALA A 15 6.21 -5.04 3.51
CA ALA A 15 7.04 -5.40 2.38
C ALA A 15 7.46 -6.88 2.50
N ARG A 16 8.14 -7.35 1.47
CA ARG A 16 8.60 -8.73 1.45
C ARG A 16 10.11 -8.79 1.57
N PHE A 17 10.78 -8.05 0.69
CA PHE A 17 12.24 -8.01 0.69
C PHE A 17 12.75 -6.64 0.24
N ASN A 18 14.06 -6.47 0.36
CA ASN A 18 14.69 -5.22 -0.03
C ASN A 18 14.28 -4.88 -1.47
N PHE A 19 13.31 -3.98 -1.57
CA PHE A 19 12.82 -3.56 -2.88
C PHE A 19 13.27 -2.13 -3.19
N LYS A 20 14.04 -2.01 -4.25
CA LYS A 20 14.53 -0.71 -4.67
C LYS A 20 13.49 -0.02 -5.56
N GLN A 21 13.32 1.27 -5.33
CA GLN A 21 12.36 2.05 -6.09
C GLN A 21 12.94 2.43 -7.45
N THR A 22 12.06 2.47 -8.44
CA THR A 22 12.48 2.81 -9.78
C THR A 22 12.61 4.33 -9.93
N ASN A 23 11.89 5.04 -9.08
CA ASN A 23 11.92 6.49 -9.10
C ASN A 23 11.48 7.02 -7.73
N GLU A 24 11.41 8.34 -7.64
CA GLU A 24 11.00 8.99 -6.40
C GLU A 24 9.48 8.95 -6.25
N ASP A 25 8.82 8.69 -7.37
CA ASP A 25 7.36 8.63 -7.37
C ASP A 25 6.93 7.19 -7.08
N GLU A 26 7.90 6.38 -6.68
CA GLU A 26 7.63 4.99 -6.37
C GLU A 26 7.89 4.72 -4.89
N LEU A 27 7.19 3.73 -4.36
CA LEU A 27 7.33 3.36 -2.96
C LEU A 27 8.62 2.55 -2.78
N SER A 28 9.49 3.08 -1.92
CA SER A 28 10.75 2.41 -1.65
C SER A 28 10.69 1.70 -0.31
N VAL A 29 10.59 0.38 -0.38
CA VAL A 29 10.52 -0.44 0.82
C VAL A 29 11.74 -1.38 0.87
N CYS A 30 12.23 -1.57 2.08
CA CYS A 30 13.39 -2.43 2.28
C CYS A 30 12.91 -3.73 2.95
N LYS A 31 12.67 -3.62 4.26
CA LYS A 31 12.22 -4.76 5.02
C LYS A 31 11.52 -4.27 6.30
N GLY A 32 10.41 -4.93 6.61
CA GLY A 32 9.64 -4.56 7.79
C GLY A 32 9.25 -3.09 7.76
N ASP A 33 8.45 -2.75 6.75
CA ASP A 33 7.99 -1.38 6.59
C ASP A 33 6.53 -1.39 6.13
N ILE A 34 5.63 -1.33 7.10
CA ILE A 34 4.20 -1.33 6.81
C ILE A 34 3.89 -0.17 5.87
N ILE A 35 3.07 -0.45 4.87
CA ILE A 35 2.69 0.56 3.90
C ILE A 35 1.16 0.70 3.90
N TYR A 36 0.72 1.93 3.71
CA TYR A 36 -0.71 2.21 3.69
C TYR A 36 -1.22 2.36 2.25
N VAL A 37 -2.03 1.39 1.84
CA VAL A 37 -2.58 1.41 0.51
C VAL A 37 -3.85 2.28 0.49
N THR A 38 -3.77 3.35 -0.29
CA THR A 38 -4.89 4.27 -0.40
C THR A 38 -5.57 4.11 -1.77
N ARG A 39 -4.76 4.02 -2.80
CA ARG A 39 -5.26 3.87 -4.15
C ARG A 39 -5.97 2.52 -4.30
N VAL A 40 -5.18 1.46 -4.27
CA VAL A 40 -5.71 0.12 -4.40
C VAL A 40 -6.24 -0.09 -5.83
N GLU A 41 -5.32 -0.32 -6.75
CA GLU A 41 -5.68 -0.53 -8.13
C GLU A 41 -5.50 -2.00 -8.51
N GLU A 42 -6.29 -2.43 -9.49
CA GLU A 42 -6.22 -3.80 -9.95
C GLU A 42 -5.42 -3.89 -11.25
N GLY A 43 -5.05 -2.72 -11.76
CA GLY A 43 -4.28 -2.66 -12.99
C GLY A 43 -3.05 -3.55 -12.92
N GLY A 44 -2.32 -3.42 -11.83
CA GLY A 44 -1.11 -4.20 -11.63
C GLY A 44 -0.24 -3.62 -10.51
N TRP A 45 -0.32 -2.30 -10.39
CA TRP A 45 0.44 -1.60 -9.37
C TRP A 45 -0.49 -1.29 -8.20
N TRP A 46 0.11 -0.88 -7.09
CA TRP A 46 -0.66 -0.55 -5.91
C TRP A 46 -0.01 0.68 -5.25
N GLU A 47 -0.81 1.73 -5.13
CA GLU A 47 -0.34 2.96 -4.53
C GLU A 47 -0.67 3.00 -3.04
N GLY A 48 0.29 3.44 -2.25
CA GLY A 48 0.11 3.53 -0.81
C GLY A 48 0.98 4.64 -0.21
N THR A 49 1.22 4.53 1.08
CA THR A 49 2.03 5.51 1.78
C THR A 49 2.89 4.83 2.86
N LEU A 50 4.19 5.10 2.79
CA LEU A 50 5.12 4.53 3.74
C LEU A 50 5.58 5.61 4.72
N ASN A 51 6.22 5.16 5.79
CA ASN A 51 6.72 6.09 6.80
C ASN A 51 7.43 7.26 6.11
N GLY A 52 6.67 8.30 5.84
CA GLY A 52 7.21 9.48 5.19
C GLY A 52 7.64 9.17 3.76
N ARG A 53 6.92 8.24 3.16
CA ARG A 53 7.21 7.83 1.78
C ARG A 53 5.91 7.66 0.99
N THR A 54 6.06 7.59 -0.32
CA THR A 54 4.91 7.43 -1.20
C THR A 54 5.35 6.89 -2.56
N GLY A 55 4.38 6.42 -3.32
CA GLY A 55 4.65 5.88 -4.64
C GLY A 55 3.80 4.64 -4.91
N TRP A 56 4.02 4.06 -6.07
CA TRP A 56 3.29 2.87 -6.47
C TRP A 56 4.22 1.66 -6.34
N PHE A 57 3.72 0.63 -5.68
CA PHE A 57 4.50 -0.58 -5.49
C PHE A 57 3.65 -1.83 -5.73
N PRO A 58 4.34 -2.97 -5.97
CA PRO A 58 3.66 -4.23 -6.22
C PRO A 58 3.10 -4.81 -4.92
N SER A 59 1.81 -5.07 -4.94
CA SER A 59 1.14 -5.64 -3.77
C SER A 59 1.36 -7.14 -3.73
N ASN A 60 1.62 -7.71 -4.90
CA ASN A 60 1.84 -9.15 -5.01
C ASN A 60 3.11 -9.52 -4.23
N TYR A 61 4.07 -8.62 -4.26
CA TYR A 61 5.32 -8.84 -3.56
C TYR A 61 5.14 -8.71 -2.05
N VAL A 62 4.71 -7.53 -1.64
CA VAL A 62 4.49 -7.26 -0.23
C VAL A 62 3.35 -8.15 0.28
N ARG A 63 3.22 -8.18 1.60
CA ARG A 63 2.18 -8.98 2.23
C ARG A 63 1.22 -8.09 3.01
N GLU A 64 -0.03 -8.53 3.05
CA GLU A 64 -1.07 -7.78 3.76
C GLU A 64 -1.14 -8.23 5.22
N ILE A 65 -1.48 -7.28 6.07
CA ILE A 65 -1.59 -7.55 7.50
C ILE A 65 -3.07 -7.57 7.89
N LYS A 66 -3.74 -6.48 7.58
CA LYS A 66 -5.16 -6.35 7.90
C LYS A 66 -5.92 -7.55 7.33
N SER A 67 -6.43 -8.38 8.22
CA SER A 67 -7.16 -9.56 7.82
C SER A 67 -8.59 -9.16 7.40
N SER A 68 -9.00 -7.99 7.86
CA SER A 68 -10.33 -7.49 7.55
C SER A 68 -10.30 -6.80 6.18
N GLU A 69 -9.11 -6.61 5.66
CA GLU A 69 -8.93 -5.97 4.37
C GLU A 69 -8.93 -7.01 3.25
N ARG A 70 -8.52 -8.22 3.61
CA ARG A 70 -8.48 -9.31 2.65
C ARG A 70 -9.88 -9.77 2.28
N SER A 71 -10.75 -9.80 3.29
CA SER A 71 -12.12 -10.22 3.09
C SER A 71 -13.03 -8.99 3.00
N GLY A 72 -12.39 -7.82 2.92
CA GLY A 72 -13.12 -6.58 2.83
C GLY A 72 -12.38 -5.56 1.95
N PRO A 73 -12.47 -5.78 0.61
CA PRO A 73 -11.82 -4.90 -0.34
C PRO A 73 -12.56 -3.56 -0.45
N SER A 74 -12.59 -2.84 0.66
CA SER A 74 -13.26 -1.55 0.69
C SER A 74 -14.74 -1.72 0.31
N SER A 75 -15.59 -1.62 1.33
CA SER A 75 -17.01 -1.75 1.12
C SER A 75 -17.71 -0.41 1.33
N GLY A 76 -18.38 0.05 0.29
CA GLY A 76 -19.09 1.32 0.34
C GLY A 76 -18.12 2.47 0.60
N GLY A 1 -13.07 22.41 5.48
CA GLY A 1 -12.23 21.41 6.12
C GLY A 1 -12.67 20.00 5.72
N SER A 2 -11.70 19.22 5.28
CA SER A 2 -11.96 17.85 4.86
C SER A 2 -12.84 17.85 3.61
N SER A 3 -12.24 17.47 2.49
CA SER A 3 -12.95 17.42 1.23
C SER A 3 -12.06 16.78 0.16
N GLY A 4 -12.35 15.52 -0.13
CA GLY A 4 -11.60 14.78 -1.13
C GLY A 4 -10.52 13.93 -0.48
N SER A 5 -9.40 14.56 -0.18
CA SER A 5 -8.28 13.86 0.46
C SER A 5 -8.80 12.94 1.56
N SER A 6 -9.49 13.54 2.51
CA SER A 6 -10.04 12.79 3.62
C SER A 6 -11.17 11.87 3.13
N GLY A 7 -11.04 10.60 3.49
CA GLY A 7 -12.04 9.62 3.09
C GLY A 7 -11.42 8.54 2.19
N SER A 8 -10.53 7.75 2.78
CA SER A 8 -9.86 6.70 2.04
C SER A 8 -9.41 5.60 3.00
N HIS A 9 -9.85 4.38 2.71
CA HIS A 9 -9.50 3.24 3.54
C HIS A 9 -8.06 2.80 3.23
N GLN A 10 -7.20 2.95 4.23
CA GLN A 10 -5.81 2.57 4.07
C GLN A 10 -5.63 1.07 4.30
N LEU A 11 -4.69 0.49 3.56
CA LEU A 11 -4.42 -0.92 3.67
C LEU A 11 -3.03 -1.13 4.26
N ILE A 12 -2.99 -1.81 5.39
CA ILE A 12 -1.74 -2.08 6.08
C ILE A 12 -1.16 -3.40 5.56
N VAL A 13 -0.04 -3.28 4.85
CA VAL A 13 0.62 -4.45 4.29
C VAL A 13 2.12 -4.34 4.53
N LYS A 14 2.68 -5.40 5.09
CA LYS A 14 4.11 -5.42 5.37
C LYS A 14 4.87 -5.81 4.10
N ALA A 15 5.97 -5.12 3.87
CA ALA A 15 6.79 -5.38 2.70
C ALA A 15 7.21 -6.86 2.70
N ARG A 16 8.09 -7.19 1.76
CA ARG A 16 8.58 -8.55 1.65
C ARG A 16 10.11 -8.56 1.56
N PHE A 17 10.63 -7.72 0.67
CA PHE A 17 12.06 -7.62 0.48
C PHE A 17 12.47 -6.20 0.11
N ASN A 18 13.74 -6.05 -0.22
CA ASN A 18 14.27 -4.75 -0.59
C ASN A 18 13.77 -4.37 -1.98
N PHE A 19 12.90 -3.38 -2.02
CA PHE A 19 12.32 -2.92 -3.27
C PHE A 19 13.08 -1.69 -3.80
N LYS A 20 13.13 -1.58 -5.11
CA LYS A 20 13.81 -0.48 -5.75
C LYS A 20 12.83 0.27 -6.65
N GLN A 21 12.60 1.54 -6.32
CA GLN A 21 11.69 2.37 -7.09
C GLN A 21 12.30 2.71 -8.44
N THR A 22 11.46 2.67 -9.48
CA THR A 22 11.91 2.97 -10.82
C THR A 22 12.11 4.48 -10.99
N ASN A 23 11.63 5.22 -10.00
CA ASN A 23 11.75 6.67 -10.02
C ASN A 23 11.21 7.24 -8.71
N GLU A 24 11.57 8.49 -8.46
CA GLU A 24 11.13 9.17 -7.25
C GLU A 24 9.60 9.28 -7.22
N ASP A 25 9.01 9.02 -8.37
CA ASP A 25 7.56 9.09 -8.50
C ASP A 25 6.94 7.85 -7.82
N GLU A 26 7.62 6.73 -8.00
CA GLU A 26 7.14 5.48 -7.42
C GLU A 26 7.49 5.42 -5.93
N LEU A 27 7.13 4.31 -5.32
CA LEU A 27 7.40 4.11 -3.90
C LEU A 27 8.63 3.23 -3.74
N SER A 28 9.17 3.23 -2.52
CA SER A 28 10.34 2.45 -2.22
C SER A 28 10.21 1.79 -0.84
N VAL A 29 10.67 0.56 -0.75
CA VAL A 29 10.60 -0.18 0.50
C VAL A 29 11.84 -1.06 0.64
N CYS A 30 12.19 -1.35 1.88
CA CYS A 30 13.35 -2.18 2.16
C CYS A 30 12.86 -3.49 2.78
N LYS A 31 12.55 -3.43 4.06
CA LYS A 31 12.08 -4.59 4.78
C LYS A 31 11.29 -4.14 6.01
N GLY A 32 10.33 -4.98 6.40
CA GLY A 32 9.51 -4.67 7.56
C GLY A 32 9.08 -3.20 7.57
N ASP A 33 8.43 -2.80 6.50
CA ASP A 33 7.96 -1.43 6.37
C ASP A 33 6.52 -1.42 5.87
N ILE A 34 5.60 -1.53 6.80
CA ILE A 34 4.18 -1.54 6.47
C ILE A 34 3.85 -0.32 5.61
N ILE A 35 3.17 -0.58 4.50
CA ILE A 35 2.79 0.48 3.59
C ILE A 35 1.27 0.62 3.58
N TYR A 36 0.82 1.86 3.60
CA TYR A 36 -0.61 2.13 3.59
C TYR A 36 -1.12 2.32 2.16
N VAL A 37 -1.92 1.35 1.73
CA VAL A 37 -2.48 1.39 0.39
C VAL A 37 -3.73 2.27 0.39
N THR A 38 -3.68 3.32 -0.42
CA THR A 38 -4.79 4.24 -0.52
C THR A 38 -5.54 4.04 -1.85
N ARG A 39 -4.77 3.91 -2.91
CA ARG A 39 -5.33 3.71 -4.23
C ARG A 39 -5.96 2.32 -4.33
N VAL A 40 -5.10 1.31 -4.39
CA VAL A 40 -5.57 -0.06 -4.49
C VAL A 40 -6.06 -0.33 -5.92
N GLU A 41 -5.10 -0.55 -6.80
CA GLU A 41 -5.41 -0.83 -8.19
C GLU A 41 -5.24 -2.31 -8.49
N GLU A 42 -6.01 -2.79 -9.45
CA GLU A 42 -5.96 -4.18 -9.85
C GLU A 42 -5.12 -4.35 -11.12
N GLY A 43 -4.68 -3.22 -11.65
CA GLY A 43 -3.86 -3.22 -12.85
C GLY A 43 -2.60 -4.05 -12.67
N GLY A 44 -1.94 -3.82 -11.53
CA GLY A 44 -0.72 -4.54 -11.22
C GLY A 44 0.09 -3.80 -10.16
N TRP A 45 -0.03 -2.48 -10.17
CA TRP A 45 0.69 -1.65 -9.23
C TRP A 45 -0.30 -1.25 -8.12
N TRP A 46 0.27 -0.87 -6.98
CA TRP A 46 -0.54 -0.47 -5.85
C TRP A 46 0.05 0.83 -5.28
N GLU A 47 -0.80 1.84 -5.17
CA GLU A 47 -0.36 3.12 -4.65
C GLU A 47 -0.75 3.25 -3.18
N GLY A 48 0.27 3.45 -2.35
CA GLY A 48 0.06 3.58 -0.92
C GLY A 48 0.99 4.65 -0.33
N THR A 49 1.24 4.52 0.96
CA THR A 49 2.10 5.46 1.65
C THR A 49 3.00 4.73 2.64
N LEU A 50 4.29 5.07 2.60
CA LEU A 50 5.26 4.45 3.49
C LEU A 50 5.74 5.48 4.50
N ASN A 51 6.42 4.98 5.53
CA ASN A 51 6.93 5.85 6.57
C ASN A 51 7.63 7.06 5.94
N GLY A 52 6.85 8.12 5.76
CA GLY A 52 7.37 9.34 5.17
C GLY A 52 7.72 9.12 3.69
N ARG A 53 6.99 8.21 3.08
CA ARG A 53 7.22 7.90 1.67
C ARG A 53 5.88 7.80 0.93
N THR A 54 5.98 7.76 -0.39
CA THR A 54 4.79 7.65 -1.23
C THR A 54 5.15 7.13 -2.61
N GLY A 55 4.12 6.81 -3.38
CA GLY A 55 4.32 6.31 -4.73
C GLY A 55 3.55 5.00 -4.94
N TRP A 56 3.99 4.25 -5.94
CA TRP A 56 3.35 2.98 -6.26
C TRP A 56 4.34 1.87 -5.93
N PHE A 57 3.79 0.71 -5.59
CA PHE A 57 4.61 -0.44 -5.25
C PHE A 57 3.83 -1.75 -5.44
N PRO A 58 4.60 -2.87 -5.50
CA PRO A 58 3.98 -4.18 -5.68
C PRO A 58 3.33 -4.66 -4.38
N SER A 59 2.02 -4.88 -4.46
CA SER A 59 1.27 -5.34 -3.31
C SER A 59 1.24 -6.87 -3.28
N ASN A 60 1.64 -7.46 -4.39
CA ASN A 60 1.67 -8.91 -4.50
C ASN A 60 2.87 -9.46 -3.75
N TYR A 61 4.03 -8.89 -4.04
CA TYR A 61 5.26 -9.32 -3.40
C TYR A 61 5.16 -9.18 -1.88
N VAL A 62 4.61 -8.05 -1.45
CA VAL A 62 4.44 -7.79 -0.04
C VAL A 62 3.25 -8.60 0.50
N ARG A 63 3.14 -8.62 1.81
CA ARG A 63 2.05 -9.35 2.45
C ARG A 63 1.10 -8.38 3.15
N GLU A 64 -0.17 -8.74 3.14
CA GLU A 64 -1.19 -7.91 3.76
C GLU A 64 -1.39 -8.32 5.23
N ILE A 65 -1.75 -7.34 6.04
CA ILE A 65 -1.98 -7.58 7.45
C ILE A 65 -3.48 -7.53 7.75
N LYS A 66 -4.05 -6.35 7.51
CA LYS A 66 -5.47 -6.15 7.75
C LYS A 66 -6.24 -7.35 7.21
N SER A 67 -7.00 -7.97 8.11
CA SER A 67 -7.80 -9.13 7.74
C SER A 67 -9.14 -8.69 7.16
N SER A 68 -9.51 -7.47 7.51
CA SER A 68 -10.77 -6.91 7.04
C SER A 68 -10.59 -6.34 5.63
N GLU A 69 -9.34 -6.29 5.20
CA GLU A 69 -9.02 -5.78 3.87
C GLU A 69 -8.82 -6.94 2.89
N ARG A 70 -8.40 -8.07 3.44
CA ARG A 70 -8.16 -9.25 2.63
C ARG A 70 -9.47 -9.73 1.99
N SER A 71 -10.49 -9.86 2.83
CA SER A 71 -11.80 -10.31 2.35
C SER A 71 -12.66 -9.09 1.99
N GLY A 72 -12.03 -7.93 2.01
CA GLY A 72 -12.73 -6.69 1.69
C GLY A 72 -11.79 -5.69 1.01
N PRO A 73 -11.73 -5.79 -0.34
CA PRO A 73 -10.89 -4.91 -1.12
C PRO A 73 -11.49 -3.50 -1.21
N SER A 74 -12.80 -3.47 -1.41
CA SER A 74 -13.51 -2.21 -1.51
C SER A 74 -14.91 -2.34 -0.91
N SER A 75 -15.37 -1.24 -0.31
CA SER A 75 -16.68 -1.23 0.31
C SER A 75 -16.74 -2.25 1.45
N GLY A 76 -17.04 -3.49 1.09
CA GLY A 76 -17.13 -4.55 2.07
C GLY A 76 -18.34 -5.45 1.80
N GLY A 1 -9.45 7.07 20.30
CA GLY A 1 -8.77 8.00 19.41
C GLY A 1 -9.10 7.71 17.95
N SER A 2 -9.03 8.75 17.14
CA SER A 2 -9.32 8.63 15.72
C SER A 2 -8.94 9.91 14.99
N SER A 3 -7.90 9.82 14.18
CA SER A 3 -7.43 10.97 13.42
C SER A 3 -8.36 11.23 12.24
N GLY A 4 -9.08 12.35 12.33
CA GLY A 4 -10.01 12.73 11.28
C GLY A 4 -11.10 11.67 11.11
N SER A 5 -11.88 11.84 10.04
CA SER A 5 -12.96 10.91 9.76
C SER A 5 -13.07 10.69 8.24
N SER A 6 -13.09 9.43 7.87
CA SER A 6 -13.19 9.07 6.46
C SER A 6 -12.16 9.86 5.64
N GLY A 7 -10.99 9.27 5.50
CA GLY A 7 -9.92 9.90 4.74
C GLY A 7 -9.26 8.91 3.78
N SER A 8 -9.97 8.64 2.70
CA SER A 8 -9.46 7.71 1.69
C SER A 8 -9.22 6.34 2.32
N HIS A 9 -9.12 5.34 1.47
CA HIS A 9 -8.90 3.98 1.91
C HIS A 9 -7.54 3.89 2.62
N GLN A 10 -7.31 2.75 3.26
CA GLN A 10 -6.06 2.53 3.97
C GLN A 10 -5.85 1.04 4.22
N LEU A 11 -4.86 0.50 3.53
CA LEU A 11 -4.54 -0.92 3.67
C LEU A 11 -3.12 -1.06 4.23
N ILE A 12 -3.04 -1.77 5.35
CA ILE A 12 -1.76 -1.99 5.99
C ILE A 12 -1.13 -3.28 5.44
N VAL A 13 -0.06 -3.10 4.68
CA VAL A 13 0.64 -4.22 4.09
C VAL A 13 2.14 -4.06 4.30
N LYS A 14 2.78 -5.14 4.75
CA LYS A 14 4.21 -5.12 5.01
C LYS A 14 4.93 -5.65 3.77
N ALA A 15 6.10 -5.06 3.52
CA ALA A 15 6.90 -5.45 2.37
C ALA A 15 7.27 -6.93 2.50
N ARG A 16 8.05 -7.40 1.54
CA ARG A 16 8.47 -8.79 1.53
C ARG A 16 10.00 -8.87 1.53
N PHE A 17 10.60 -8.18 0.56
CA PHE A 17 12.04 -8.17 0.44
C PHE A 17 12.54 -6.83 -0.10
N ASN A 18 13.85 -6.63 0.00
CA ASN A 18 14.45 -5.40 -0.47
C ASN A 18 13.92 -5.08 -1.87
N PHE A 19 13.01 -4.11 -1.92
CA PHE A 19 12.43 -3.70 -3.19
C PHE A 19 12.88 -2.30 -3.57
N LYS A 20 13.71 -2.24 -4.61
CA LYS A 20 14.22 -0.97 -5.09
C LYS A 20 13.20 -0.34 -6.04
N GLN A 21 13.03 0.97 -5.90
CA GLN A 21 12.09 1.70 -6.74
C GLN A 21 12.69 1.91 -8.14
N THR A 22 11.80 1.90 -9.12
CA THR A 22 12.22 2.08 -10.50
C THR A 22 12.48 3.56 -10.79
N ASN A 23 12.04 4.40 -9.86
CA ASN A 23 12.21 5.83 -10.00
C ASN A 23 11.72 6.53 -8.72
N GLU A 24 12.02 7.81 -8.63
CA GLU A 24 11.62 8.60 -7.48
C GLU A 24 10.12 8.84 -7.49
N ASP A 25 9.49 8.39 -8.56
CA ASP A 25 8.05 8.54 -8.71
C ASP A 25 7.34 7.43 -7.93
N GLU A 26 7.90 6.23 -8.04
CA GLU A 26 7.32 5.09 -7.35
C GLU A 26 7.71 5.11 -5.87
N LEU A 27 7.23 4.10 -5.16
CA LEU A 27 7.52 3.99 -3.73
C LEU A 27 8.82 3.20 -3.54
N SER A 28 9.32 3.24 -2.32
CA SER A 28 10.55 2.54 -1.99
C SER A 28 10.40 1.81 -0.65
N VAL A 29 10.60 0.50 -0.70
CA VAL A 29 10.49 -0.31 0.50
C VAL A 29 11.67 -1.28 0.56
N CYS A 30 11.96 -1.73 1.78
CA CYS A 30 13.06 -2.66 1.99
C CYS A 30 12.52 -3.87 2.74
N LYS A 31 12.56 -3.76 4.06
CA LYS A 31 12.08 -4.84 4.92
C LYS A 31 11.40 -4.25 6.15
N GLY A 32 10.35 -4.93 6.59
CA GLY A 32 9.60 -4.48 7.75
C GLY A 32 9.23 -3.00 7.62
N ASP A 33 8.41 -2.71 6.63
CA ASP A 33 7.96 -1.34 6.40
C ASP A 33 6.50 -1.36 5.96
N ILE A 34 5.63 -1.24 6.94
CA ILE A 34 4.19 -1.23 6.67
C ILE A 34 3.87 -0.08 5.72
N ILE A 35 3.10 -0.40 4.69
CA ILE A 35 2.70 0.58 3.71
C ILE A 35 1.18 0.71 3.68
N TYR A 36 0.71 1.94 3.66
CA TYR A 36 -0.71 2.21 3.64
C TYR A 36 -1.23 2.39 2.21
N VAL A 37 -2.01 1.41 1.78
CA VAL A 37 -2.57 1.44 0.44
C VAL A 37 -3.81 2.35 0.42
N THR A 38 -3.73 3.39 -0.39
CA THR A 38 -4.82 4.34 -0.51
C THR A 38 -5.55 4.15 -1.84
N ARG A 39 -4.76 4.00 -2.90
CA ARG A 39 -5.31 3.80 -4.23
C ARG A 39 -5.99 2.44 -4.33
N VAL A 40 -5.15 1.40 -4.37
CA VAL A 40 -5.66 0.05 -4.47
C VAL A 40 -6.13 -0.22 -5.91
N GLU A 41 -5.17 -0.47 -6.78
CA GLU A 41 -5.47 -0.73 -8.17
C GLU A 41 -5.34 -2.23 -8.46
N GLU A 42 -6.11 -2.68 -9.44
CA GLU A 42 -6.09 -4.08 -9.82
C GLU A 42 -5.25 -4.27 -11.08
N GLY A 43 -4.79 -3.14 -11.63
CA GLY A 43 -3.98 -3.18 -12.83
C GLY A 43 -2.72 -4.04 -12.63
N GLY A 44 -2.07 -3.82 -11.50
CA GLY A 44 -0.87 -4.57 -11.17
C GLY A 44 -0.04 -3.84 -10.10
N TRP A 45 -0.14 -2.52 -10.12
CA TRP A 45 0.59 -1.71 -9.17
C TRP A 45 -0.38 -1.28 -8.08
N TRP A 46 0.19 -0.92 -6.94
CA TRP A 46 -0.62 -0.49 -5.80
C TRP A 46 0.00 0.79 -5.24
N GLU A 47 -0.83 1.81 -5.12
CA GLU A 47 -0.38 3.09 -4.59
C GLU A 47 -0.77 3.24 -3.12
N GLY A 48 0.25 3.40 -2.29
CA GLY A 48 0.04 3.55 -0.86
C GLY A 48 0.95 4.63 -0.27
N THR A 49 1.21 4.50 1.02
CA THR A 49 2.07 5.44 1.72
C THR A 49 2.96 4.72 2.73
N LEU A 50 4.23 5.07 2.71
CA LEU A 50 5.19 4.46 3.61
C LEU A 50 5.66 5.51 4.62
N ASN A 51 6.33 5.02 5.66
CA ASN A 51 6.84 5.90 6.70
C ASN A 51 7.52 7.11 6.06
N GLY A 52 6.74 8.17 5.89
CA GLY A 52 7.25 9.39 5.30
C GLY A 52 7.65 9.16 3.83
N ARG A 53 6.97 8.21 3.21
CA ARG A 53 7.24 7.88 1.82
C ARG A 53 5.93 7.76 1.04
N THR A 54 6.07 7.67 -0.27
CA THR A 54 4.91 7.55 -1.14
C THR A 54 5.32 6.98 -2.50
N GLY A 55 4.32 6.60 -3.28
CA GLY A 55 4.55 6.05 -4.60
C GLY A 55 3.73 4.78 -4.81
N TRP A 56 4.06 4.07 -5.89
CA TRP A 56 3.36 2.84 -6.21
C TRP A 56 4.28 1.67 -5.89
N PHE A 57 3.70 0.47 -5.87
CA PHE A 57 4.46 -0.72 -5.57
C PHE A 57 3.61 -1.97 -5.79
N PRO A 58 4.31 -3.13 -5.93
CA PRO A 58 3.63 -4.40 -6.14
C PRO A 58 3.00 -4.90 -4.84
N SER A 59 1.69 -5.13 -4.92
CA SER A 59 0.96 -5.61 -3.77
C SER A 59 1.12 -7.13 -3.63
N ASN A 60 1.46 -7.76 -4.74
CA ASN A 60 1.66 -9.20 -4.76
C ASN A 60 2.91 -9.54 -3.96
N TYR A 61 3.92 -8.67 -4.08
CA TYR A 61 5.17 -8.88 -3.38
C TYR A 61 4.99 -8.71 -1.86
N VAL A 62 4.61 -7.51 -1.48
CA VAL A 62 4.40 -7.21 -0.06
C VAL A 62 3.25 -8.07 0.47
N ARG A 63 3.29 -8.33 1.77
CA ARG A 63 2.27 -9.13 2.41
C ARG A 63 1.19 -8.23 3.03
N GLU A 64 0.02 -8.80 3.22
CA GLU A 64 -1.09 -8.07 3.80
C GLU A 64 -1.25 -8.42 5.28
N ILE A 65 -1.48 -7.39 6.08
CA ILE A 65 -1.65 -7.58 7.52
C ILE A 65 -3.14 -7.50 7.87
N LYS A 66 -3.81 -6.55 7.24
CA LYS A 66 -5.23 -6.35 7.47
C LYS A 66 -6.01 -7.56 6.94
N SER A 67 -6.54 -8.34 7.88
CA SER A 67 -7.29 -9.53 7.52
C SER A 67 -8.74 -9.15 7.18
N SER A 68 -9.08 -7.92 7.52
CA SER A 68 -10.43 -7.41 7.27
C SER A 68 -10.46 -6.69 5.92
N GLU A 69 -9.28 -6.48 5.36
CA GLU A 69 -9.16 -5.81 4.09
C GLU A 69 -9.24 -6.82 2.94
N ARG A 70 -8.68 -7.99 3.18
CA ARG A 70 -8.68 -9.05 2.19
C ARG A 70 -10.10 -9.57 1.97
N SER A 71 -10.82 -9.73 3.07
CA SER A 71 -12.18 -10.22 3.01
C SER A 71 -13.15 -9.04 2.94
N GLY A 72 -12.60 -7.87 2.65
CA GLY A 72 -13.40 -6.66 2.54
C GLY A 72 -12.57 -5.49 2.02
N PRO A 73 -12.73 -5.23 0.69
CA PRO A 73 -12.01 -4.15 0.04
C PRO A 73 -12.60 -2.80 0.42
N SER A 74 -12.36 -2.40 1.66
CA SER A 74 -12.86 -1.13 2.15
C SER A 74 -14.33 -1.27 2.54
N SER A 75 -14.56 -1.73 3.76
CA SER A 75 -15.91 -1.90 4.26
C SER A 75 -16.08 -1.18 5.60
N GLY A 76 -17.30 -0.76 5.86
CA GLY A 76 -17.61 -0.06 7.09
C GLY A 76 -16.83 -0.65 8.27
N GLY A 1 -20.25 24.38 8.59
CA GLY A 1 -19.22 24.98 7.76
C GLY A 1 -18.74 24.00 6.69
N SER A 2 -18.32 24.55 5.56
CA SER A 2 -17.84 23.75 4.46
C SER A 2 -16.32 23.90 4.33
N SER A 3 -15.67 22.77 4.07
CA SER A 3 -14.23 22.75 3.91
C SER A 3 -13.83 21.86 2.73
N GLY A 4 -14.22 20.60 2.83
CA GLY A 4 -13.92 19.64 1.79
C GLY A 4 -14.57 18.29 2.07
N SER A 5 -13.76 17.25 2.00
CA SER A 5 -14.24 15.90 2.24
C SER A 5 -13.06 14.95 2.42
N SER A 6 -13.29 13.90 3.21
CA SER A 6 -12.26 12.92 3.47
C SER A 6 -12.83 11.51 3.32
N GLY A 7 -12.14 10.69 2.55
CA GLY A 7 -12.56 9.32 2.31
C GLY A 7 -11.36 8.40 2.12
N SER A 8 -11.45 7.56 1.09
CA SER A 8 -10.38 6.64 0.79
C SER A 8 -10.18 5.68 1.97
N HIS A 9 -9.59 4.53 1.66
CA HIS A 9 -9.33 3.53 2.68
C HIS A 9 -7.82 3.44 2.94
N GLN A 10 -7.47 2.56 3.86
CA GLN A 10 -6.07 2.37 4.20
C GLN A 10 -5.78 0.88 4.42
N LEU A 11 -4.89 0.35 3.59
CA LEU A 11 -4.52 -1.05 3.69
C LEU A 11 -3.11 -1.15 4.30
N ILE A 12 -3.04 -1.84 5.42
CA ILE A 12 -1.77 -2.02 6.10
C ILE A 12 -1.10 -3.30 5.60
N VAL A 13 -0.04 -3.11 4.83
CA VAL A 13 0.69 -4.23 4.28
C VAL A 13 2.19 -4.04 4.54
N LYS A 14 2.85 -5.15 4.82
CA LYS A 14 4.28 -5.12 5.10
C LYS A 14 5.04 -5.67 3.89
N ALA A 15 6.18 -5.06 3.61
CA ALA A 15 7.01 -5.46 2.49
C ALA A 15 7.44 -6.92 2.70
N ARG A 16 8.19 -7.43 1.72
CA ARG A 16 8.66 -8.80 1.79
C ARG A 16 10.20 -8.82 1.89
N PHE A 17 10.82 -8.11 0.96
CA PHE A 17 12.27 -8.04 0.93
C PHE A 17 12.74 -6.69 0.39
N ASN A 18 14.06 -6.53 0.36
CA ASN A 18 14.65 -5.29 -0.13
C ASN A 18 14.12 -4.99 -1.53
N PHE A 19 13.29 -3.95 -1.60
CA PHE A 19 12.70 -3.55 -2.86
C PHE A 19 13.19 -2.16 -3.28
N LYS A 20 13.65 -2.08 -4.52
CA LYS A 20 14.15 -0.82 -5.05
C LYS A 20 13.09 -0.21 -5.97
N GLN A 21 12.95 1.11 -5.86
CA GLN A 21 11.99 1.83 -6.66
C GLN A 21 12.59 2.17 -8.03
N THR A 22 11.74 2.13 -9.05
CA THR A 22 12.18 2.44 -10.40
C THR A 22 12.46 3.93 -10.54
N ASN A 23 11.91 4.70 -9.62
CA ASN A 23 12.09 6.14 -9.62
C ASN A 23 11.47 6.74 -8.36
N GLU A 24 11.91 7.95 -8.04
CA GLU A 24 11.41 8.64 -6.86
C GLU A 24 9.88 8.77 -6.93
N ASP A 25 9.37 8.65 -8.16
CA ASP A 25 7.95 8.74 -8.38
C ASP A 25 7.24 7.57 -7.70
N GLU A 26 7.83 6.40 -7.85
CA GLU A 26 7.28 5.19 -7.26
C GLU A 26 7.67 5.10 -5.78
N LEU A 27 7.14 4.07 -5.12
CA LEU A 27 7.43 3.86 -3.72
C LEU A 27 8.67 2.98 -3.59
N SER A 28 9.24 3.00 -2.40
CA SER A 28 10.44 2.22 -2.12
C SER A 28 10.37 1.62 -0.71
N VAL A 29 10.67 0.34 -0.63
CA VAL A 29 10.65 -0.36 0.65
C VAL A 29 11.84 -1.32 0.72
N CYS A 30 12.30 -1.53 1.95
CA CYS A 30 13.43 -2.41 2.17
C CYS A 30 12.93 -3.65 2.91
N LYS A 31 12.73 -3.48 4.21
CA LYS A 31 12.25 -4.58 5.05
C LYS A 31 11.48 -4.00 6.24
N GLY A 32 10.49 -4.76 6.69
CA GLY A 32 9.67 -4.34 7.82
C GLY A 32 9.29 -2.87 7.69
N ASP A 33 8.50 -2.57 6.67
CA ASP A 33 8.06 -1.21 6.43
C ASP A 33 6.58 -1.23 6.04
N ILE A 34 5.74 -1.18 7.06
CA ILE A 34 4.29 -1.18 6.85
C ILE A 34 3.93 -0.05 5.89
N ILE A 35 3.21 -0.42 4.84
CA ILE A 35 2.79 0.55 3.84
C ILE A 35 1.26 0.67 3.88
N TYR A 36 0.79 1.88 3.61
CA TYR A 36 -0.63 2.14 3.60
C TYR A 36 -1.16 2.31 2.17
N VAL A 37 -1.95 1.33 1.75
CA VAL A 37 -2.52 1.35 0.42
C VAL A 37 -3.77 2.22 0.42
N THR A 38 -3.75 3.25 -0.41
CA THR A 38 -4.87 4.17 -0.52
C THR A 38 -5.62 3.93 -1.83
N ARG A 39 -4.86 3.77 -2.90
CA ARG A 39 -5.45 3.53 -4.21
C ARG A 39 -6.04 2.13 -4.28
N VAL A 40 -5.15 1.15 -4.37
CA VAL A 40 -5.58 -0.24 -4.45
C VAL A 40 -6.06 -0.54 -5.87
N GLU A 41 -5.10 -0.73 -6.76
CA GLU A 41 -5.42 -1.02 -8.15
C GLU A 41 -5.21 -2.52 -8.44
N GLU A 42 -5.99 -3.03 -9.38
CA GLU A 42 -5.90 -4.42 -9.75
C GLU A 42 -5.09 -4.57 -11.05
N GLY A 43 -4.65 -3.43 -11.57
CA GLY A 43 -3.88 -3.42 -12.79
C GLY A 43 -2.57 -4.21 -12.63
N GLY A 44 -1.90 -3.95 -11.51
CA GLY A 44 -0.65 -4.62 -11.23
C GLY A 44 0.15 -3.85 -10.17
N TRP A 45 0.00 -2.54 -10.19
CA TRP A 45 0.70 -1.69 -9.25
C TRP A 45 -0.29 -1.31 -8.14
N TRP A 46 0.28 -0.94 -7.00
CA TRP A 46 -0.53 -0.55 -5.85
C TRP A 46 0.05 0.75 -5.27
N GLU A 47 -0.81 1.75 -5.16
CA GLU A 47 -0.39 3.04 -4.63
C GLU A 47 -0.76 3.14 -3.15
N GLY A 48 0.28 3.38 -2.34
CA GLY A 48 0.08 3.50 -0.91
C GLY A 48 1.00 4.58 -0.32
N THR A 49 1.25 4.45 0.97
CA THR A 49 2.11 5.40 1.67
C THR A 49 2.94 4.68 2.73
N LEU A 50 4.23 5.02 2.73
CA LEU A 50 5.14 4.42 3.69
C LEU A 50 5.62 5.49 4.68
N ASN A 51 6.25 5.02 5.75
CA ASN A 51 6.75 5.92 6.77
C ASN A 51 7.49 7.08 6.11
N GLY A 52 6.76 8.16 5.86
CA GLY A 52 7.34 9.33 5.23
C GLY A 52 7.71 9.05 3.78
N ARG A 53 6.98 8.11 3.19
CA ARG A 53 7.22 7.74 1.80
C ARG A 53 5.89 7.61 1.05
N THR A 54 6.00 7.56 -0.27
CA THR A 54 4.82 7.43 -1.12
C THR A 54 5.22 6.91 -2.50
N GLY A 55 4.20 6.59 -3.28
CA GLY A 55 4.42 6.08 -4.63
C GLY A 55 3.68 4.76 -4.85
N TRP A 56 3.93 4.16 -6.00
CA TRP A 56 3.29 2.90 -6.35
C TRP A 56 4.27 1.78 -6.04
N PHE A 57 3.73 0.58 -5.83
CA PHE A 57 4.54 -0.58 -5.53
C PHE A 57 3.76 -1.87 -5.75
N PRO A 58 4.51 -2.99 -5.89
CA PRO A 58 3.90 -4.29 -6.10
C PRO A 58 3.28 -4.82 -4.80
N SER A 59 2.00 -5.14 -4.89
CA SER A 59 1.28 -5.66 -3.73
C SER A 59 1.48 -7.17 -3.63
N ASN A 60 1.94 -7.76 -4.73
CA ASN A 60 2.19 -9.19 -4.78
C ASN A 60 3.42 -9.52 -3.93
N TYR A 61 4.43 -8.67 -4.05
CA TYR A 61 5.66 -8.86 -3.31
C TYR A 61 5.41 -8.75 -1.81
N VAL A 62 4.97 -7.57 -1.40
CA VAL A 62 4.68 -7.32 0.01
C VAL A 62 3.56 -8.26 0.47
N ARG A 63 3.18 -8.08 1.73
CA ARG A 63 2.12 -8.90 2.32
C ARG A 63 1.12 -8.02 3.05
N GLU A 64 -0.14 -8.42 2.98
CA GLU A 64 -1.21 -7.68 3.64
C GLU A 64 -1.41 -8.20 5.06
N ILE A 65 -1.77 -7.28 5.95
CA ILE A 65 -2.00 -7.62 7.33
C ILE A 65 -3.51 -7.64 7.61
N LYS A 66 -4.14 -6.51 7.37
CA LYS A 66 -5.57 -6.39 7.58
C LYS A 66 -6.28 -7.59 6.97
N SER A 67 -7.21 -8.15 7.74
CA SER A 67 -7.96 -9.30 7.29
C SER A 67 -9.23 -8.86 6.58
N SER A 68 -9.71 -7.68 6.97
CA SER A 68 -10.91 -7.13 6.38
C SER A 68 -10.61 -6.58 4.99
N GLU A 69 -9.32 -6.53 4.67
CA GLU A 69 -8.89 -6.03 3.37
C GLU A 69 -8.67 -7.20 2.41
N ARG A 70 -8.64 -8.40 2.96
CA ARG A 70 -8.45 -9.59 2.17
C ARG A 70 -9.78 -10.28 1.91
N SER A 71 -10.59 -10.35 2.95
CA SER A 71 -11.89 -10.99 2.84
C SER A 71 -12.86 -10.07 2.09
N GLY A 72 -12.36 -8.89 1.73
CA GLY A 72 -13.16 -7.93 1.01
C GLY A 72 -13.20 -6.59 1.74
N PRO A 73 -12.75 -5.52 1.03
CA PRO A 73 -12.73 -4.19 1.61
C PRO A 73 -14.14 -3.60 1.66
N SER A 74 -15.03 -4.34 2.32
CA SER A 74 -16.41 -3.89 2.46
C SER A 74 -16.86 -4.04 3.91
N SER A 75 -17.43 -2.96 4.42
CA SER A 75 -17.92 -2.95 5.79
C SER A 75 -19.41 -3.30 5.82
N GLY A 76 -20.18 -2.49 5.10
CA GLY A 76 -21.62 -2.69 5.04
C GLY A 76 -22.27 -1.70 4.09
N GLY A 1 -15.33 19.49 6.88
CA GLY A 1 -14.18 18.64 7.13
C GLY A 1 -14.44 17.19 6.70
N SER A 2 -14.58 17.03 5.39
CA SER A 2 -14.83 15.71 4.83
C SER A 2 -13.90 14.68 5.47
N SER A 3 -14.51 13.78 6.25
CA SER A 3 -13.75 12.74 6.92
C SER A 3 -14.71 11.79 7.63
N GLY A 4 -14.29 10.54 7.73
CA GLY A 4 -15.09 9.52 8.38
C GLY A 4 -14.92 9.58 9.90
N SER A 5 -13.86 8.94 10.37
CA SER A 5 -13.57 8.91 11.79
C SER A 5 -12.05 8.96 12.01
N SER A 6 -11.40 7.87 11.65
CA SER A 6 -9.96 7.77 11.80
C SER A 6 -9.30 7.48 10.44
N GLY A 7 -9.92 8.00 9.40
CA GLY A 7 -9.41 7.81 8.05
C GLY A 7 -10.46 7.13 7.16
N SER A 8 -10.50 7.58 5.91
CA SER A 8 -11.44 7.03 4.95
C SER A 8 -11.11 5.55 4.70
N HIS A 9 -9.97 5.33 4.08
CA HIS A 9 -9.53 3.98 3.76
C HIS A 9 -8.01 3.89 3.88
N GLN A 10 -7.53 2.67 4.09
CA GLN A 10 -6.11 2.44 4.22
C GLN A 10 -5.82 0.95 4.41
N LEU A 11 -4.91 0.44 3.60
CA LEU A 11 -4.54 -0.96 3.67
C LEU A 11 -3.13 -1.09 4.26
N ILE A 12 -3.05 -1.77 5.39
CA ILE A 12 -1.78 -1.97 6.06
C ILE A 12 -1.14 -3.27 5.55
N VAL A 13 -0.14 -3.09 4.70
CA VAL A 13 0.56 -4.23 4.12
C VAL A 13 2.06 -4.09 4.40
N LYS A 14 2.66 -5.19 4.82
CA LYS A 14 4.09 -5.20 5.11
C LYS A 14 4.86 -5.65 3.87
N ALA A 15 5.96 -4.95 3.61
CA ALA A 15 6.79 -5.27 2.47
C ALA A 15 7.25 -6.73 2.56
N ARG A 16 7.70 -7.24 1.43
CA ARG A 16 8.17 -8.62 1.37
C ARG A 16 9.70 -8.67 1.39
N PHE A 17 10.29 -7.82 0.55
CA PHE A 17 11.74 -7.74 0.45
C PHE A 17 12.20 -6.33 0.12
N ASN A 18 13.49 -6.20 -0.16
CA ASN A 18 14.07 -4.91 -0.50
C ASN A 18 13.64 -4.53 -1.92
N PHE A 19 12.71 -3.58 -1.98
CA PHE A 19 12.21 -3.11 -3.26
C PHE A 19 12.93 -1.83 -3.69
N LYS A 20 13.25 -1.78 -4.97
CA LYS A 20 13.93 -0.62 -5.53
C LYS A 20 13.01 0.09 -6.52
N GLN A 21 12.69 1.33 -6.19
CA GLN A 21 11.82 2.13 -7.03
C GLN A 21 12.51 2.45 -8.36
N THR A 22 11.72 2.41 -9.43
CA THR A 22 12.25 2.70 -10.75
C THR A 22 12.44 4.21 -10.93
N ASN A 23 11.88 4.96 -10.01
CA ASN A 23 11.98 6.41 -10.05
C ASN A 23 11.50 6.99 -8.72
N GLU A 24 11.75 8.29 -8.56
CA GLU A 24 11.35 8.97 -7.34
C GLU A 24 9.84 9.17 -7.32
N ASP A 25 9.20 8.80 -8.42
CA ASP A 25 7.76 8.92 -8.53
C ASP A 25 7.09 7.73 -7.85
N GLU A 26 7.72 6.57 -8.01
CA GLU A 26 7.19 5.34 -7.42
C GLU A 26 7.54 5.29 -5.92
N LEU A 27 7.13 4.20 -5.30
CA LEU A 27 7.38 4.02 -3.87
C LEU A 27 8.62 3.13 -3.69
N SER A 28 9.17 3.18 -2.48
CA SER A 28 10.35 2.40 -2.17
C SER A 28 10.21 1.79 -0.78
N VAL A 29 10.66 0.54 -0.67
CA VAL A 29 10.58 -0.17 0.59
C VAL A 29 11.79 -1.11 0.71
N CYS A 30 12.12 -1.43 1.96
CA CYS A 30 13.24 -2.31 2.22
C CYS A 30 12.71 -3.61 2.83
N LYS A 31 12.56 -3.59 4.14
CA LYS A 31 12.05 -4.75 4.86
C LYS A 31 11.36 -4.29 6.14
N GLY A 32 10.29 -5.00 6.48
CA GLY A 32 9.53 -4.67 7.68
C GLY A 32 9.14 -3.19 7.70
N ASP A 33 8.33 -2.81 6.73
CA ASP A 33 7.88 -1.43 6.62
C ASP A 33 6.41 -1.42 6.18
N ILE A 34 5.53 -1.42 7.17
CA ILE A 34 4.10 -1.41 6.91
C ILE A 34 3.78 -0.23 5.98
N ILE A 35 3.10 -0.55 4.89
CA ILE A 35 2.72 0.46 3.92
C ILE A 35 1.20 0.64 3.94
N TYR A 36 0.77 1.86 3.63
CA TYR A 36 -0.65 2.16 3.61
C TYR A 36 -1.15 2.34 2.17
N VAL A 37 -1.97 1.38 1.75
CA VAL A 37 -2.53 1.42 0.40
C VAL A 37 -3.77 2.30 0.40
N THR A 38 -3.72 3.34 -0.43
CA THR A 38 -4.83 4.27 -0.54
C THR A 38 -5.57 4.06 -1.86
N ARG A 39 -4.78 3.92 -2.93
CA ARG A 39 -5.34 3.71 -4.25
C ARG A 39 -5.98 2.32 -4.34
N VAL A 40 -5.12 1.31 -4.40
CA VAL A 40 -5.59 -0.06 -4.50
C VAL A 40 -6.09 -0.33 -5.93
N GLU A 41 -5.13 -0.49 -6.83
CA GLU A 41 -5.45 -0.75 -8.22
C GLU A 41 -5.32 -2.25 -8.52
N GLU A 42 -6.14 -2.70 -9.46
CA GLU A 42 -6.12 -4.11 -9.85
C GLU A 42 -5.32 -4.28 -11.15
N GLY A 43 -4.81 -3.16 -11.64
CA GLY A 43 -4.03 -3.18 -12.86
C GLY A 43 -2.76 -4.02 -12.70
N GLY A 44 -2.09 -3.80 -11.58
CA GLY A 44 -0.87 -4.53 -11.28
C GLY A 44 -0.04 -3.78 -10.22
N TRP A 45 -0.14 -2.46 -10.25
CA TRP A 45 0.59 -1.62 -9.32
C TRP A 45 -0.38 -1.19 -8.21
N TRP A 46 0.20 -0.86 -7.07
CA TRP A 46 -0.60 -0.43 -5.93
C TRP A 46 0.02 0.86 -5.37
N GLU A 47 -0.82 1.85 -5.16
CA GLU A 47 -0.37 3.13 -4.63
C GLU A 47 -0.73 3.24 -3.15
N GLY A 48 0.29 3.43 -2.34
CA GLY A 48 0.11 3.56 -0.91
C GLY A 48 1.04 4.62 -0.32
N THR A 49 1.27 4.51 0.99
CA THR A 49 2.14 5.44 1.67
C THR A 49 3.01 4.70 2.68
N LEU A 50 4.30 5.02 2.65
CA LEU A 50 5.25 4.39 3.54
C LEU A 50 5.76 5.44 4.54
N ASN A 51 6.43 4.95 5.58
CA ASN A 51 6.96 5.82 6.60
C ASN A 51 7.67 7.00 5.95
N GLY A 52 6.92 8.08 5.76
CA GLY A 52 7.47 9.27 5.14
C GLY A 52 7.81 9.03 3.68
N ARG A 53 7.06 8.12 3.07
CA ARG A 53 7.27 7.79 1.68
C ARG A 53 5.92 7.69 0.94
N THR A 54 6.01 7.66 -0.38
CA THR A 54 4.83 7.56 -1.21
C THR A 54 5.18 7.06 -2.60
N GLY A 55 4.15 6.75 -3.37
CA GLY A 55 4.33 6.27 -4.73
C GLY A 55 3.56 4.96 -4.94
N TRP A 56 4.00 4.22 -5.95
CA TRP A 56 3.35 2.95 -6.28
C TRP A 56 4.34 1.82 -5.96
N PHE A 57 3.79 0.66 -5.65
CA PHE A 57 4.60 -0.49 -5.34
C PHE A 57 3.82 -1.80 -5.54
N PRO A 58 4.59 -2.91 -5.66
CA PRO A 58 3.98 -4.22 -5.86
C PRO A 58 3.35 -4.74 -4.56
N SER A 59 2.08 -5.10 -4.66
CA SER A 59 1.36 -5.61 -3.51
C SER A 59 1.46 -7.14 -3.45
N ASN A 60 1.09 -7.76 -4.57
CA ASN A 60 1.14 -9.21 -4.66
C ASN A 60 2.40 -9.72 -3.96
N TYR A 61 3.47 -8.93 -4.07
CA TYR A 61 4.73 -9.29 -3.46
C TYR A 61 4.67 -9.12 -1.94
N VAL A 62 4.40 -7.88 -1.54
CA VAL A 62 4.32 -7.57 -0.12
C VAL A 62 3.13 -8.31 0.50
N ARG A 63 3.27 -8.64 1.78
CA ARG A 63 2.22 -9.35 2.49
C ARG A 63 1.20 -8.36 3.04
N GLU A 64 0.01 -8.88 3.32
CA GLU A 64 -1.06 -8.06 3.85
C GLU A 64 -1.34 -8.43 5.31
N ILE A 65 -1.57 -7.41 6.11
CA ILE A 65 -1.85 -7.61 7.52
C ILE A 65 -3.36 -7.53 7.76
N LYS A 66 -3.97 -6.50 7.18
CA LYS A 66 -5.40 -6.30 7.32
C LYS A 66 -6.13 -7.55 6.82
N SER A 67 -6.93 -8.12 7.71
CA SER A 67 -7.69 -9.32 7.37
C SER A 67 -9.10 -8.93 6.90
N SER A 68 -9.43 -7.66 7.11
CA SER A 68 -10.73 -7.15 6.72
C SER A 68 -10.63 -6.49 5.34
N GLU A 69 -9.41 -6.33 4.88
CA GLU A 69 -9.17 -5.73 3.58
C GLU A 69 -8.99 -6.79 2.51
N ARG A 70 -8.26 -7.84 2.88
CA ARG A 70 -8.01 -8.94 1.96
C ARG A 70 -9.33 -9.46 1.38
N SER A 71 -10.21 -9.87 2.27
CA SER A 71 -11.51 -10.39 1.86
C SER A 71 -12.50 -9.24 1.71
N GLY A 72 -11.97 -8.02 1.70
CA GLY A 72 -12.80 -6.84 1.57
C GLY A 72 -13.42 -6.75 0.17
N PRO A 73 -12.75 -5.93 -0.69
CA PRO A 73 -13.22 -5.75 -2.06
C PRO A 73 -12.90 -6.97 -2.91
N SER A 74 -13.39 -8.12 -2.46
CA SER A 74 -13.16 -9.37 -3.17
C SER A 74 -11.69 -9.51 -3.52
N SER A 75 -10.97 -10.24 -2.68
CA SER A 75 -9.55 -10.45 -2.88
C SER A 75 -9.27 -10.68 -4.37
N GLY A 76 -8.60 -9.71 -4.97
CA GLY A 76 -8.26 -9.79 -6.38
C GLY A 76 -9.46 -9.44 -7.25
N GLY A 1 -26.12 11.46 7.25
CA GLY A 1 -24.97 10.57 7.21
C GLY A 1 -25.15 9.47 6.16
N SER A 2 -24.07 8.74 5.92
CA SER A 2 -24.09 7.67 4.95
C SER A 2 -22.86 6.77 5.13
N SER A 3 -23.07 5.66 5.81
CA SER A 3 -21.99 4.72 6.06
C SER A 3 -20.89 5.39 6.87
N GLY A 4 -21.08 5.39 8.18
CA GLY A 4 -20.11 6.00 9.08
C GLY A 4 -19.70 7.39 8.59
N SER A 5 -18.40 7.60 8.53
CA SER A 5 -17.86 8.87 8.08
C SER A 5 -17.63 8.84 6.57
N SER A 6 -16.77 7.93 6.15
CA SER A 6 -16.45 7.78 4.74
C SER A 6 -16.39 6.30 4.37
N GLY A 7 -15.46 5.59 5.01
CA GLY A 7 -15.29 4.18 4.75
C GLY A 7 -13.81 3.79 4.79
N SER A 8 -13.55 2.57 5.24
CA SER A 8 -12.20 2.08 5.32
C SER A 8 -11.58 1.98 3.93
N HIS A 9 -10.27 2.19 3.87
CA HIS A 9 -9.56 2.13 2.61
C HIS A 9 -8.08 1.82 2.88
N GLN A 10 -7.52 2.52 3.85
CA GLN A 10 -6.13 2.33 4.21
C GLN A 10 -5.84 0.84 4.42
N LEU A 11 -4.89 0.34 3.65
CA LEU A 11 -4.50 -1.05 3.73
C LEU A 11 -3.08 -1.15 4.29
N ILE A 12 -2.98 -1.86 5.42
CA ILE A 12 -1.69 -2.03 6.06
C ILE A 12 -1.03 -3.31 5.54
N VAL A 13 0.04 -3.13 4.77
CA VAL A 13 0.76 -4.25 4.20
C VAL A 13 2.25 -4.08 4.47
N LYS A 14 2.91 -5.20 4.74
CA LYS A 14 4.33 -5.19 5.01
C LYS A 14 5.09 -5.68 3.78
N ALA A 15 6.22 -5.03 3.53
CA ALA A 15 7.05 -5.39 2.39
C ALA A 15 7.42 -6.87 2.48
N ARG A 16 8.24 -7.30 1.53
CA ARG A 16 8.68 -8.68 1.49
C ARG A 16 10.20 -8.75 1.60
N PHE A 17 10.87 -8.00 0.73
CA PHE A 17 12.32 -7.98 0.72
C PHE A 17 12.83 -6.59 0.33
N ASN A 18 14.15 -6.46 0.36
CA ASN A 18 14.79 -5.20 0.01
C ASN A 18 14.39 -4.81 -1.41
N PHE A 19 13.44 -3.88 -1.49
CA PHE A 19 12.96 -3.42 -2.78
C PHE A 19 13.53 -2.04 -3.11
N LYS A 20 13.77 -1.81 -4.40
CA LYS A 20 14.32 -0.55 -4.86
C LYS A 20 13.28 0.15 -5.75
N GLN A 21 13.10 1.44 -5.47
CA GLN A 21 12.15 2.23 -6.24
C GLN A 21 12.76 2.64 -7.57
N THR A 22 11.90 2.73 -8.59
CA THR A 22 12.34 3.10 -9.92
C THR A 22 12.49 4.62 -10.01
N ASN A 23 11.77 5.31 -9.14
CA ASN A 23 11.81 6.77 -9.12
C ASN A 23 11.38 7.27 -7.74
N GLU A 24 11.46 8.57 -7.56
CA GLU A 24 11.07 9.19 -6.31
C GLU A 24 9.55 9.18 -6.16
N ASP A 25 8.88 8.85 -7.24
CA ASP A 25 7.43 8.79 -7.25
C ASP A 25 6.97 7.35 -7.02
N GLU A 26 7.93 6.52 -6.64
CA GLU A 26 7.64 5.12 -6.38
C GLU A 26 7.90 4.78 -4.92
N LEU A 27 7.14 3.81 -4.42
CA LEU A 27 7.28 3.39 -3.04
C LEU A 27 8.52 2.50 -2.90
N SER A 28 9.46 2.98 -2.10
CA SER A 28 10.69 2.25 -1.86
C SER A 28 10.68 1.62 -0.47
N VAL A 29 10.61 0.30 -0.46
CA VAL A 29 10.58 -0.44 0.80
C VAL A 29 11.80 -1.35 0.87
N CYS A 30 12.25 -1.60 2.09
CA CYS A 30 13.40 -2.45 2.31
C CYS A 30 12.92 -3.73 3.00
N LYS A 31 12.71 -3.62 4.32
CA LYS A 31 12.26 -4.76 5.10
C LYS A 31 11.54 -4.24 6.35
N GLY A 32 10.45 -4.90 6.68
CA GLY A 32 9.67 -4.53 7.84
C GLY A 32 9.25 -3.05 7.79
N ASP A 33 8.47 -2.73 6.77
CA ASP A 33 8.01 -1.36 6.58
C ASP A 33 6.54 -1.38 6.12
N ILE A 34 5.65 -1.31 7.10
CA ILE A 34 4.22 -1.33 6.82
C ILE A 34 3.89 -0.16 5.89
N ILE A 35 3.09 -0.45 4.87
CA ILE A 35 2.69 0.57 3.92
C ILE A 35 1.17 0.70 3.93
N TYR A 36 0.71 1.91 3.67
CA TYR A 36 -0.73 2.18 3.64
C TYR A 36 -1.22 2.33 2.21
N VAL A 37 -2.01 1.35 1.78
CA VAL A 37 -2.56 1.37 0.43
C VAL A 37 -3.81 2.25 0.42
N THR A 38 -3.74 3.30 -0.38
CA THR A 38 -4.85 4.22 -0.50
C THR A 38 -5.55 4.06 -1.86
N ARG A 39 -4.73 3.96 -2.89
CA ARG A 39 -5.24 3.79 -4.24
C ARG A 39 -5.89 2.42 -4.40
N VAL A 40 -5.04 1.39 -4.39
CA VAL A 40 -5.52 0.03 -4.53
C VAL A 40 -5.96 -0.21 -5.97
N GLU A 41 -4.98 -0.35 -6.84
CA GLU A 41 -5.25 -0.58 -8.25
C GLU A 41 -5.01 -2.06 -8.60
N GLU A 42 -6.08 -2.70 -9.06
CA GLU A 42 -6.00 -4.11 -9.44
C GLU A 42 -5.31 -4.25 -10.80
N GLY A 43 -4.92 -3.11 -11.36
CA GLY A 43 -4.25 -3.09 -12.65
C GLY A 43 -2.95 -3.90 -12.61
N GLY A 44 -2.17 -3.65 -11.56
CA GLY A 44 -0.91 -4.35 -11.38
C GLY A 44 -0.07 -3.69 -10.29
N TRP A 45 -0.14 -2.37 -10.25
CA TRP A 45 0.61 -1.61 -9.25
C TRP A 45 -0.35 -1.23 -8.13
N TRP A 46 0.23 -0.86 -7.00
CA TRP A 46 -0.56 -0.47 -5.84
C TRP A 46 0.05 0.80 -5.25
N GLU A 47 -0.78 1.82 -5.11
CA GLU A 47 -0.33 3.09 -4.56
C GLU A 47 -0.71 3.19 -3.08
N GLY A 48 0.31 3.37 -2.26
CA GLY A 48 0.11 3.48 -0.83
C GLY A 48 0.99 4.60 -0.23
N THR A 49 1.21 4.49 1.07
CA THR A 49 2.03 5.48 1.77
C THR A 49 2.89 4.78 2.83
N LEU A 50 4.18 5.08 2.77
CA LEU A 50 5.12 4.50 3.71
C LEU A 50 5.60 5.59 4.68
N ASN A 51 6.27 5.14 5.74
CA ASN A 51 6.78 6.07 6.73
C ASN A 51 7.47 7.23 6.03
N GLY A 52 6.69 8.28 5.79
CA GLY A 52 7.20 9.47 5.14
C GLY A 52 7.60 9.16 3.68
N ARG A 53 6.90 8.19 3.12
CA ARG A 53 7.17 7.80 1.74
C ARG A 53 5.85 7.60 0.98
N THR A 54 5.95 7.67 -0.33
CA THR A 54 4.79 7.50 -1.18
C THR A 54 5.20 7.07 -2.59
N GLY A 55 4.33 6.31 -3.23
CA GLY A 55 4.61 5.82 -4.57
C GLY A 55 3.74 4.60 -4.90
N TRP A 56 4.04 3.99 -6.03
CA TRP A 56 3.31 2.81 -6.46
C TRP A 56 4.23 1.60 -6.33
N PHE A 57 3.71 0.56 -5.70
CA PHE A 57 4.47 -0.66 -5.50
C PHE A 57 3.59 -1.89 -5.70
N PRO A 58 4.28 -3.04 -5.96
CA PRO A 58 3.57 -4.29 -6.17
C PRO A 58 3.03 -4.86 -4.85
N SER A 59 1.74 -5.15 -4.85
CA SER A 59 1.08 -5.68 -3.66
C SER A 59 1.32 -7.19 -3.58
N ASN A 60 1.62 -7.77 -4.74
CA ASN A 60 1.87 -9.20 -4.81
C ASN A 60 3.14 -9.54 -4.01
N TYR A 61 4.12 -8.65 -4.14
CA TYR A 61 5.39 -8.85 -3.45
C TYR A 61 5.21 -8.72 -1.93
N VAL A 62 4.78 -7.53 -1.51
CA VAL A 62 4.56 -7.27 -0.10
C VAL A 62 3.48 -8.23 0.43
N ARG A 63 3.16 -8.06 1.70
CA ARG A 63 2.16 -8.89 2.34
C ARG A 63 1.12 -8.02 3.06
N GLU A 64 -0.14 -8.37 2.87
CA GLU A 64 -1.22 -7.63 3.51
C GLU A 64 -1.48 -8.18 4.92
N ILE A 65 -1.83 -7.27 5.81
CA ILE A 65 -2.12 -7.64 7.19
C ILE A 65 -3.63 -7.59 7.42
N LYS A 66 -4.20 -6.42 7.19
CA LYS A 66 -5.63 -6.23 7.39
C LYS A 66 -6.38 -7.41 6.76
N SER A 67 -6.99 -8.21 7.63
CA SER A 67 -7.74 -9.36 7.18
C SER A 67 -9.13 -8.93 6.70
N SER A 68 -9.50 -7.72 7.06
CA SER A 68 -10.79 -7.18 6.67
C SER A 68 -10.69 -6.54 5.28
N GLU A 69 -9.46 -6.43 4.80
CA GLU A 69 -9.23 -5.85 3.50
C GLU A 69 -9.03 -6.95 2.44
N ARG A 70 -8.72 -8.14 2.95
CA ARG A 70 -8.51 -9.28 2.07
C ARG A 70 -9.84 -9.97 1.76
N SER A 71 -10.65 -10.13 2.80
CA SER A 71 -11.94 -10.77 2.65
C SER A 71 -13.04 -9.70 2.56
N GLY A 72 -12.61 -8.47 2.35
CA GLY A 72 -13.54 -7.36 2.24
C GLY A 72 -12.87 -6.14 1.61
N PRO A 73 -12.46 -6.31 0.32
CA PRO A 73 -11.80 -5.24 -0.40
C PRO A 73 -12.81 -4.18 -0.84
N SER A 74 -13.43 -3.55 0.16
CA SER A 74 -14.41 -2.52 -0.11
C SER A 74 -15.16 -2.17 1.17
N SER A 75 -15.60 -0.92 1.24
CA SER A 75 -16.33 -0.45 2.42
C SER A 75 -16.89 0.95 2.14
N GLY A 76 -18.01 1.23 2.80
CA GLY A 76 -18.66 2.52 2.64
C GLY A 76 -18.93 2.83 1.17
N GLY A 1 -8.63 15.22 9.36
CA GLY A 1 -9.56 15.08 8.24
C GLY A 1 -9.92 16.46 7.66
N SER A 2 -10.63 16.42 6.54
CA SER A 2 -11.04 17.65 5.87
C SER A 2 -12.32 17.41 5.08
N SER A 3 -12.24 16.48 4.14
CA SER A 3 -13.38 16.14 3.31
C SER A 3 -13.03 15.00 2.36
N GLY A 4 -14.06 14.29 1.94
CA GLY A 4 -13.88 13.17 1.03
C GLY A 4 -14.11 11.84 1.75
N SER A 5 -13.22 10.89 1.49
CA SER A 5 -13.32 9.58 2.10
C SER A 5 -14.68 8.95 1.78
N SER A 6 -14.64 7.95 0.92
CA SER A 6 -15.85 7.26 0.53
C SER A 6 -15.52 5.87 0.01
N GLY A 7 -14.64 5.84 -0.99
CA GLY A 7 -14.23 4.57 -1.59
C GLY A 7 -12.83 4.18 -1.12
N SER A 8 -12.58 2.88 -1.14
CA SER A 8 -11.29 2.37 -0.72
C SER A 8 -11.03 2.71 0.74
N HIS A 9 -10.09 1.99 1.34
CA HIS A 9 -9.75 2.21 2.73
C HIS A 9 -8.29 1.81 2.97
N GLN A 10 -7.62 2.60 3.79
CA GLN A 10 -6.22 2.34 4.10
C GLN A 10 -5.99 0.84 4.28
N LEU A 11 -4.91 0.37 3.66
CA LEU A 11 -4.56 -1.04 3.75
C LEU A 11 -3.15 -1.18 4.30
N ILE A 12 -3.04 -1.89 5.42
CA ILE A 12 -1.76 -2.10 6.05
C ILE A 12 -1.14 -3.40 5.52
N VAL A 13 -0.06 -3.24 4.77
CA VAL A 13 0.63 -4.39 4.20
C VAL A 13 2.14 -4.26 4.46
N LYS A 14 2.71 -5.35 4.95
CA LYS A 14 4.13 -5.35 5.24
C LYS A 14 4.91 -5.74 3.97
N ALA A 15 5.96 -4.97 3.71
CA ALA A 15 6.78 -5.21 2.54
C ALA A 15 7.28 -6.66 2.56
N ARG A 16 7.51 -7.19 1.38
CA ARG A 16 7.98 -8.56 1.24
C ARG A 16 9.49 -8.62 1.45
N PHE A 17 10.20 -7.98 0.55
CA PHE A 17 11.66 -7.96 0.62
C PHE A 17 12.21 -6.64 0.05
N ASN A 18 13.52 -6.62 -0.13
CA ASN A 18 14.18 -5.44 -0.66
C ASN A 18 13.58 -5.09 -2.03
N PHE A 19 13.05 -3.89 -2.12
CA PHE A 19 12.44 -3.42 -3.35
C PHE A 19 12.94 -2.03 -3.72
N LYS A 20 13.83 -1.99 -4.71
CA LYS A 20 14.39 -0.73 -5.16
C LYS A 20 13.36 -0.01 -6.04
N GLN A 21 13.25 1.29 -5.82
CA GLN A 21 12.31 2.11 -6.57
C GLN A 21 12.94 2.55 -7.89
N THR A 22 12.10 2.68 -8.90
CA THR A 22 12.55 3.09 -10.22
C THR A 22 12.64 4.62 -10.30
N ASN A 23 11.88 5.27 -9.43
CA ASN A 23 11.86 6.72 -9.39
C ASN A 23 11.43 7.19 -8.00
N GLU A 24 11.50 8.50 -7.80
CA GLU A 24 11.11 9.08 -6.53
C GLU A 24 9.60 9.02 -6.35
N ASP A 25 8.90 8.89 -7.48
CA ASP A 25 7.46 8.82 -7.47
C ASP A 25 7.02 7.38 -7.20
N GLU A 26 8.00 6.55 -6.88
CA GLU A 26 7.73 5.15 -6.60
C GLU A 26 7.96 4.85 -5.11
N LEU A 27 7.19 3.90 -4.60
CA LEU A 27 7.30 3.51 -3.20
C LEU A 27 8.54 2.64 -3.02
N SER A 28 9.47 3.16 -2.22
CA SER A 28 10.71 2.43 -1.95
C SER A 28 10.59 1.69 -0.62
N VAL A 29 10.58 0.37 -0.72
CA VAL A 29 10.48 -0.48 0.46
C VAL A 29 11.64 -1.47 0.48
N CYS A 30 12.21 -1.64 1.67
CA CYS A 30 13.33 -2.54 1.83
C CYS A 30 12.81 -3.83 2.48
N LYS A 31 12.48 -3.71 3.77
CA LYS A 31 11.98 -4.85 4.51
C LYS A 31 11.30 -4.36 5.79
N GLY A 32 10.29 -5.11 6.21
CA GLY A 32 9.54 -4.76 7.41
C GLY A 32 9.15 -3.28 7.40
N ASP A 33 8.39 -2.91 6.37
CA ASP A 33 7.94 -1.54 6.23
C ASP A 33 6.48 -1.53 5.78
N ILE A 34 5.59 -1.55 6.75
CA ILE A 34 4.16 -1.55 6.47
C ILE A 34 3.82 -0.31 5.62
N ILE A 35 3.10 -0.56 4.54
CA ILE A 35 2.70 0.52 3.65
C ILE A 35 1.18 0.65 3.67
N TYR A 36 0.72 1.89 3.65
CA TYR A 36 -0.70 2.16 3.65
C TYR A 36 -1.24 2.34 2.23
N VAL A 37 -2.04 1.37 1.81
CA VAL A 37 -2.62 1.41 0.48
C VAL A 37 -3.86 2.31 0.49
N THR A 38 -3.79 3.36 -0.30
CA THR A 38 -4.89 4.31 -0.38
C THR A 38 -5.64 4.12 -1.71
N ARG A 39 -4.86 3.97 -2.77
CA ARG A 39 -5.44 3.79 -4.10
C ARG A 39 -6.09 2.41 -4.21
N VAL A 40 -5.24 1.40 -4.29
CA VAL A 40 -5.72 0.03 -4.40
C VAL A 40 -6.21 -0.22 -5.83
N GLU A 41 -5.24 -0.45 -6.71
CA GLU A 41 -5.55 -0.71 -8.11
C GLU A 41 -5.41 -2.20 -8.42
N GLU A 42 -6.21 -2.64 -9.37
CA GLU A 42 -6.19 -4.04 -9.77
C GLU A 42 -5.38 -4.22 -11.06
N GLY A 43 -4.90 -3.10 -11.57
CA GLY A 43 -4.12 -3.11 -12.80
C GLY A 43 -2.87 -3.97 -12.63
N GLY A 44 -2.18 -3.76 -11.51
CA GLY A 44 -0.98 -4.51 -11.22
C GLY A 44 -0.14 -3.80 -10.15
N TRP A 45 -0.23 -2.47 -10.15
CA TRP A 45 0.51 -1.68 -9.18
C TRP A 45 -0.46 -1.26 -8.08
N TRP A 46 0.12 -0.89 -6.94
CA TRP A 46 -0.68 -0.48 -5.79
C TRP A 46 -0.07 0.80 -5.23
N GLU A 47 -0.91 1.81 -5.08
CA GLU A 47 -0.47 3.09 -4.55
C GLU A 47 -0.81 3.20 -3.07
N GLY A 48 0.23 3.35 -2.26
CA GLY A 48 0.05 3.47 -0.82
C GLY A 48 0.97 4.55 -0.25
N THR A 49 1.19 4.46 1.06
CA THR A 49 2.04 5.41 1.75
C THR A 49 2.93 4.70 2.76
N LEU A 50 4.21 5.03 2.72
CA LEU A 50 5.17 4.43 3.63
C LEU A 50 5.66 5.50 4.62
N ASN A 51 6.31 5.03 5.67
CA ASN A 51 6.84 5.92 6.68
C ASN A 51 7.48 7.14 6.01
N GLY A 52 6.67 8.18 5.87
CA GLY A 52 7.12 9.42 5.24
C GLY A 52 7.59 9.16 3.80
N ARG A 53 6.85 8.29 3.13
CA ARG A 53 7.17 7.96 1.75
C ARG A 53 5.90 7.94 0.90
N THR A 54 6.11 7.83 -0.40
CA THR A 54 4.99 7.80 -1.33
C THR A 54 5.41 7.15 -2.65
N GLY A 55 4.41 6.78 -3.44
CA GLY A 55 4.66 6.15 -4.72
C GLY A 55 3.85 4.86 -4.88
N TRP A 56 4.15 4.13 -5.94
CA TRP A 56 3.45 2.89 -6.21
C TRP A 56 4.42 1.73 -5.93
N PHE A 57 3.88 0.52 -6.00
CA PHE A 57 4.69 -0.67 -5.75
C PHE A 57 3.86 -1.94 -6.00
N PRO A 58 4.60 -3.06 -6.21
CA PRO A 58 3.96 -4.34 -6.46
C PRO A 58 3.39 -4.92 -5.16
N SER A 59 2.12 -5.27 -5.22
CA SER A 59 1.44 -5.85 -4.06
C SER A 59 1.60 -7.37 -4.07
N ASN A 60 1.74 -7.92 -5.27
CA ASN A 60 1.89 -9.35 -5.43
C ASN A 60 2.85 -9.88 -4.36
N TYR A 61 3.82 -9.04 -4.02
CA TYR A 61 4.80 -9.41 -3.02
C TYR A 61 4.40 -8.88 -1.64
N VAL A 62 4.25 -7.55 -1.57
CA VAL A 62 3.88 -6.91 -0.32
C VAL A 62 2.77 -7.72 0.36
N ARG A 63 3.09 -8.23 1.53
CA ARG A 63 2.14 -9.03 2.29
C ARG A 63 1.19 -8.12 3.07
N GLU A 64 -0.06 -8.54 3.16
CA GLU A 64 -1.07 -7.78 3.87
C GLU A 64 -1.12 -8.21 5.34
N ILE A 65 -1.54 -7.27 6.17
CA ILE A 65 -1.64 -7.53 7.61
C ILE A 65 -3.11 -7.56 8.01
N LYS A 66 -3.81 -6.48 7.70
CA LYS A 66 -5.22 -6.37 8.03
C LYS A 66 -5.94 -7.64 7.57
N SER A 67 -6.70 -8.20 8.51
CA SER A 67 -7.45 -9.41 8.22
C SER A 67 -8.86 -9.07 7.78
N SER A 68 -9.23 -7.81 7.99
CA SER A 68 -10.55 -7.34 7.62
C SER A 68 -10.50 -6.66 6.25
N GLU A 69 -9.28 -6.47 5.76
CA GLU A 69 -9.07 -5.84 4.47
C GLU A 69 -9.04 -6.90 3.37
N ARG A 70 -8.47 -8.04 3.71
CA ARG A 70 -8.37 -9.14 2.75
C ARG A 70 -9.77 -9.67 2.41
N SER A 71 -10.68 -9.50 3.36
CA SER A 71 -12.04 -9.96 3.17
C SER A 71 -12.99 -8.77 3.08
N GLY A 72 -12.40 -7.59 2.91
CA GLY A 72 -13.17 -6.37 2.81
C GLY A 72 -13.83 -6.24 1.43
N PRO A 73 -13.07 -5.62 0.49
CA PRO A 73 -13.58 -5.43 -0.87
C PRO A 73 -13.53 -6.75 -1.65
N SER A 74 -14.50 -6.89 -2.54
CA SER A 74 -14.59 -8.09 -3.36
C SER A 74 -15.51 -7.85 -4.56
N SER A 75 -15.42 -8.75 -5.52
CA SER A 75 -16.24 -8.63 -6.72
C SER A 75 -16.35 -10.00 -7.41
N GLY A 76 -15.19 -10.56 -7.74
CA GLY A 76 -15.15 -11.85 -8.39
C GLY A 76 -14.16 -11.85 -9.55
N GLY A 1 -9.11 12.99 4.40
CA GLY A 1 -10.14 12.77 5.40
C GLY A 1 -10.39 14.04 6.22
N SER A 2 -11.61 14.16 6.71
CA SER A 2 -11.99 15.33 7.50
C SER A 2 -11.85 15.00 8.99
N SER A 3 -12.58 13.98 9.41
CA SER A 3 -12.55 13.56 10.80
C SER A 3 -12.10 12.10 10.90
N GLY A 4 -12.87 11.24 10.24
CA GLY A 4 -12.57 9.82 10.24
C GLY A 4 -12.66 9.22 8.84
N SER A 5 -13.85 8.74 8.52
CA SER A 5 -14.10 8.15 7.21
C SER A 5 -14.44 9.25 6.20
N SER A 6 -14.24 8.93 4.93
CA SER A 6 -14.54 9.87 3.86
C SER A 6 -14.81 9.12 2.56
N GLY A 7 -13.83 8.33 2.15
CA GLY A 7 -13.96 7.55 0.93
C GLY A 7 -12.86 6.50 0.83
N SER A 8 -11.69 6.93 0.41
CA SER A 8 -10.55 6.03 0.28
C SER A 8 -10.28 5.34 1.60
N HIS A 9 -9.72 4.14 1.51
CA HIS A 9 -9.39 3.36 2.69
C HIS A 9 -7.87 3.21 2.82
N GLN A 10 -7.46 2.63 3.93
CA GLN A 10 -6.05 2.43 4.19
C GLN A 10 -5.75 0.95 4.44
N LEU A 11 -4.93 0.39 3.56
CA LEU A 11 -4.57 -1.01 3.67
C LEU A 11 -3.16 -1.12 4.26
N ILE A 12 -3.07 -1.82 5.38
CA ILE A 12 -1.80 -2.02 6.05
C ILE A 12 -1.15 -3.30 5.54
N VAL A 13 -0.11 -3.13 4.73
CA VAL A 13 0.59 -4.26 4.17
C VAL A 13 2.10 -4.09 4.42
N LYS A 14 2.75 -5.21 4.72
CA LYS A 14 4.17 -5.19 4.98
C LYS A 14 4.93 -5.61 3.71
N ALA A 15 6.05 -4.94 3.48
CA ALA A 15 6.87 -5.23 2.33
C ALA A 15 7.50 -6.61 2.47
N ARG A 16 7.83 -7.21 1.34
CA ARG A 16 8.44 -8.53 1.33
C ARG A 16 9.95 -8.42 1.59
N PHE A 17 10.62 -7.71 0.69
CA PHE A 17 12.05 -7.52 0.81
C PHE A 17 12.48 -6.17 0.24
N ASN A 18 13.79 -6.00 0.10
CA ASN A 18 14.34 -4.77 -0.43
C ASN A 18 13.79 -4.54 -1.84
N PHE A 19 12.93 -3.54 -1.96
CA PHE A 19 12.33 -3.21 -3.24
C PHE A 19 12.92 -1.92 -3.81
N LYS A 20 13.25 -1.98 -5.09
CA LYS A 20 13.83 -0.82 -5.77
C LYS A 20 12.77 -0.17 -6.65
N GLN A 21 12.61 1.13 -6.47
CA GLN A 21 11.63 1.88 -7.25
C GLN A 21 12.18 2.19 -8.63
N THR A 22 11.30 2.15 -9.61
CA THR A 22 11.68 2.43 -10.99
C THR A 22 11.97 3.92 -11.17
N ASN A 23 11.52 4.70 -10.20
CA ASN A 23 11.72 6.14 -10.24
C ASN A 23 11.19 6.75 -8.94
N GLU A 24 11.65 7.97 -8.67
CA GLU A 24 11.24 8.67 -7.47
C GLU A 24 9.72 8.83 -7.45
N ASP A 25 9.12 8.63 -8.61
CA ASP A 25 7.68 8.75 -8.74
C ASP A 25 7.00 7.57 -8.03
N GLU A 26 7.65 6.42 -8.15
CA GLU A 26 7.13 5.20 -7.53
C GLU A 26 7.53 5.15 -6.05
N LEU A 27 7.09 4.09 -5.40
CA LEU A 27 7.39 3.91 -3.98
C LEU A 27 8.64 3.05 -3.84
N SER A 28 9.23 3.11 -2.65
CA SER A 28 10.43 2.35 -2.36
C SER A 28 10.38 1.81 -0.94
N VAL A 29 10.57 0.50 -0.83
CA VAL A 29 10.55 -0.16 0.47
C VAL A 29 11.81 -1.02 0.62
N CYS A 30 12.16 -1.28 1.87
CA CYS A 30 13.34 -2.08 2.16
C CYS A 30 12.87 -3.40 2.77
N LYS A 31 12.47 -3.33 4.02
CA LYS A 31 12.00 -4.52 4.72
C LYS A 31 11.23 -4.10 5.97
N GLY A 32 10.31 -4.96 6.38
CA GLY A 32 9.50 -4.69 7.56
C GLY A 32 9.10 -3.21 7.62
N ASP A 33 8.33 -2.81 6.63
CA ASP A 33 7.86 -1.43 6.55
C ASP A 33 6.40 -1.41 6.11
N ILE A 34 5.51 -1.46 7.10
CA ILE A 34 4.09 -1.45 6.82
C ILE A 34 3.76 -0.26 5.92
N ILE A 35 3.11 -0.56 4.80
CA ILE A 35 2.73 0.47 3.85
C ILE A 35 1.20 0.62 3.84
N TYR A 36 0.76 1.86 3.69
CA TYR A 36 -0.66 2.14 3.65
C TYR A 36 -1.16 2.29 2.21
N VAL A 37 -1.96 1.33 1.79
CA VAL A 37 -2.50 1.34 0.45
C VAL A 37 -3.75 2.22 0.42
N THR A 38 -3.68 3.28 -0.38
CA THR A 38 -4.80 4.20 -0.50
C THR A 38 -5.49 4.03 -1.85
N ARG A 39 -4.66 3.93 -2.89
CA ARG A 39 -5.18 3.77 -4.24
C ARG A 39 -5.85 2.40 -4.39
N VAL A 40 -5.02 1.36 -4.36
CA VAL A 40 -5.50 0.01 -4.50
C VAL A 40 -5.97 -0.22 -5.93
N GLU A 41 -5.00 -0.42 -6.81
CA GLU A 41 -5.28 -0.65 -8.21
C GLU A 41 -5.06 -2.12 -8.56
N GLU A 42 -6.14 -2.78 -8.98
CA GLU A 42 -6.07 -4.18 -9.34
C GLU A 42 -5.36 -4.34 -10.69
N GLY A 43 -5.00 -3.21 -11.28
CA GLY A 43 -4.32 -3.22 -12.56
C GLY A 43 -3.02 -4.02 -12.48
N GLY A 44 -2.25 -3.75 -11.43
CA GLY A 44 -0.99 -4.44 -11.23
C GLY A 44 -0.14 -3.73 -10.17
N TRP A 45 -0.26 -2.41 -10.16
CA TRP A 45 0.49 -1.61 -9.20
C TRP A 45 -0.45 -1.22 -8.07
N TRP A 46 0.14 -0.91 -6.92
CA TRP A 46 -0.63 -0.53 -5.76
C TRP A 46 0.00 0.73 -5.16
N GLU A 47 -0.80 1.78 -5.10
CA GLU A 47 -0.32 3.05 -4.56
C GLU A 47 -0.70 3.17 -3.09
N GLY A 48 0.31 3.40 -2.26
CA GLY A 48 0.10 3.54 -0.84
C GLY A 48 1.00 4.63 -0.25
N THR A 49 1.20 4.53 1.06
CA THR A 49 2.04 5.49 1.76
C THR A 49 2.95 4.78 2.77
N LEU A 50 4.24 5.06 2.66
CA LEU A 50 5.22 4.45 3.56
C LEU A 50 5.71 5.51 4.55
N ASN A 51 6.38 5.02 5.59
CA ASN A 51 6.92 5.91 6.61
C ASN A 51 7.60 7.10 5.95
N GLY A 52 6.82 8.16 5.75
CA GLY A 52 7.34 9.37 5.13
C GLY A 52 7.71 9.11 3.67
N ARG A 53 7.01 8.16 3.06
CA ARG A 53 7.24 7.81 1.68
C ARG A 53 5.92 7.68 0.93
N THR A 54 6.03 7.65 -0.40
CA THR A 54 4.85 7.53 -1.24
C THR A 54 5.23 6.99 -2.62
N GLY A 55 4.21 6.67 -3.39
CA GLY A 55 4.43 6.14 -4.73
C GLY A 55 3.61 4.87 -4.96
N TRP A 56 4.04 4.10 -5.94
CA TRP A 56 3.36 2.86 -6.28
C TRP A 56 4.34 1.71 -6.06
N PHE A 57 3.80 0.61 -5.55
CA PHE A 57 4.62 -0.57 -5.29
C PHE A 57 3.83 -1.86 -5.57
N PRO A 58 4.59 -2.97 -5.74
CA PRO A 58 3.98 -4.25 -6.00
C PRO A 58 3.35 -4.84 -4.74
N SER A 59 2.03 -4.92 -4.75
CA SER A 59 1.30 -5.45 -3.60
C SER A 59 1.43 -6.98 -3.57
N ASN A 60 1.43 -7.57 -4.75
CA ASN A 60 1.54 -9.01 -4.87
C ASN A 60 2.75 -9.49 -4.07
N TYR A 61 3.81 -8.69 -4.13
CA TYR A 61 5.04 -9.02 -3.42
C TYR A 61 4.87 -8.81 -1.91
N VAL A 62 4.55 -7.58 -1.55
CA VAL A 62 4.35 -7.24 -0.15
C VAL A 62 3.17 -8.03 0.41
N ARG A 63 3.25 -8.33 1.69
CA ARG A 63 2.20 -9.08 2.36
C ARG A 63 1.20 -8.12 3.02
N GLU A 64 -0.06 -8.54 3.04
CA GLU A 64 -1.11 -7.74 3.64
C GLU A 64 -1.35 -8.18 5.08
N ILE A 65 -1.75 -7.21 5.90
CA ILE A 65 -2.02 -7.48 7.30
C ILE A 65 -3.53 -7.47 7.53
N LYS A 66 -4.12 -6.30 7.33
CA LYS A 66 -5.55 -6.14 7.52
C LYS A 66 -6.28 -7.35 6.93
N SER A 67 -6.94 -8.08 7.80
CA SER A 67 -7.68 -9.27 7.39
C SER A 67 -9.09 -8.87 6.96
N SER A 68 -9.43 -7.63 7.21
CA SER A 68 -10.74 -7.11 6.86
C SER A 68 -10.70 -6.44 5.48
N GLU A 69 -9.48 -6.28 4.98
CA GLU A 69 -9.28 -5.67 3.69
C GLU A 69 -9.10 -6.74 2.61
N ARG A 70 -8.45 -7.82 2.99
CA ARG A 70 -8.21 -8.92 2.08
C ARG A 70 -9.54 -9.51 1.60
N SER A 71 -10.51 -9.50 2.49
CA SER A 71 -11.83 -10.02 2.18
C SER A 71 -12.84 -8.89 2.11
N GLY A 72 -12.32 -7.67 2.05
CA GLY A 72 -13.17 -6.50 1.99
C GLY A 72 -13.74 -6.31 0.58
N PRO A 73 -13.04 -5.44 -0.20
CA PRO A 73 -13.46 -5.16 -1.58
C PRO A 73 -13.12 -6.34 -2.50
N SER A 74 -14.08 -6.67 -3.35
CA SER A 74 -13.89 -7.77 -4.28
C SER A 74 -12.48 -7.72 -4.87
N SER A 75 -11.83 -8.88 -4.87
CA SER A 75 -10.49 -8.98 -5.41
C SER A 75 -10.44 -10.01 -6.52
N GLY A 76 -9.91 -9.58 -7.67
CA GLY A 76 -9.81 -10.46 -8.82
C GLY A 76 -10.46 -9.83 -10.05
N GLY A 1 -8.30 12.27 7.55
CA GLY A 1 -7.78 13.62 7.38
C GLY A 1 -8.92 14.63 7.28
N SER A 2 -8.78 15.53 6.31
CA SER A 2 -9.79 16.55 6.11
C SER A 2 -10.39 16.42 4.70
N SER A 3 -9.52 16.50 3.71
CA SER A 3 -9.96 16.38 2.32
C SER A 3 -9.40 15.10 1.71
N GLY A 4 -10.26 14.41 0.97
CA GLY A 4 -9.88 13.17 0.32
C GLY A 4 -10.52 11.97 1.01
N SER A 5 -11.02 11.05 0.21
CA SER A 5 -11.66 9.86 0.73
C SER A 5 -12.09 8.95 -0.43
N SER A 6 -11.14 8.16 -0.90
CA SER A 6 -11.41 7.24 -1.99
C SER A 6 -11.15 5.80 -1.55
N GLY A 7 -12.19 4.99 -1.62
CA GLY A 7 -12.09 3.60 -1.22
C GLY A 7 -12.84 3.34 0.09
N SER A 8 -12.08 3.22 1.16
CA SER A 8 -12.66 2.97 2.46
C SER A 8 -11.68 3.40 3.56
N HIS A 9 -10.47 2.88 3.47
CA HIS A 9 -9.44 3.19 4.44
C HIS A 9 -8.08 2.71 3.93
N GLN A 10 -7.04 3.07 4.67
CA GLN A 10 -5.69 2.68 4.30
C GLN A 10 -5.50 1.18 4.50
N LEU A 11 -4.68 0.60 3.65
CA LEU A 11 -4.39 -0.83 3.72
C LEU A 11 -3.00 -1.04 4.31
N ILE A 12 -2.98 -1.72 5.45
CA ILE A 12 -1.73 -1.99 6.12
C ILE A 12 -1.17 -3.33 5.63
N VAL A 13 -0.06 -3.24 4.90
CA VAL A 13 0.57 -4.43 4.36
C VAL A 13 2.09 -4.32 4.56
N LYS A 14 2.65 -5.39 5.11
CA LYS A 14 4.08 -5.43 5.37
C LYS A 14 4.81 -5.82 4.08
N ALA A 15 5.95 -5.17 3.86
CA ALA A 15 6.75 -5.44 2.68
C ALA A 15 7.16 -6.91 2.67
N ARG A 16 7.93 -7.27 1.65
CA ARG A 16 8.39 -8.64 1.50
C ARG A 16 9.92 -8.67 1.44
N PHE A 17 10.47 -7.82 0.58
CA PHE A 17 11.91 -7.74 0.42
C PHE A 17 12.35 -6.32 0.08
N ASN A 18 13.61 -6.18 -0.27
CA ASN A 18 14.17 -4.89 -0.62
C ASN A 18 13.72 -4.51 -2.03
N PHE A 19 12.79 -3.56 -2.09
CA PHE A 19 12.26 -3.10 -3.36
C PHE A 19 13.03 -1.87 -3.85
N LYS A 20 13.12 -1.75 -5.17
CA LYS A 20 13.82 -0.64 -5.78
C LYS A 20 12.86 0.12 -6.71
N GLN A 21 12.58 1.36 -6.33
CA GLN A 21 11.68 2.19 -7.12
C GLN A 21 12.32 2.54 -8.47
N THR A 22 11.48 2.60 -9.49
CA THR A 22 11.95 2.92 -10.83
C THR A 22 12.22 4.42 -10.96
N ASN A 23 11.71 5.16 -9.98
CA ASN A 23 11.88 6.61 -9.97
C ASN A 23 11.37 7.17 -8.64
N GLU A 24 11.61 8.46 -8.44
CA GLU A 24 11.18 9.12 -7.23
C GLU A 24 9.66 9.31 -7.22
N ASP A 25 9.06 9.00 -8.38
CA ASP A 25 7.62 9.13 -8.52
C ASP A 25 6.94 7.92 -7.89
N GLU A 26 7.65 6.80 -7.92
CA GLU A 26 7.12 5.56 -7.36
C GLU A 26 7.45 5.48 -5.86
N LEU A 27 7.20 4.31 -5.30
CA LEU A 27 7.47 4.09 -3.88
C LEU A 27 8.66 3.13 -3.75
N SER A 28 9.25 3.15 -2.56
CA SER A 28 10.39 2.30 -2.28
C SER A 28 10.25 1.68 -0.88
N VAL A 29 10.71 0.44 -0.78
CA VAL A 29 10.65 -0.28 0.48
C VAL A 29 11.85 -1.20 0.60
N CYS A 30 12.27 -1.43 1.84
CA CYS A 30 13.41 -2.29 2.09
C CYS A 30 12.89 -3.58 2.73
N LYS A 31 12.59 -3.49 4.01
CA LYS A 31 12.08 -4.66 4.75
C LYS A 31 11.29 -4.17 5.97
N GLY A 32 10.35 -5.00 6.38
CA GLY A 32 9.52 -4.67 7.53
C GLY A 32 9.12 -3.21 7.52
N ASP A 33 8.42 -2.83 6.44
CA ASP A 33 7.96 -1.46 6.29
C ASP A 33 6.52 -1.47 5.78
N ILE A 34 5.59 -1.55 6.72
CA ILE A 34 4.18 -1.56 6.37
C ILE A 34 3.85 -0.33 5.52
N ILE A 35 3.13 -0.59 4.43
CA ILE A 35 2.75 0.49 3.53
C ILE A 35 1.24 0.66 3.55
N TYR A 36 0.80 1.90 3.51
CA TYR A 36 -0.62 2.21 3.53
C TYR A 36 -1.16 2.40 2.11
N VAL A 37 -1.97 1.44 1.68
CA VAL A 37 -2.55 1.49 0.35
C VAL A 37 -3.78 2.41 0.37
N THR A 38 -3.77 3.38 -0.52
CA THR A 38 -4.88 4.32 -0.61
C THR A 38 -5.70 4.05 -1.87
N ARG A 39 -4.99 3.94 -2.99
CA ARG A 39 -5.65 3.69 -4.27
C ARG A 39 -6.17 2.26 -4.32
N VAL A 40 -5.24 1.31 -4.35
CA VAL A 40 -5.59 -0.09 -4.41
C VAL A 40 -6.05 -0.45 -5.82
N GLU A 41 -5.09 -0.53 -6.72
CA GLU A 41 -5.38 -0.86 -8.10
C GLU A 41 -4.97 -2.30 -8.41
N GLU A 42 -5.96 -3.09 -8.82
CA GLU A 42 -5.71 -4.49 -9.14
C GLU A 42 -5.06 -4.61 -10.52
N GLY A 43 -4.81 -3.45 -11.13
CA GLY A 43 -4.18 -3.41 -12.43
C GLY A 43 -2.86 -4.18 -12.43
N GLY A 44 -2.03 -3.87 -11.45
CA GLY A 44 -0.74 -4.52 -11.32
C GLY A 44 0.08 -3.92 -10.18
N TRP A 45 0.06 -2.59 -10.13
CA TRP A 45 0.80 -1.87 -9.10
C TRP A 45 -0.21 -1.46 -8.02
N TRP A 46 0.33 -0.91 -6.94
CA TRP A 46 -0.50 -0.46 -5.83
C TRP A 46 0.07 0.87 -5.33
N GLU A 47 -0.84 1.82 -5.13
CA GLU A 47 -0.44 3.14 -4.65
C GLU A 47 -0.77 3.28 -3.17
N GLY A 48 0.28 3.33 -2.37
CA GLY A 48 0.12 3.47 -0.93
C GLY A 48 1.07 4.54 -0.38
N THR A 49 1.33 4.43 0.92
CA THR A 49 2.21 5.37 1.59
C THR A 49 3.08 4.66 2.62
N LEU A 50 4.35 5.01 2.63
CA LEU A 50 5.30 4.41 3.56
C LEU A 50 5.77 5.47 4.56
N ASN A 51 6.43 5.00 5.60
CA ASN A 51 6.94 5.90 6.63
C ASN A 51 7.61 7.10 5.96
N GLY A 52 6.83 8.16 5.79
CA GLY A 52 7.33 9.36 5.17
C GLY A 52 7.69 9.13 3.70
N ARG A 53 6.93 8.23 3.08
CA ARG A 53 7.15 7.90 1.69
C ARG A 53 5.82 7.80 0.95
N THR A 54 5.91 7.77 -0.38
CA THR A 54 4.72 7.68 -1.21
C THR A 54 5.09 7.17 -2.61
N GLY A 55 4.05 6.82 -3.36
CA GLY A 55 4.25 6.32 -4.71
C GLY A 55 3.55 4.97 -4.91
N TRP A 56 3.95 4.28 -5.96
CA TRP A 56 3.38 2.98 -6.27
C TRP A 56 4.38 1.91 -5.87
N PHE A 57 3.87 0.70 -5.66
CA PHE A 57 4.72 -0.42 -5.27
C PHE A 57 4.00 -1.74 -5.50
N PRO A 58 4.81 -2.84 -5.51
CA PRO A 58 4.27 -4.17 -5.73
C PRO A 58 3.56 -4.67 -4.47
N SER A 59 2.28 -5.00 -4.64
CA SER A 59 1.48 -5.49 -3.54
C SER A 59 1.56 -7.02 -3.48
N ASN A 60 1.25 -7.65 -4.61
CA ASN A 60 1.28 -9.09 -4.69
C ASN A 60 2.52 -9.61 -3.95
N TYR A 61 3.61 -8.88 -4.10
CA TYR A 61 4.86 -9.25 -3.46
C TYR A 61 4.75 -9.13 -1.94
N VAL A 62 4.45 -7.91 -1.50
CA VAL A 62 4.32 -7.65 -0.07
C VAL A 62 3.09 -8.37 0.46
N ARG A 63 3.17 -8.75 1.73
CA ARG A 63 2.07 -9.44 2.38
C ARG A 63 1.12 -8.45 3.04
N GLU A 64 -0.13 -8.87 3.19
CA GLU A 64 -1.14 -8.02 3.81
C GLU A 64 -1.30 -8.40 5.29
N ILE A 65 -1.66 -7.39 6.08
CA ILE A 65 -1.86 -7.60 7.50
C ILE A 65 -3.35 -7.53 7.82
N LYS A 66 -3.95 -6.41 7.43
CA LYS A 66 -5.37 -6.20 7.67
C LYS A 66 -6.15 -7.42 7.18
N SER A 67 -6.89 -8.02 8.11
CA SER A 67 -7.68 -9.20 7.79
C SER A 67 -9.07 -8.77 7.31
N SER A 68 -9.41 -7.53 7.61
CA SER A 68 -10.71 -6.99 7.22
C SER A 68 -10.62 -6.40 5.81
N GLU A 69 -9.40 -6.33 5.31
CA GLU A 69 -9.17 -5.80 3.98
C GLU A 69 -9.08 -6.92 2.96
N ARG A 70 -8.41 -7.99 3.37
CA ARG A 70 -8.24 -9.14 2.50
C ARG A 70 -9.60 -9.65 2.01
N SER A 71 -10.52 -9.77 2.94
CA SER A 71 -11.86 -10.23 2.63
C SER A 71 -12.75 -9.04 2.28
N GLY A 72 -12.12 -7.90 2.07
CA GLY A 72 -12.84 -6.69 1.72
C GLY A 72 -12.02 -5.81 0.77
N PRO A 73 -11.80 -6.35 -0.46
CA PRO A 73 -11.04 -5.63 -1.46
C PRO A 73 -11.86 -4.49 -2.07
N SER A 74 -13.08 -4.84 -2.47
CA SER A 74 -13.98 -3.86 -3.07
C SER A 74 -15.34 -3.91 -2.37
N SER A 75 -15.95 -5.08 -2.40
CA SER A 75 -17.25 -5.27 -1.78
C SER A 75 -17.71 -6.72 -1.95
N GLY A 76 -17.80 -7.14 -3.21
CA GLY A 76 -18.23 -8.48 -3.52
C GLY A 76 -19.73 -8.54 -3.79
N GLY A 1 2.76 16.80 14.42
CA GLY A 1 1.48 17.07 13.78
C GLY A 1 0.78 15.77 13.37
N SER A 2 -0.35 15.52 14.02
CA SER A 2 -1.12 14.31 13.73
C SER A 2 -2.62 14.64 13.70
N SER A 3 -3.39 13.68 13.21
CA SER A 3 -4.82 13.86 13.13
C SER A 3 -5.50 12.53 12.79
N GLY A 4 -6.79 12.46 13.06
CA GLY A 4 -7.56 11.26 12.79
C GLY A 4 -7.97 11.19 11.32
N SER A 5 -7.43 10.20 10.63
CA SER A 5 -7.74 10.01 9.22
C SER A 5 -9.22 9.69 9.04
N SER A 6 -9.76 10.13 7.91
CA SER A 6 -11.16 9.89 7.61
C SER A 6 -11.50 10.47 6.24
N GLY A 7 -11.16 9.71 5.21
CA GLY A 7 -11.43 10.13 3.83
C GLY A 7 -11.36 8.94 2.87
N SER A 8 -10.14 8.48 2.65
CA SER A 8 -9.92 7.34 1.76
C SER A 8 -9.58 6.10 2.57
N HIS A 9 -9.83 4.95 1.95
CA HIS A 9 -9.57 3.67 2.60
C HIS A 9 -8.05 3.46 2.70
N GLN A 10 -7.66 2.77 3.77
CA GLN A 10 -6.24 2.49 3.98
C GLN A 10 -6.03 0.99 4.20
N LEU A 11 -4.97 0.49 3.58
CA LEU A 11 -4.64 -0.93 3.69
C LEU A 11 -3.25 -1.08 4.29
N ILE A 12 -3.20 -1.78 5.42
CA ILE A 12 -1.94 -2.01 6.11
C ILE A 12 -1.28 -3.27 5.56
N VAL A 13 -0.20 -3.06 4.81
CA VAL A 13 0.52 -4.16 4.21
C VAL A 13 2.01 -4.04 4.57
N LYS A 14 2.66 -5.19 4.68
CA LYS A 14 4.07 -5.23 5.01
C LYS A 14 4.87 -5.64 3.78
N ALA A 15 6.07 -5.08 3.68
CA ALA A 15 6.94 -5.39 2.55
C ALA A 15 7.49 -6.81 2.72
N ARG A 16 7.90 -7.38 1.59
CA ARG A 16 8.45 -8.73 1.59
C ARG A 16 9.95 -8.70 1.92
N PHE A 17 10.69 -8.02 1.06
CA PHE A 17 12.13 -7.90 1.25
C PHE A 17 12.66 -6.58 0.69
N ASN A 18 13.97 -6.48 0.63
CA ASN A 18 14.61 -5.27 0.13
C ASN A 18 14.08 -4.98 -1.28
N PHE A 19 13.12 -4.07 -1.33
CA PHE A 19 12.52 -3.69 -2.61
C PHE A 19 12.93 -2.27 -3.00
N LYS A 20 13.69 -2.19 -4.09
CA LYS A 20 14.16 -0.91 -4.58
C LYS A 20 13.13 -0.34 -5.56
N GLN A 21 13.03 0.98 -5.56
CA GLN A 21 12.09 1.65 -6.44
C GLN A 21 12.74 1.92 -7.80
N THR A 22 11.94 1.77 -8.84
CA THR A 22 12.42 1.98 -10.19
C THR A 22 12.68 3.47 -10.45
N ASN A 23 12.03 4.29 -9.63
CA ASN A 23 12.17 5.73 -9.74
C ASN A 23 11.59 6.40 -8.50
N GLU A 24 12.02 7.63 -8.26
CA GLU A 24 11.55 8.39 -7.12
C GLU A 24 10.02 8.52 -7.17
N ASP A 25 9.49 8.46 -8.39
CA ASP A 25 8.06 8.57 -8.59
C ASP A 25 7.36 7.44 -7.83
N GLU A 26 7.89 6.24 -8.00
CA GLU A 26 7.32 5.08 -7.33
C GLU A 26 7.68 5.09 -5.85
N LEU A 27 7.19 4.06 -5.15
CA LEU A 27 7.45 3.95 -3.73
C LEU A 27 8.69 3.08 -3.51
N SER A 28 9.22 3.14 -2.29
CA SER A 28 10.40 2.37 -1.95
C SER A 28 10.23 1.77 -0.55
N VAL A 29 10.60 0.50 -0.43
CA VAL A 29 10.49 -0.19 0.84
C VAL A 29 11.73 -1.09 1.02
N CYS A 30 11.96 -1.46 2.27
CA CYS A 30 13.09 -2.32 2.59
C CYS A 30 12.56 -3.65 3.13
N LYS A 31 12.13 -3.60 4.39
CA LYS A 31 11.60 -4.78 5.04
C LYS A 31 11.06 -4.41 6.42
N GLY A 32 9.85 -4.87 6.70
CA GLY A 32 9.22 -4.59 7.98
C GLY A 32 9.07 -3.08 8.20
N ASP A 33 8.46 -2.44 7.21
CA ASP A 33 8.24 -1.01 7.28
C ASP A 33 6.74 -0.72 7.34
N ILE A 34 5.98 -1.59 6.69
CA ILE A 34 4.54 -1.45 6.67
C ILE A 34 4.16 -0.29 5.75
N ILE A 35 3.35 -0.60 4.74
CA ILE A 35 2.92 0.41 3.80
C ILE A 35 1.39 0.55 3.88
N TYR A 36 0.92 1.76 3.60
CA TYR A 36 -0.50 2.05 3.64
C TYR A 36 -1.05 2.26 2.23
N VAL A 37 -1.87 1.30 1.79
CA VAL A 37 -2.47 1.38 0.48
C VAL A 37 -3.70 2.29 0.52
N THR A 38 -3.66 3.32 -0.31
CA THR A 38 -4.77 4.27 -0.36
C THR A 38 -5.57 4.08 -1.65
N ARG A 39 -4.84 3.98 -2.76
CA ARG A 39 -5.46 3.79 -4.05
C ARG A 39 -6.10 2.40 -4.15
N VAL A 40 -5.24 1.39 -4.21
CA VAL A 40 -5.68 0.03 -4.30
C VAL A 40 -6.26 -0.22 -5.69
N GLU A 41 -5.37 -0.41 -6.65
CA GLU A 41 -5.77 -0.66 -8.02
C GLU A 41 -5.44 -2.09 -8.42
N GLU A 42 -6.08 -2.54 -9.49
CA GLU A 42 -5.87 -3.89 -9.99
C GLU A 42 -4.96 -3.86 -11.23
N GLY A 43 -4.83 -2.68 -11.80
CA GLY A 43 -4.01 -2.50 -12.99
C GLY A 43 -2.76 -3.39 -12.93
N GLY A 44 -2.05 -3.27 -11.82
CA GLY A 44 -0.84 -4.06 -11.63
C GLY A 44 -0.01 -3.52 -10.46
N TRP A 45 -0.05 -2.19 -10.31
CA TRP A 45 0.68 -1.54 -9.25
C TRP A 45 -0.31 -1.12 -8.17
N TRP A 46 0.22 -0.86 -6.99
CA TRP A 46 -0.61 -0.44 -5.87
C TRP A 46 -0.02 0.84 -5.29
N GLU A 47 -0.87 1.84 -5.15
CA GLU A 47 -0.45 3.12 -4.61
C GLU A 47 -0.79 3.21 -3.12
N GLY A 48 0.25 3.43 -2.32
CA GLY A 48 0.06 3.55 -0.89
C GLY A 48 0.98 4.63 -0.30
N THR A 49 1.22 4.52 1.00
CA THR A 49 2.06 5.48 1.69
C THR A 49 2.94 4.77 2.73
N LEU A 50 4.20 5.16 2.75
CA LEU A 50 5.14 4.58 3.69
C LEU A 50 5.65 5.66 4.64
N ASN A 51 6.30 5.22 5.71
CA ASN A 51 6.83 6.13 6.70
C ASN A 51 7.52 7.29 6.00
N GLY A 52 6.76 8.36 5.81
CA GLY A 52 7.28 9.55 5.15
C GLY A 52 7.68 9.25 3.71
N ARG A 53 6.96 8.31 3.11
CA ARG A 53 7.22 7.92 1.74
C ARG A 53 5.91 7.84 0.95
N THR A 54 6.06 7.72 -0.36
CA THR A 54 4.91 7.63 -1.24
C THR A 54 5.30 7.03 -2.59
N GLY A 55 4.30 6.71 -3.38
CA GLY A 55 4.53 6.13 -4.69
C GLY A 55 3.69 4.86 -4.88
N TRP A 56 4.07 4.08 -5.88
CA TRP A 56 3.37 2.84 -6.17
C TRP A 56 4.30 1.68 -5.85
N PHE A 57 3.75 0.47 -5.89
CA PHE A 57 4.51 -0.73 -5.59
C PHE A 57 3.66 -1.98 -5.82
N PRO A 58 4.38 -3.13 -5.97
CA PRO A 58 3.71 -4.40 -6.18
C PRO A 58 3.08 -4.92 -4.89
N SER A 59 1.76 -4.95 -4.89
CA SER A 59 1.02 -5.42 -3.72
C SER A 59 1.13 -6.94 -3.61
N ASN A 60 1.39 -7.57 -4.75
CA ASN A 60 1.52 -9.01 -4.80
C ASN A 60 2.77 -9.44 -4.00
N TYR A 61 3.79 -8.60 -4.08
CA TYR A 61 5.03 -8.87 -3.38
C TYR A 61 4.86 -8.68 -1.87
N VAL A 62 4.56 -7.44 -1.49
CA VAL A 62 4.36 -7.11 -0.09
C VAL A 62 3.20 -7.94 0.46
N ARG A 63 3.33 -8.32 1.73
CA ARG A 63 2.31 -9.11 2.39
C ARG A 63 1.20 -8.19 2.94
N GLU A 64 0.07 -8.80 3.23
CA GLU A 64 -1.06 -8.06 3.74
C GLU A 64 -1.30 -8.42 5.21
N ILE A 65 -1.58 -7.39 6.00
CA ILE A 65 -1.84 -7.58 7.43
C ILE A 65 -3.35 -7.53 7.68
N LYS A 66 -3.97 -6.49 7.15
CA LYS A 66 -5.41 -6.33 7.31
C LYS A 66 -6.12 -7.64 7.01
N SER A 67 -6.85 -8.12 8.00
CA SER A 67 -7.59 -9.37 7.85
C SER A 67 -8.99 -9.09 7.34
N SER A 68 -9.38 -7.82 7.41
CA SER A 68 -10.69 -7.41 6.96
C SER A 68 -10.62 -6.91 5.52
N GLU A 69 -9.39 -6.77 5.03
CA GLU A 69 -9.18 -6.31 3.67
C GLU A 69 -8.92 -7.49 2.74
N ARG A 70 -8.15 -8.44 3.25
CA ARG A 70 -7.82 -9.63 2.48
C ARG A 70 -9.09 -10.33 2.01
N SER A 71 -9.99 -10.57 2.96
CA SER A 71 -11.24 -11.23 2.66
C SER A 71 -12.32 -10.19 2.34
N GLY A 72 -11.87 -8.96 2.16
CA GLY A 72 -12.78 -7.86 1.85
C GLY A 72 -12.05 -6.73 1.13
N PRO A 73 -11.82 -6.94 -0.19
CA PRO A 73 -11.14 -5.95 -1.00
C PRO A 73 -12.06 -4.77 -1.31
N SER A 74 -12.59 -4.17 -0.25
CA SER A 74 -13.47 -3.04 -0.40
C SER A 74 -13.96 -2.57 0.98
N SER A 75 -13.69 -1.30 1.26
CA SER A 75 -14.09 -0.72 2.54
C SER A 75 -14.44 0.75 2.34
N GLY A 76 -15.47 1.17 3.06
CA GLY A 76 -15.93 2.55 2.99
C GLY A 76 -17.30 2.71 3.65
N GLY A 1 -14.30 25.85 13.16
CA GLY A 1 -14.54 24.95 14.28
C GLY A 1 -15.84 24.18 14.08
N SER A 2 -15.77 23.15 13.24
CA SER A 2 -16.93 22.33 12.96
C SER A 2 -16.49 20.95 12.47
N SER A 3 -17.01 19.92 13.13
CA SER A 3 -16.67 18.56 12.78
C SER A 3 -17.95 17.74 12.58
N GLY A 4 -17.93 16.89 11.56
CA GLY A 4 -19.07 16.04 11.26
C GLY A 4 -18.66 14.83 10.44
N SER A 5 -18.34 13.76 11.14
CA SER A 5 -17.93 12.53 10.48
C SER A 5 -16.62 12.75 9.71
N SER A 6 -15.82 11.70 9.64
CA SER A 6 -14.54 11.77 8.95
C SER A 6 -13.85 10.42 9.00
N GLY A 7 -12.81 10.29 8.18
CA GLY A 7 -12.05 9.05 8.12
C GLY A 7 -11.77 8.65 6.67
N SER A 8 -10.63 7.99 6.48
CA SER A 8 -10.23 7.56 5.16
C SER A 8 -9.73 6.11 5.21
N HIS A 9 -10.11 5.35 4.20
CA HIS A 9 -9.71 3.95 4.11
C HIS A 9 -8.18 3.86 4.08
N GLN A 10 -7.70 2.65 4.32
CA GLN A 10 -6.27 2.41 4.32
C GLN A 10 -5.98 0.91 4.47
N LEU A 11 -5.01 0.45 3.70
CA LEU A 11 -4.63 -0.95 3.73
C LEU A 11 -3.21 -1.08 4.29
N ILE A 12 -3.09 -1.83 5.37
CA ILE A 12 -1.80 -2.04 6.02
C ILE A 12 -1.17 -3.32 5.47
N VAL A 13 -0.08 -3.14 4.74
CA VAL A 13 0.62 -4.29 4.16
C VAL A 13 2.13 -4.11 4.38
N LYS A 14 2.77 -5.20 4.74
CA LYS A 14 4.21 -5.18 4.98
C LYS A 14 4.94 -5.59 3.70
N ALA A 15 6.06 -4.93 3.46
CA ALA A 15 6.87 -5.22 2.28
C ALA A 15 7.45 -6.62 2.40
N ARG A 16 7.58 -7.27 1.25
CA ARG A 16 8.12 -8.62 1.21
C ARG A 16 9.63 -8.59 1.47
N PHE A 17 10.35 -8.01 0.52
CA PHE A 17 11.79 -7.92 0.63
C PHE A 17 12.32 -6.64 -0.04
N ASN A 18 13.64 -6.56 -0.15
CA ASN A 18 14.27 -5.41 -0.77
C ASN A 18 13.69 -5.21 -2.17
N PHE A 19 12.96 -4.11 -2.32
CA PHE A 19 12.36 -3.79 -3.60
C PHE A 19 12.73 -2.38 -4.05
N LYS A 20 13.75 -2.31 -4.89
CA LYS A 20 14.23 -1.03 -5.40
C LYS A 20 13.13 -0.40 -6.25
N GLN A 21 12.89 0.88 -6.00
CA GLN A 21 11.87 1.62 -6.74
C GLN A 21 12.40 2.00 -8.12
N THR A 22 11.51 1.93 -9.09
CA THR A 22 11.87 2.26 -10.47
C THR A 22 11.98 3.78 -10.63
N ASN A 23 11.50 4.49 -9.62
CA ASN A 23 11.53 5.94 -9.64
C ASN A 23 11.45 6.47 -8.20
N GLU A 24 12.04 7.63 -8.00
CA GLU A 24 12.06 8.25 -6.69
C GLU A 24 10.64 8.68 -6.30
N ASP A 25 9.74 8.57 -7.27
CA ASP A 25 8.35 8.94 -7.04
C ASP A 25 7.58 7.72 -6.54
N GLU A 26 8.02 6.56 -7.00
CA GLU A 26 7.38 5.31 -6.60
C GLU A 26 7.69 4.99 -5.14
N LEU A 27 7.08 3.91 -4.67
CA LEU A 27 7.29 3.49 -3.28
C LEU A 27 8.57 2.65 -3.21
N SER A 28 9.45 3.06 -2.31
CA SER A 28 10.71 2.35 -2.12
C SER A 28 10.72 1.66 -0.77
N VAL A 29 10.62 0.33 -0.81
CA VAL A 29 10.62 -0.46 0.40
C VAL A 29 11.82 -1.40 0.39
N CYS A 30 12.32 -1.69 1.59
CA CYS A 30 13.46 -2.58 1.72
C CYS A 30 12.99 -3.86 2.40
N LYS A 31 12.63 -3.74 3.67
CA LYS A 31 12.16 -4.88 4.43
C LYS A 31 11.54 -4.39 5.74
N GLY A 32 10.49 -5.10 6.15
CA GLY A 32 9.80 -4.75 7.38
C GLY A 32 9.42 -3.27 7.39
N ASP A 33 8.56 -2.89 6.46
CA ASP A 33 8.11 -1.51 6.35
C ASP A 33 6.65 -1.48 5.94
N ILE A 34 5.79 -1.39 6.95
CA ILE A 34 4.35 -1.36 6.70
C ILE A 34 4.03 -0.19 5.77
N ILE A 35 3.12 -0.45 4.83
CA ILE A 35 2.72 0.56 3.87
C ILE A 35 1.19 0.71 3.91
N TYR A 36 0.75 1.92 3.63
CA TYR A 36 -0.68 2.22 3.62
C TYR A 36 -1.19 2.41 2.20
N VAL A 37 -2.00 1.45 1.76
CA VAL A 37 -2.57 1.50 0.43
C VAL A 37 -3.77 2.45 0.42
N THR A 38 -3.67 3.47 -0.40
CA THR A 38 -4.74 4.45 -0.51
C THR A 38 -5.51 4.27 -1.83
N ARG A 39 -4.74 4.09 -2.89
CA ARG A 39 -5.33 3.89 -4.21
C ARG A 39 -6.00 2.52 -4.30
N VAL A 40 -5.18 1.50 -4.38
CA VAL A 40 -5.68 0.14 -4.47
C VAL A 40 -6.14 -0.13 -5.89
N GLU A 41 -5.18 -0.35 -6.77
CA GLU A 41 -5.48 -0.62 -8.18
C GLU A 41 -5.38 -2.12 -8.45
N GLU A 42 -6.21 -2.57 -9.39
CA GLU A 42 -6.23 -3.97 -9.76
C GLU A 42 -5.43 -4.20 -11.05
N GLY A 43 -4.91 -3.10 -11.58
CA GLY A 43 -4.13 -3.16 -12.80
C GLY A 43 -2.89 -4.03 -12.61
N GLY A 44 -2.21 -3.81 -11.50
CA GLY A 44 -1.01 -4.57 -11.18
C GLY A 44 -0.16 -3.84 -10.15
N TRP A 45 -0.24 -2.51 -10.18
CA TRP A 45 0.51 -1.69 -9.26
C TRP A 45 -0.43 -1.23 -8.16
N TRP A 46 0.16 -0.88 -7.01
CA TRP A 46 -0.63 -0.41 -5.88
C TRP A 46 0.01 0.86 -5.35
N GLU A 47 -0.82 1.86 -5.12
CA GLU A 47 -0.36 3.14 -4.61
C GLU A 47 -0.74 3.30 -3.14
N GLY A 48 0.28 3.38 -2.30
CA GLY A 48 0.06 3.52 -0.87
C GLY A 48 0.98 4.61 -0.29
N THR A 49 1.26 4.47 1.00
CA THR A 49 2.12 5.41 1.68
C THR A 49 3.00 4.68 2.71
N LEU A 50 4.29 5.00 2.67
CA LEU A 50 5.23 4.40 3.59
C LEU A 50 5.71 5.44 4.60
N ASN A 51 6.36 4.96 5.65
CA ASN A 51 6.86 5.84 6.69
C ASN A 51 7.55 7.04 6.04
N GLY A 52 6.77 8.10 5.86
CA GLY A 52 7.30 9.32 5.25
C GLY A 52 7.70 9.07 3.80
N ARG A 53 6.94 8.20 3.15
CA ARG A 53 7.20 7.87 1.75
C ARG A 53 5.89 7.79 0.97
N THR A 54 6.03 7.72 -0.35
CA THR A 54 4.87 7.65 -1.22
C THR A 54 5.26 7.07 -2.58
N GLY A 55 4.24 6.68 -3.34
CA GLY A 55 4.47 6.12 -4.66
C GLY A 55 3.65 4.85 -4.86
N TRP A 56 4.08 4.05 -5.83
CA TRP A 56 3.39 2.82 -6.14
C TRP A 56 4.32 1.65 -5.77
N PHE A 57 3.79 0.44 -5.90
CA PHE A 57 4.55 -0.75 -5.58
C PHE A 57 3.71 -2.00 -5.79
N PRO A 58 4.43 -3.16 -5.92
CA PRO A 58 3.76 -4.43 -6.13
C PRO A 58 3.14 -4.94 -4.83
N SER A 59 1.81 -4.88 -4.79
CA SER A 59 1.08 -5.32 -3.62
C SER A 59 1.10 -6.85 -3.53
N ASN A 60 1.13 -7.48 -4.70
CA ASN A 60 1.15 -8.93 -4.78
C ASN A 60 2.40 -9.45 -4.07
N TYR A 61 3.48 -8.68 -4.23
CA TYR A 61 4.75 -9.05 -3.62
C TYR A 61 4.70 -8.90 -2.09
N VAL A 62 4.42 -7.67 -1.67
CA VAL A 62 4.34 -7.38 -0.25
C VAL A 62 3.36 -8.35 0.42
N ARG A 63 3.20 -8.18 1.71
CA ARG A 63 2.30 -9.04 2.48
C ARG A 63 1.18 -8.20 3.11
N GLU A 64 0.00 -8.80 3.18
CA GLU A 64 -1.14 -8.12 3.76
C GLU A 64 -1.26 -8.44 5.24
N ILE A 65 -1.58 -7.41 6.01
CA ILE A 65 -1.72 -7.57 7.45
C ILE A 65 -3.21 -7.56 7.82
N LYS A 66 -3.96 -6.77 7.07
CA LYS A 66 -5.39 -6.65 7.31
C LYS A 66 -6.12 -7.76 6.54
N SER A 67 -6.81 -8.59 7.30
CA SER A 67 -7.56 -9.70 6.69
C SER A 67 -8.91 -9.20 6.19
N SER A 68 -9.38 -8.13 6.81
CA SER A 68 -10.66 -7.54 6.44
C SER A 68 -10.54 -6.87 5.06
N GLU A 69 -9.31 -6.74 4.60
CA GLU A 69 -9.05 -6.12 3.31
C GLU A 69 -8.81 -7.19 2.25
N ARG A 70 -7.92 -8.11 2.58
CA ARG A 70 -7.59 -9.20 1.66
C ARG A 70 -8.86 -9.99 1.30
N SER A 71 -9.73 -10.13 2.29
CA SER A 71 -10.97 -10.86 2.09
C SER A 71 -12.15 -9.88 2.06
N GLY A 72 -11.82 -8.61 1.93
CA GLY A 72 -12.84 -7.57 1.89
C GLY A 72 -13.39 -7.41 0.47
N PRO A 73 -12.91 -6.34 -0.21
CA PRO A 73 -13.35 -6.04 -1.57
C PRO A 73 -12.70 -7.01 -2.56
N SER A 74 -13.55 -7.63 -3.37
CA SER A 74 -13.07 -8.57 -4.37
C SER A 74 -13.98 -8.54 -5.60
N SER A 75 -13.53 -7.80 -6.61
CA SER A 75 -14.30 -7.68 -7.84
C SER A 75 -13.49 -8.23 -9.01
N GLY A 76 -14.16 -9.03 -9.83
CA GLY A 76 -13.51 -9.62 -11.00
C GLY A 76 -14.49 -9.73 -12.17
N GLY A 1 -8.92 21.89 -4.58
CA GLY A 1 -8.61 20.47 -4.46
C GLY A 1 -8.56 20.05 -2.99
N SER A 2 -9.61 19.38 -2.57
CA SER A 2 -9.70 18.91 -1.19
C SER A 2 -9.47 17.40 -1.14
N SER A 3 -10.32 16.68 -1.85
CA SER A 3 -10.22 15.23 -1.90
C SER A 3 -10.74 14.63 -0.58
N GLY A 4 -10.11 15.05 0.50
CA GLY A 4 -10.49 14.56 1.82
C GLY A 4 -9.55 15.11 2.90
N SER A 5 -9.33 14.28 3.92
CA SER A 5 -8.45 14.67 5.01
C SER A 5 -7.70 13.44 5.53
N SER A 6 -8.48 12.47 5.99
CA SER A 6 -7.90 11.24 6.52
C SER A 6 -9.01 10.29 6.98
N GLY A 7 -9.62 9.63 6.01
CA GLY A 7 -10.69 8.70 6.30
C GLY A 7 -11.28 8.12 5.01
N SER A 8 -10.76 6.96 4.64
CA SER A 8 -11.22 6.28 3.43
C SER A 8 -11.23 4.77 3.64
N HIS A 9 -10.07 4.25 4.03
CA HIS A 9 -9.93 2.83 4.27
C HIS A 9 -8.49 2.51 4.67
N GLN A 10 -7.59 2.71 3.72
CA GLN A 10 -6.18 2.46 3.96
C GLN A 10 -5.94 0.95 4.17
N LEU A 11 -4.88 0.47 3.56
CA LEU A 11 -4.53 -0.94 3.67
C LEU A 11 -3.11 -1.07 4.23
N ILE A 12 -3.01 -1.82 5.33
CA ILE A 12 -1.72 -2.02 5.97
C ILE A 12 -1.11 -3.33 5.46
N VAL A 13 -0.02 -3.19 4.71
CA VAL A 13 0.67 -4.35 4.17
C VAL A 13 2.16 -4.23 4.48
N LYS A 14 2.72 -5.34 4.95
CA LYS A 14 4.13 -5.39 5.28
C LYS A 14 4.93 -5.82 4.05
N ALA A 15 5.96 -5.06 3.75
CA ALA A 15 6.81 -5.36 2.61
C ALA A 15 7.24 -6.82 2.66
N ARG A 16 7.64 -7.33 1.50
CA ARG A 16 8.08 -8.71 1.41
C ARG A 16 9.58 -8.82 1.69
N PHE A 17 10.36 -8.20 0.81
CA PHE A 17 11.80 -8.21 0.94
C PHE A 17 12.42 -6.93 0.37
N ASN A 18 13.74 -6.91 0.37
CA ASN A 18 14.47 -5.75 -0.15
C ASN A 18 13.98 -5.44 -1.56
N PHE A 19 13.10 -4.46 -1.64
CA PHE A 19 12.55 -4.06 -2.93
C PHE A 19 13.16 -2.73 -3.39
N LYS A 20 13.35 -2.63 -4.70
CA LYS A 20 13.92 -1.42 -5.28
C LYS A 20 12.86 -0.73 -6.13
N GLN A 21 12.75 0.58 -5.92
CA GLN A 21 11.79 1.38 -6.67
C GLN A 21 12.29 1.66 -8.08
N THR A 22 11.36 1.67 -9.02
CA THR A 22 11.70 1.92 -10.41
C THR A 22 11.97 3.41 -10.64
N ASN A 23 11.44 4.21 -9.73
CA ASN A 23 11.62 5.66 -9.81
C ASN A 23 11.61 6.25 -8.40
N GLU A 24 12.01 7.51 -8.32
CA GLU A 24 12.06 8.20 -7.04
C GLU A 24 10.65 8.58 -6.60
N ASP A 25 9.70 8.35 -7.49
CA ASP A 25 8.31 8.67 -7.21
C ASP A 25 7.61 7.42 -6.67
N GLU A 26 8.08 6.28 -7.12
CA GLU A 26 7.50 5.01 -6.70
C GLU A 26 7.84 4.74 -5.23
N LEU A 27 7.18 3.74 -4.67
CA LEU A 27 7.41 3.36 -3.28
C LEU A 27 8.70 2.54 -3.19
N SER A 28 9.39 2.72 -2.07
CA SER A 28 10.63 2.00 -1.84
C SER A 28 10.62 1.36 -0.45
N VAL A 29 10.57 0.03 -0.46
CA VAL A 29 10.56 -0.72 0.79
C VAL A 29 11.77 -1.65 0.84
N CYS A 30 12.24 -1.90 2.05
CA CYS A 30 13.38 -2.77 2.24
C CYS A 30 12.90 -4.07 2.89
N LYS A 31 12.50 -3.95 4.15
CA LYS A 31 12.01 -5.10 4.90
C LYS A 31 11.37 -4.62 6.20
N GLY A 32 10.18 -5.14 6.46
CA GLY A 32 9.46 -4.79 7.66
C GLY A 32 9.06 -3.31 7.64
N ASP A 33 8.44 -2.91 6.54
CA ASP A 33 8.00 -1.54 6.39
C ASP A 33 6.56 -1.51 5.87
N ILE A 34 5.63 -1.54 6.82
CA ILE A 34 4.22 -1.53 6.48
C ILE A 34 3.92 -0.31 5.61
N ILE A 35 3.14 -0.53 4.57
CA ILE A 35 2.78 0.54 3.66
C ILE A 35 1.26 0.70 3.64
N TYR A 36 0.83 1.95 3.64
CA TYR A 36 -0.60 2.25 3.64
C TYR A 36 -1.11 2.39 2.21
N VAL A 37 -1.94 1.43 1.81
CA VAL A 37 -2.50 1.44 0.48
C VAL A 37 -3.73 2.36 0.45
N THR A 38 -3.66 3.37 -0.40
CA THR A 38 -4.74 4.33 -0.53
C THR A 38 -5.51 4.09 -1.83
N ARG A 39 -4.74 3.88 -2.89
CA ARG A 39 -5.34 3.65 -4.21
C ARG A 39 -5.96 2.26 -4.27
N VAL A 40 -5.09 1.26 -4.35
CA VAL A 40 -5.54 -0.12 -4.40
C VAL A 40 -6.03 -0.42 -5.82
N GLU A 41 -5.07 -0.64 -6.71
CA GLU A 41 -5.39 -0.94 -8.10
C GLU A 41 -5.23 -2.44 -8.36
N GLU A 42 -6.01 -2.93 -9.31
CA GLU A 42 -5.97 -4.33 -9.67
C GLU A 42 -5.13 -4.53 -10.95
N GLY A 43 -4.67 -3.41 -11.49
CA GLY A 43 -3.87 -3.44 -12.70
C GLY A 43 -2.60 -4.25 -12.49
N GLY A 44 -1.95 -4.00 -11.37
CA GLY A 44 -0.72 -4.70 -11.03
C GLY A 44 0.10 -3.91 -10.00
N TRP A 45 -0.03 -2.60 -10.07
CA TRP A 45 0.68 -1.73 -9.15
C TRP A 45 -0.29 -1.27 -8.06
N TRP A 46 0.27 -0.94 -6.91
CA TRP A 46 -0.54 -0.49 -5.80
C TRP A 46 0.07 0.82 -5.26
N GLU A 47 -0.78 1.82 -5.11
CA GLU A 47 -0.35 3.11 -4.62
C GLU A 47 -0.70 3.25 -3.13
N GLY A 48 0.34 3.30 -2.32
CA GLY A 48 0.17 3.44 -0.88
C GLY A 48 1.06 4.54 -0.31
N THR A 49 1.40 4.39 0.96
CA THR A 49 2.25 5.37 1.62
C THR A 49 3.10 4.68 2.70
N LEU A 50 4.38 5.02 2.70
CA LEU A 50 5.30 4.45 3.67
C LEU A 50 5.76 5.55 4.63
N ASN A 51 6.42 5.12 5.70
CA ASN A 51 6.92 6.04 6.70
C ASN A 51 7.63 7.20 6.00
N GLY A 52 6.86 8.26 5.74
CA GLY A 52 7.40 9.44 5.10
C GLY A 52 7.70 9.15 3.62
N ARG A 53 6.95 8.22 3.07
CA ARG A 53 7.12 7.84 1.67
C ARG A 53 5.76 7.67 0.99
N THR A 54 5.77 7.80 -0.32
CA THR A 54 4.55 7.66 -1.11
C THR A 54 4.87 7.30 -2.55
N GLY A 55 4.00 6.49 -3.14
CA GLY A 55 4.19 6.08 -4.52
C GLY A 55 3.48 4.74 -4.79
N TRP A 56 3.94 4.07 -5.82
CA TRP A 56 3.36 2.78 -6.20
C TRP A 56 4.37 1.69 -5.85
N PHE A 57 3.90 0.46 -5.91
CA PHE A 57 4.75 -0.68 -5.60
C PHE A 57 4.03 -2.00 -5.89
N PRO A 58 4.83 -3.09 -6.02
CA PRO A 58 4.27 -4.40 -6.29
C PRO A 58 3.64 -4.99 -5.02
N SER A 59 2.37 -5.36 -5.16
CA SER A 59 1.63 -5.94 -4.05
C SER A 59 1.76 -7.47 -4.07
N ASN A 60 1.88 -8.00 -5.27
CA ASN A 60 2.02 -9.44 -5.44
C ASN A 60 2.92 -10.00 -4.34
N TYR A 61 3.92 -9.20 -3.98
CA TYR A 61 4.85 -9.60 -2.94
C TYR A 61 4.45 -9.03 -1.58
N VAL A 62 4.31 -7.71 -1.54
CA VAL A 62 3.94 -7.03 -0.32
C VAL A 62 2.79 -7.80 0.35
N ARG A 63 3.06 -8.28 1.55
CA ARG A 63 2.08 -9.03 2.30
C ARG A 63 1.13 -8.07 3.03
N GLU A 64 -0.14 -8.44 3.05
CA GLU A 64 -1.15 -7.63 3.70
C GLU A 64 -1.28 -8.03 5.17
N ILE A 65 -1.59 -7.05 6.00
CA ILE A 65 -1.75 -7.29 7.43
C ILE A 65 -3.24 -7.23 7.78
N LYS A 66 -3.85 -6.11 7.45
CA LYS A 66 -5.26 -5.92 7.73
C LYS A 66 -6.05 -7.13 7.23
N SER A 67 -6.72 -7.78 8.16
CA SER A 67 -7.51 -8.96 7.83
C SER A 67 -8.94 -8.54 7.46
N SER A 68 -9.28 -7.32 7.83
CA SER A 68 -10.60 -6.79 7.54
C SER A 68 -10.62 -6.15 6.15
N GLU A 69 -9.42 -6.03 5.58
CA GLU A 69 -9.29 -5.43 4.26
C GLU A 69 -9.25 -6.53 3.19
N ARG A 70 -8.86 -7.72 3.62
CA ARG A 70 -8.77 -8.85 2.71
C ARG A 70 -10.16 -9.22 2.20
N SER A 71 -11.14 -9.08 3.07
CA SER A 71 -12.51 -9.40 2.71
C SER A 71 -13.31 -8.11 2.51
N GLY A 72 -12.59 -7.00 2.43
CA GLY A 72 -13.20 -5.71 2.24
C GLY A 72 -13.73 -5.55 0.81
N PRO A 73 -12.92 -4.87 -0.04
CA PRO A 73 -13.29 -4.65 -1.42
C PRO A 73 -13.12 -5.92 -2.24
N SER A 74 -14.24 -6.39 -2.78
CA SER A 74 -14.24 -7.60 -3.59
C SER A 74 -13.04 -7.58 -4.55
N SER A 75 -12.09 -8.45 -4.28
CA SER A 75 -10.90 -8.54 -5.10
C SER A 75 -11.30 -8.64 -6.58
N GLY A 76 -12.01 -9.70 -6.90
CA GLY A 76 -12.46 -9.92 -8.27
C GLY A 76 -11.27 -10.11 -9.21
N GLY A 1 -6.71 25.77 8.30
CA GLY A 1 -6.58 25.08 7.02
C GLY A 1 -7.20 23.69 7.08
N SER A 2 -6.90 22.89 6.07
CA SER A 2 -7.43 21.54 5.99
C SER A 2 -6.65 20.73 4.96
N SER A 3 -6.19 19.55 5.39
CA SER A 3 -5.43 18.68 4.52
C SER A 3 -6.37 17.90 3.61
N GLY A 4 -5.82 17.46 2.49
CA GLY A 4 -6.60 16.70 1.52
C GLY A 4 -6.45 15.19 1.76
N SER A 5 -7.13 14.42 0.92
CA SER A 5 -7.08 12.98 1.02
C SER A 5 -7.53 12.34 -0.29
N SER A 6 -7.29 11.04 -0.40
CA SER A 6 -7.66 10.30 -1.59
C SER A 6 -8.00 8.86 -1.23
N GLY A 7 -8.60 8.16 -2.19
CA GLY A 7 -8.97 6.77 -1.99
C GLY A 7 -9.97 6.63 -0.84
N SER A 8 -10.05 5.43 -0.30
CA SER A 8 -10.96 5.16 0.80
C SER A 8 -10.45 3.97 1.61
N HIS A 9 -10.26 4.21 2.89
CA HIS A 9 -9.78 3.16 3.79
C HIS A 9 -8.35 2.78 3.40
N GLN A 10 -7.46 2.85 4.39
CA GLN A 10 -6.07 2.51 4.15
C GLN A 10 -5.85 1.00 4.36
N LEU A 11 -4.89 0.47 3.62
CA LEU A 11 -4.57 -0.95 3.71
C LEU A 11 -3.18 -1.11 4.31
N ILE A 12 -3.15 -1.77 5.47
CA ILE A 12 -1.90 -2.00 6.17
C ILE A 12 -1.23 -3.25 5.59
N VAL A 13 -0.16 -3.02 4.85
CA VAL A 13 0.57 -4.12 4.24
C VAL A 13 2.06 -4.01 4.62
N LYS A 14 2.68 -5.16 4.81
CA LYS A 14 4.08 -5.21 5.17
C LYS A 14 4.90 -5.70 3.97
N ALA A 15 6.06 -5.09 3.81
CA ALA A 15 6.94 -5.46 2.71
C ALA A 15 7.30 -6.94 2.82
N ARG A 16 7.94 -7.44 1.77
CA ARG A 16 8.35 -8.84 1.73
C ARG A 16 9.87 -8.95 1.86
N PHE A 17 10.55 -8.31 0.91
CA PHE A 17 12.01 -8.34 0.90
C PHE A 17 12.57 -7.01 0.37
N ASN A 18 13.86 -6.84 0.57
CA ASN A 18 14.54 -5.64 0.12
C ASN A 18 14.17 -5.36 -1.33
N PHE A 19 13.14 -4.54 -1.51
CA PHE A 19 12.68 -4.18 -2.83
C PHE A 19 13.26 -2.84 -3.28
N LYS A 20 13.52 -2.74 -4.58
CA LYS A 20 14.07 -1.52 -5.14
C LYS A 20 13.01 -0.85 -6.02
N GLN A 21 12.81 0.44 -5.76
CA GLN A 21 11.84 1.22 -6.51
C GLN A 21 12.34 1.47 -7.93
N THR A 22 11.43 1.42 -8.88
CA THR A 22 11.77 1.65 -10.27
C THR A 22 12.00 3.14 -10.52
N ASN A 23 11.47 3.96 -9.61
CA ASN A 23 11.63 5.40 -9.73
C ASN A 23 11.59 6.02 -8.33
N GLU A 24 12.03 7.27 -8.27
CA GLU A 24 12.05 7.98 -7.00
C GLU A 24 10.64 8.41 -6.61
N ASP A 25 9.72 8.23 -7.55
CA ASP A 25 8.33 8.60 -7.31
C ASP A 25 7.55 7.36 -6.84
N GLU A 26 8.18 6.21 -7.04
CA GLU A 26 7.57 4.94 -6.64
C GLU A 26 7.88 4.64 -5.18
N LEU A 27 7.15 3.67 -4.64
CA LEU A 27 7.34 3.26 -3.26
C LEU A 27 8.58 2.38 -3.16
N SER A 28 9.50 2.79 -2.30
CA SER A 28 10.73 2.05 -2.10
C SER A 28 10.77 1.47 -0.69
N VAL A 29 10.52 0.17 -0.60
CA VAL A 29 10.53 -0.51 0.67
C VAL A 29 11.78 -1.40 0.77
N CYS A 30 12.02 -1.89 1.98
CA CYS A 30 13.17 -2.74 2.22
C CYS A 30 12.70 -3.99 2.98
N LYS A 31 12.20 -3.75 4.19
CA LYS A 31 11.72 -4.84 5.02
C LYS A 31 11.12 -4.27 6.30
N GLY A 32 10.02 -4.87 6.72
CA GLY A 32 9.33 -4.44 7.92
C GLY A 32 9.21 -2.91 7.97
N ASP A 33 8.54 -2.37 6.96
CA ASP A 33 8.34 -0.93 6.86
C ASP A 33 6.85 -0.61 7.00
N ILE A 34 6.04 -1.49 6.44
CA ILE A 34 4.60 -1.32 6.49
C ILE A 34 4.21 -0.17 5.54
N ILE A 35 3.42 -0.52 4.53
CA ILE A 35 2.96 0.45 3.57
C ILE A 35 1.43 0.54 3.61
N TYR A 36 0.95 1.77 3.58
CA TYR A 36 -0.49 2.00 3.61
C TYR A 36 -1.05 2.23 2.22
N VAL A 37 -1.83 1.27 1.76
CA VAL A 37 -2.43 1.35 0.43
C VAL A 37 -3.63 2.31 0.48
N THR A 38 -3.56 3.34 -0.35
CA THR A 38 -4.62 4.32 -0.42
C THR A 38 -5.44 4.14 -1.70
N ARG A 39 -4.73 3.95 -2.79
CA ARG A 39 -5.37 3.76 -4.08
C ARG A 39 -6.02 2.38 -4.16
N VAL A 40 -5.17 1.37 -4.30
CA VAL A 40 -5.64 0.00 -4.39
C VAL A 40 -6.15 -0.27 -5.82
N GLU A 41 -5.20 -0.47 -6.72
CA GLU A 41 -5.54 -0.74 -8.10
C GLU A 41 -5.36 -2.22 -8.42
N GLU A 42 -6.16 -2.70 -9.37
CA GLU A 42 -6.10 -4.09 -9.77
C GLU A 42 -5.29 -4.24 -11.06
N GLY A 43 -4.89 -3.09 -11.60
CA GLY A 43 -4.11 -3.09 -12.83
C GLY A 43 -2.87 -3.96 -12.70
N GLY A 44 -2.16 -3.78 -11.60
CA GLY A 44 -0.95 -4.54 -11.35
C GLY A 44 -0.11 -3.88 -10.26
N TRP A 45 -0.15 -2.56 -10.24
CA TRP A 45 0.61 -1.80 -9.25
C TRP A 45 -0.36 -1.36 -8.15
N TRP A 46 0.22 -0.95 -7.04
CA TRP A 46 -0.57 -0.51 -5.90
C TRP A 46 0.07 0.77 -5.35
N GLU A 47 -0.78 1.76 -5.10
CA GLU A 47 -0.31 3.03 -4.57
C GLU A 47 -0.68 3.15 -3.09
N GLY A 48 0.36 3.22 -2.26
CA GLY A 48 0.15 3.34 -0.83
C GLY A 48 1.02 4.46 -0.25
N THR A 49 1.37 4.30 1.02
CA THR A 49 2.18 5.29 1.70
C THR A 49 3.08 4.60 2.74
N LEU A 50 4.35 5.00 2.73
CA LEU A 50 5.31 4.43 3.66
C LEU A 50 5.76 5.52 4.64
N ASN A 51 6.44 5.09 5.69
CA ASN A 51 6.93 6.00 6.70
C ASN A 51 7.58 7.21 6.02
N GLY A 52 6.79 8.25 5.81
CA GLY A 52 7.28 9.45 5.17
C GLY A 52 7.62 9.20 3.70
N ARG A 53 6.88 8.28 3.11
CA ARG A 53 7.09 7.92 1.72
C ARG A 53 5.75 7.74 1.01
N THR A 54 5.80 7.85 -0.32
CA THR A 54 4.61 7.70 -1.12
C THR A 54 4.97 7.31 -2.56
N GLY A 55 4.09 6.52 -3.16
CA GLY A 55 4.31 6.08 -4.53
C GLY A 55 3.56 4.76 -4.80
N TRP A 56 3.98 4.10 -5.86
CA TRP A 56 3.37 2.84 -6.25
C TRP A 56 4.35 1.71 -5.93
N PHE A 57 3.83 0.50 -5.89
CA PHE A 57 4.64 -0.67 -5.60
C PHE A 57 3.86 -1.96 -5.84
N PRO A 58 4.62 -3.08 -5.97
CA PRO A 58 4.01 -4.38 -6.21
C PRO A 58 3.37 -4.92 -4.92
N SER A 59 2.06 -5.04 -4.96
CA SER A 59 1.32 -5.54 -3.80
C SER A 59 1.42 -7.07 -3.75
N ASN A 60 1.84 -7.64 -4.86
CA ASN A 60 1.98 -9.09 -4.97
C ASN A 60 3.20 -9.53 -4.16
N TYR A 61 4.22 -8.68 -4.19
CA TYR A 61 5.45 -8.98 -3.46
C TYR A 61 5.24 -8.88 -1.95
N VAL A 62 4.91 -7.67 -1.52
CA VAL A 62 4.68 -7.43 -0.10
C VAL A 62 3.53 -8.30 0.39
N ARG A 63 3.19 -8.14 1.65
CA ARG A 63 2.11 -8.91 2.25
C ARG A 63 1.13 -7.99 2.97
N GLU A 64 -0.12 -8.42 3.02
CA GLU A 64 -1.16 -7.65 3.69
C GLU A 64 -1.31 -8.08 5.14
N ILE A 65 -1.79 -7.15 5.95
CA ILE A 65 -1.99 -7.43 7.37
C ILE A 65 -3.48 -7.49 7.67
N LYS A 66 -4.15 -6.37 7.43
CA LYS A 66 -5.58 -6.27 7.68
C LYS A 66 -6.26 -7.52 7.11
N SER A 67 -7.11 -8.12 7.93
CA SER A 67 -7.84 -9.31 7.53
C SER A 67 -9.21 -8.93 6.96
N SER A 68 -9.57 -7.66 7.19
CA SER A 68 -10.85 -7.16 6.70
C SER A 68 -10.66 -6.49 5.34
N GLU A 69 -9.40 -6.32 4.97
CA GLU A 69 -9.07 -5.70 3.70
C GLU A 69 -9.02 -6.75 2.58
N ARG A 70 -8.47 -7.90 2.93
CA ARG A 70 -8.37 -8.99 1.97
C ARG A 70 -9.75 -9.49 1.57
N SER A 71 -10.69 -9.34 2.49
CA SER A 71 -12.05 -9.77 2.24
C SER A 71 -12.81 -8.70 1.46
N GLY A 72 -12.08 -7.65 1.08
CA GLY A 72 -12.65 -6.56 0.33
C GLY A 72 -12.88 -5.34 1.24
N PRO A 73 -12.56 -4.14 0.68
CA PRO A 73 -12.73 -2.91 1.41
C PRO A 73 -14.20 -2.51 1.50
N SER A 74 -14.88 -3.06 2.49
CA SER A 74 -16.29 -2.77 2.69
C SER A 74 -16.66 -2.96 4.16
N SER A 75 -17.38 -1.98 4.69
CA SER A 75 -17.81 -2.03 6.08
C SER A 75 -19.26 -1.54 6.20
N GLY A 76 -19.46 -0.32 5.74
CA GLY A 76 -20.79 0.29 5.79
C GLY A 76 -20.70 1.81 5.69
N GLY A 1 -6.42 25.16 4.02
CA GLY A 1 -5.87 24.14 3.14
C GLY A 1 -6.57 22.79 3.36
N SER A 2 -7.47 22.47 2.45
CA SER A 2 -8.21 21.21 2.54
C SER A 2 -8.64 20.77 1.15
N SER A 3 -9.42 21.62 0.49
CA SER A 3 -9.90 21.32 -0.84
C SER A 3 -11.00 20.25 -0.77
N GLY A 4 -10.58 19.05 -0.39
CA GLY A 4 -11.52 17.94 -0.29
C GLY A 4 -10.82 16.61 -0.58
N SER A 5 -11.39 15.55 -0.04
CA SER A 5 -10.84 14.22 -0.23
C SER A 5 -11.95 13.17 -0.13
N SER A 6 -12.43 12.76 -1.30
CA SER A 6 -13.49 11.77 -1.37
C SER A 6 -12.89 10.37 -1.40
N GLY A 7 -13.08 9.64 -0.31
CA GLY A 7 -12.56 8.29 -0.21
C GLY A 7 -11.06 8.30 0.08
N SER A 8 -10.69 7.64 1.17
CA SER A 8 -9.30 7.57 1.56
C SER A 8 -8.80 6.12 1.45
N HIS A 9 -9.38 5.27 2.27
CA HIS A 9 -9.00 3.86 2.27
C HIS A 9 -7.53 3.72 2.70
N GLN A 10 -7.31 2.78 3.62
CA GLN A 10 -5.97 2.54 4.12
C GLN A 10 -5.76 1.04 4.34
N LEU A 11 -4.80 0.49 3.59
CA LEU A 11 -4.49 -0.92 3.70
C LEU A 11 -3.09 -1.08 4.28
N ILE A 12 -3.02 -1.79 5.40
CA ILE A 12 -1.75 -2.03 6.06
C ILE A 12 -1.13 -3.33 5.52
N VAL A 13 -0.04 -3.16 4.79
CA VAL A 13 0.66 -4.30 4.22
C VAL A 13 2.16 -4.14 4.43
N LYS A 14 2.80 -5.25 4.77
CA LYS A 14 4.24 -5.25 5.00
C LYS A 14 4.95 -5.76 3.76
N ALA A 15 6.08 -5.14 3.46
CA ALA A 15 6.86 -5.53 2.30
C ALA A 15 7.23 -7.01 2.41
N ARG A 16 7.91 -7.50 1.39
CA ARG A 16 8.32 -8.90 1.36
C ARG A 16 9.84 -9.00 1.47
N PHE A 17 10.51 -8.29 0.57
CA PHE A 17 11.97 -8.30 0.56
C PHE A 17 12.52 -6.95 0.10
N ASN A 18 13.84 -6.83 0.15
CA ASN A 18 14.50 -5.60 -0.26
C ASN A 18 14.12 -5.28 -1.71
N PHE A 19 13.11 -4.44 -1.84
CA PHE A 19 12.64 -4.04 -3.16
C PHE A 19 13.28 -2.72 -3.60
N LYS A 20 13.35 -2.53 -4.91
CA LYS A 20 13.94 -1.32 -5.46
C LYS A 20 12.88 -0.58 -6.29
N GLN A 21 12.79 0.71 -6.04
CA GLN A 21 11.82 1.54 -6.74
C GLN A 21 12.37 1.92 -8.12
N THR A 22 11.47 1.92 -9.09
CA THR A 22 11.84 2.27 -10.46
C THR A 22 12.10 3.77 -10.58
N ASN A 23 11.61 4.50 -9.58
CA ASN A 23 11.78 5.94 -9.57
C ASN A 23 11.47 6.48 -8.17
N GLU A 24 12.08 7.60 -7.85
CA GLU A 24 11.88 8.23 -6.55
C GLU A 24 10.39 8.51 -6.32
N ASP A 25 9.64 8.48 -7.42
CA ASP A 25 8.21 8.74 -7.35
C ASP A 25 7.51 7.49 -6.83
N GLU A 26 8.04 6.33 -7.19
CA GLU A 26 7.47 5.07 -6.75
C GLU A 26 7.85 4.78 -5.30
N LEU A 27 7.23 3.75 -4.76
CA LEU A 27 7.47 3.37 -3.38
C LEU A 27 8.79 2.59 -3.30
N SER A 28 9.56 2.91 -2.27
CA SER A 28 10.84 2.24 -2.07
C SER A 28 10.86 1.52 -0.73
N VAL A 29 10.47 0.25 -0.76
CA VAL A 29 10.42 -0.56 0.43
C VAL A 29 11.59 -1.54 0.41
N CYS A 30 12.12 -1.80 1.60
CA CYS A 30 13.25 -2.72 1.73
C CYS A 30 12.75 -3.97 2.47
N LYS A 31 12.67 -3.84 3.79
CA LYS A 31 12.23 -4.94 4.61
C LYS A 31 11.59 -4.39 5.89
N GLY A 32 10.46 -4.99 6.26
CA GLY A 32 9.74 -4.57 7.45
C GLY A 32 9.38 -3.08 7.38
N ASP A 33 8.57 -2.75 6.38
CA ASP A 33 8.14 -1.37 6.19
C ASP A 33 6.66 -1.36 5.82
N ILE A 34 5.82 -1.26 6.85
CA ILE A 34 4.38 -1.24 6.64
C ILE A 34 4.03 -0.09 5.70
N ILE A 35 3.25 -0.42 4.68
CA ILE A 35 2.83 0.58 3.71
C ILE A 35 1.31 0.70 3.72
N TYR A 36 0.83 1.92 3.61
CA TYR A 36 -0.59 2.18 3.61
C TYR A 36 -1.12 2.36 2.18
N VAL A 37 -1.92 1.40 1.75
CA VAL A 37 -2.49 1.43 0.42
C VAL A 37 -3.71 2.35 0.41
N THR A 38 -3.64 3.37 -0.43
CA THR A 38 -4.73 4.33 -0.53
C THR A 38 -5.51 4.11 -1.83
N ARG A 39 -4.77 3.89 -2.90
CA ARG A 39 -5.37 3.67 -4.21
C ARG A 39 -5.99 2.27 -4.27
N VAL A 40 -5.13 1.28 -4.35
CA VAL A 40 -5.58 -0.11 -4.42
C VAL A 40 -6.06 -0.41 -5.84
N GLU A 41 -5.10 -0.63 -6.72
CA GLU A 41 -5.41 -0.93 -8.11
C GLU A 41 -5.23 -2.42 -8.38
N GLU A 42 -6.02 -2.92 -9.32
CA GLU A 42 -5.95 -4.34 -9.68
C GLU A 42 -5.14 -4.51 -10.96
N GLY A 43 -4.72 -3.39 -11.52
CA GLY A 43 -3.94 -3.41 -12.75
C GLY A 43 -2.66 -4.24 -12.57
N GLY A 44 -2.00 -3.99 -11.44
CA GLY A 44 -0.77 -4.70 -11.14
C GLY A 44 0.06 -3.94 -10.11
N TRP A 45 -0.06 -2.62 -10.15
CA TRP A 45 0.67 -1.77 -9.23
C TRP A 45 -0.31 -1.34 -8.12
N TRP A 46 0.27 -0.95 -6.99
CA TRP A 46 -0.52 -0.51 -5.85
C TRP A 46 0.08 0.78 -5.33
N GLU A 47 -0.77 1.77 -5.13
CA GLU A 47 -0.33 3.06 -4.63
C GLU A 47 -0.70 3.21 -3.15
N GLY A 48 0.32 3.34 -2.32
CA GLY A 48 0.12 3.48 -0.90
C GLY A 48 1.03 4.57 -0.32
N THR A 49 1.31 4.44 0.97
CA THR A 49 2.16 5.40 1.65
C THR A 49 3.03 4.69 2.69
N LEU A 50 4.32 5.00 2.63
CA LEU A 50 5.27 4.40 3.55
C LEU A 50 5.69 5.45 4.59
N ASN A 51 6.37 4.98 5.63
CA ASN A 51 6.84 5.85 6.68
C ASN A 51 7.48 7.10 6.05
N GLY A 52 6.65 8.12 5.89
CA GLY A 52 7.11 9.37 5.31
C GLY A 52 7.50 9.17 3.84
N ARG A 53 6.80 8.27 3.18
CA ARG A 53 7.05 7.99 1.79
C ARG A 53 5.73 7.86 1.02
N THR A 54 5.84 7.86 -0.29
CA THR A 54 4.67 7.75 -1.15
C THR A 54 5.08 7.28 -2.56
N GLY A 55 4.15 6.59 -3.20
CA GLY A 55 4.40 6.09 -4.54
C GLY A 55 3.68 4.76 -4.77
N TRP A 56 3.99 4.14 -5.90
CA TRP A 56 3.37 2.87 -6.24
C TRP A 56 4.37 1.76 -5.90
N PHE A 57 3.83 0.54 -5.83
CA PHE A 57 4.66 -0.62 -5.50
C PHE A 57 3.89 -1.91 -5.74
N PRO A 58 4.67 -3.03 -5.84
CA PRO A 58 4.08 -4.34 -6.06
C PRO A 58 3.43 -4.87 -4.79
N SER A 59 2.11 -4.96 -4.84
CA SER A 59 1.35 -5.46 -3.70
C SER A 59 1.38 -6.98 -3.68
N ASN A 60 1.37 -7.56 -4.86
CA ASN A 60 1.38 -9.01 -5.00
C ASN A 60 2.54 -9.58 -4.17
N TYR A 61 3.67 -8.89 -4.24
CA TYR A 61 4.85 -9.32 -3.50
C TYR A 61 4.65 -9.14 -1.99
N VAL A 62 4.44 -7.89 -1.60
CA VAL A 62 4.23 -7.58 -0.19
C VAL A 62 3.04 -8.38 0.33
N ARG A 63 2.99 -8.52 1.64
CA ARG A 63 1.92 -9.25 2.29
C ARG A 63 1.02 -8.31 3.07
N GLU A 64 -0.24 -8.71 3.22
CA GLU A 64 -1.20 -7.91 3.95
C GLU A 64 -1.21 -8.28 5.43
N ILE A 65 -1.53 -7.31 6.26
CA ILE A 65 -1.56 -7.52 7.70
C ILE A 65 -3.02 -7.46 8.18
N LYS A 66 -3.77 -6.56 7.57
CA LYS A 66 -5.17 -6.40 7.93
C LYS A 66 -6.03 -7.31 7.05
N SER A 67 -6.46 -8.41 7.64
CA SER A 67 -7.29 -9.36 6.92
C SER A 67 -8.68 -8.79 6.69
N SER A 68 -9.02 -7.80 7.51
CA SER A 68 -10.32 -7.16 7.41
C SER A 68 -10.34 -6.21 6.22
N GLU A 69 -9.17 -6.00 5.64
CA GLU A 69 -9.04 -5.12 4.49
C GLU A 69 -9.32 -5.89 3.20
N ARG A 70 -8.62 -7.00 3.04
CA ARG A 70 -8.79 -7.83 1.86
C ARG A 70 -10.25 -8.25 1.71
N SER A 71 -10.94 -8.30 2.83
CA SER A 71 -12.35 -8.68 2.84
C SER A 71 -13.23 -7.43 2.82
N GLY A 72 -12.58 -6.29 2.63
CA GLY A 72 -13.29 -5.03 2.59
C GLY A 72 -12.55 -4.01 1.72
N PRO A 73 -12.52 -4.30 0.39
CA PRO A 73 -11.85 -3.41 -0.55
C PRO A 73 -12.68 -2.16 -0.81
N SER A 74 -13.99 -2.35 -0.89
CA SER A 74 -14.90 -1.25 -1.14
C SER A 74 -16.07 -1.31 -0.15
N SER A 75 -16.43 -0.15 0.36
CA SER A 75 -17.53 -0.07 1.31
C SER A 75 -18.76 -0.78 0.75
N GLY A 76 -19.26 -1.73 1.52
CA GLY A 76 -20.43 -2.50 1.12
C GLY A 76 -20.35 -3.93 1.64
N GLY A 1 3.63 15.77 13.19
CA GLY A 1 3.86 14.48 13.81
C GLY A 1 2.65 13.57 13.63
N SER A 2 2.43 13.17 12.38
CA SER A 2 1.32 12.29 12.05
C SER A 2 1.72 11.36 10.91
N SER A 3 1.41 10.08 11.10
CA SER A 3 1.72 9.08 10.10
C SER A 3 0.44 8.50 9.52
N GLY A 4 0.59 7.81 8.40
CA GLY A 4 -0.55 7.19 7.73
C GLY A 4 -1.69 8.19 7.58
N SER A 5 -1.51 9.12 6.66
CA SER A 5 -2.52 10.14 6.41
C SER A 5 -2.51 10.52 4.91
N SER A 6 -3.58 10.13 4.24
CA SER A 6 -3.72 10.43 2.82
C SER A 6 -5.10 11.02 2.54
N GLY A 7 -6.12 10.25 2.87
CA GLY A 7 -7.49 10.69 2.65
C GLY A 7 -8.49 9.63 3.14
N SER A 8 -8.85 8.74 2.24
CA SER A 8 -9.80 7.69 2.58
C SER A 8 -9.18 6.32 2.26
N HIS A 9 -9.74 5.30 2.89
CA HIS A 9 -9.26 3.95 2.69
C HIS A 9 -7.80 3.85 3.14
N GLN A 10 -7.44 2.68 3.66
CA GLN A 10 -6.09 2.44 4.12
C GLN A 10 -5.84 0.95 4.31
N LEU A 11 -4.83 0.45 3.61
CA LEU A 11 -4.48 -0.95 3.70
C LEU A 11 -3.07 -1.09 4.25
N ILE A 12 -2.98 -1.75 5.39
CA ILE A 12 -1.69 -1.97 6.04
C ILE A 12 -1.05 -3.25 5.49
N VAL A 13 -0.07 -3.06 4.62
CA VAL A 13 0.62 -4.18 4.02
C VAL A 13 2.12 -4.07 4.31
N LYS A 14 2.73 -5.20 4.61
CA LYS A 14 4.15 -5.24 4.91
C LYS A 14 4.91 -5.74 3.69
N ALA A 15 6.10 -5.20 3.50
CA ALA A 15 6.94 -5.58 2.36
C ALA A 15 7.45 -7.00 2.59
N ARG A 16 7.90 -7.61 1.50
CA ARG A 16 8.42 -8.96 1.55
C ARG A 16 9.91 -8.95 1.92
N PHE A 17 10.69 -8.33 1.04
CA PHE A 17 12.12 -8.23 1.26
C PHE A 17 12.69 -6.96 0.64
N ASN A 18 13.97 -6.75 0.86
CA ASN A 18 14.65 -5.58 0.33
C ASN A 18 14.19 -5.34 -1.11
N PHE A 19 13.22 -4.46 -1.25
CA PHE A 19 12.68 -4.13 -2.56
C PHE A 19 13.22 -2.79 -3.05
N LYS A 20 13.46 -2.73 -4.36
CA LYS A 20 13.98 -1.52 -4.96
C LYS A 20 12.92 -0.92 -5.88
N GLN A 21 12.82 0.41 -5.83
CA GLN A 21 11.84 1.11 -6.65
C GLN A 21 12.44 1.45 -8.01
N THR A 22 11.59 1.39 -9.03
CA THR A 22 12.01 1.70 -10.38
C THR A 22 12.26 3.20 -10.55
N ASN A 23 11.68 3.97 -9.63
CA ASN A 23 11.82 5.40 -9.66
C ASN A 23 11.66 5.97 -8.25
N GLU A 24 12.26 7.13 -8.04
CA GLU A 24 12.18 7.78 -6.74
C GLU A 24 10.74 8.23 -6.45
N ASP A 25 9.91 8.13 -7.47
CA ASP A 25 8.52 8.52 -7.34
C ASP A 25 7.72 7.34 -6.79
N GLU A 26 8.14 6.14 -7.17
CA GLU A 26 7.48 4.93 -6.72
C GLU A 26 7.76 4.69 -5.23
N LEU A 27 7.24 3.58 -4.74
CA LEU A 27 7.42 3.22 -3.35
C LEU A 27 8.65 2.33 -3.21
N SER A 28 9.53 2.71 -2.29
CA SER A 28 10.75 1.96 -2.06
C SER A 28 10.73 1.36 -0.65
N VAL A 29 10.49 0.06 -0.60
CA VAL A 29 10.45 -0.64 0.67
C VAL A 29 11.64 -1.58 0.77
N CYS A 30 12.08 -1.80 2.01
CA CYS A 30 13.22 -2.67 2.26
C CYS A 30 12.70 -3.95 2.92
N LYS A 31 12.59 -3.89 4.23
CA LYS A 31 12.11 -5.03 5.00
C LYS A 31 11.42 -4.52 6.27
N GLY A 32 10.22 -5.03 6.50
CA GLY A 32 9.45 -4.64 7.66
C GLY A 32 9.08 -3.17 7.61
N ASP A 33 8.34 -2.81 6.58
CA ASP A 33 7.90 -1.43 6.40
C ASP A 33 6.45 -1.41 5.95
N ILE A 34 5.56 -1.36 6.94
CA ILE A 34 4.13 -1.34 6.67
C ILE A 34 3.81 -0.16 5.76
N ILE A 35 3.05 -0.45 4.71
CA ILE A 35 2.67 0.58 3.76
C ILE A 35 1.14 0.71 3.74
N TYR A 36 0.68 1.95 3.69
CA TYR A 36 -0.75 2.21 3.66
C TYR A 36 -1.24 2.39 2.23
N VAL A 37 -2.02 1.41 1.78
CA VAL A 37 -2.57 1.44 0.43
C VAL A 37 -3.81 2.33 0.42
N THR A 38 -3.76 3.35 -0.44
CA THR A 38 -4.87 4.27 -0.56
C THR A 38 -5.63 4.02 -1.87
N ARG A 39 -4.86 3.85 -2.93
CA ARG A 39 -5.44 3.61 -4.25
C ARG A 39 -6.04 2.21 -4.31
N VAL A 40 -5.15 1.22 -4.38
CA VAL A 40 -5.57 -0.17 -4.44
C VAL A 40 -6.04 -0.49 -5.86
N GLU A 41 -5.07 -0.69 -6.74
CA GLU A 41 -5.38 -1.00 -8.12
C GLU A 41 -5.16 -2.49 -8.39
N GLU A 42 -5.93 -3.01 -9.34
CA GLU A 42 -5.83 -4.42 -9.69
C GLU A 42 -5.02 -4.58 -10.98
N GLY A 43 -4.54 -3.45 -11.49
CA GLY A 43 -3.75 -3.46 -12.70
C GLY A 43 -2.45 -4.25 -12.51
N GLY A 44 -1.80 -3.98 -11.38
CA GLY A 44 -0.56 -4.66 -11.05
C GLY A 44 0.23 -3.89 -10.00
N TRP A 45 0.09 -2.58 -10.05
CA TRP A 45 0.79 -1.71 -9.11
C TRP A 45 -0.22 -1.30 -8.03
N TRP A 46 0.32 -0.93 -6.88
CA TRP A 46 -0.50 -0.51 -5.76
C TRP A 46 0.09 0.78 -5.19
N GLU A 47 -0.76 1.79 -5.07
CA GLU A 47 -0.33 3.07 -4.54
C GLU A 47 -0.70 3.18 -3.06
N GLY A 48 0.32 3.33 -2.24
CA GLY A 48 0.12 3.44 -0.80
C GLY A 48 0.99 4.56 -0.21
N THR A 49 1.19 4.48 1.09
CA THR A 49 2.00 5.47 1.78
C THR A 49 2.88 4.80 2.82
N LEU A 50 4.18 5.10 2.74
CA LEU A 50 5.14 4.53 3.68
C LEU A 50 5.67 5.63 4.59
N ASN A 51 6.36 5.21 5.64
CA ASN A 51 6.92 6.15 6.59
C ASN A 51 7.59 7.30 5.83
N GLY A 52 6.82 8.34 5.61
CA GLY A 52 7.32 9.51 4.90
C GLY A 52 7.80 9.13 3.50
N ARG A 53 7.05 8.24 2.86
CA ARG A 53 7.38 7.79 1.53
C ARG A 53 6.11 7.38 0.78
N THR A 54 5.86 8.06 -0.32
CA THR A 54 4.69 7.77 -1.14
C THR A 54 5.12 7.30 -2.53
N GLY A 55 4.24 6.52 -3.15
CA GLY A 55 4.51 5.99 -4.48
C GLY A 55 3.76 4.69 -4.71
N TRP A 56 4.00 4.09 -5.87
CA TRP A 56 3.36 2.84 -6.22
C TRP A 56 4.33 1.70 -5.89
N PHE A 57 3.80 0.48 -5.93
CA PHE A 57 4.59 -0.69 -5.64
C PHE A 57 3.77 -1.98 -5.79
N PRO A 58 4.49 -3.11 -5.94
CA PRO A 58 3.84 -4.40 -6.10
C PRO A 58 3.27 -4.89 -4.77
N SER A 59 1.98 -5.18 -4.79
CA SER A 59 1.30 -5.66 -3.60
C SER A 59 1.40 -7.19 -3.52
N ASN A 60 1.29 -7.81 -4.67
CA ASN A 60 1.36 -9.27 -4.75
C ASN A 60 2.61 -9.75 -4.00
N TYR A 61 3.64 -8.93 -4.05
CA TYR A 61 4.89 -9.25 -3.39
C TYR A 61 4.80 -9.00 -1.88
N VAL A 62 4.41 -7.77 -1.54
CA VAL A 62 4.27 -7.40 -0.15
C VAL A 62 3.10 -8.18 0.48
N ARG A 63 3.23 -8.44 1.77
CA ARG A 63 2.21 -9.18 2.49
C ARG A 63 1.12 -8.21 2.98
N GLU A 64 -0.05 -8.79 3.25
CA GLU A 64 -1.17 -7.99 3.72
C GLU A 64 -1.46 -8.31 5.18
N ILE A 65 -1.74 -7.26 5.95
CA ILE A 65 -2.04 -7.41 7.36
C ILE A 65 -3.55 -7.35 7.56
N LYS A 66 -4.13 -6.23 7.15
CA LYS A 66 -5.56 -6.03 7.29
C LYS A 66 -6.30 -7.30 6.82
N SER A 67 -7.07 -7.85 7.74
CA SER A 67 -7.83 -9.05 7.44
C SER A 67 -9.23 -8.69 6.93
N SER A 68 -9.57 -7.41 7.09
CA SER A 68 -10.86 -6.93 6.65
C SER A 68 -10.75 -6.32 5.25
N GLU A 69 -9.51 -6.18 4.80
CA GLU A 69 -9.24 -5.63 3.49
C GLU A 69 -9.04 -6.75 2.47
N ARG A 70 -8.40 -7.82 2.92
CA ARG A 70 -8.14 -8.96 2.06
C ARG A 70 -9.46 -9.59 1.61
N SER A 71 -10.35 -9.77 2.57
CA SER A 71 -11.65 -10.37 2.28
C SER A 71 -12.68 -9.27 2.02
N GLY A 72 -12.17 -8.06 1.85
CA GLY A 72 -13.03 -6.91 1.60
C GLY A 72 -13.27 -6.73 0.10
N PRO A 73 -12.80 -5.56 -0.42
CA PRO A 73 -12.95 -5.26 -1.83
C PRO A 73 -11.98 -6.07 -2.68
N SER A 74 -12.36 -6.28 -3.94
CA SER A 74 -11.53 -7.03 -4.86
C SER A 74 -11.32 -8.45 -4.32
N SER A 75 -11.86 -9.41 -5.06
CA SER A 75 -11.73 -10.81 -4.68
C SER A 75 -10.38 -11.36 -5.13
N GLY A 76 -9.48 -11.48 -4.18
CA GLY A 76 -8.15 -11.99 -4.47
C GLY A 76 -7.07 -11.10 -3.84
N GLY A 1 -9.79 19.76 6.32
CA GLY A 1 -10.48 18.97 7.32
C GLY A 1 -11.03 17.67 6.70
N SER A 2 -12.35 17.60 6.65
CA SER A 2 -13.02 16.44 6.09
C SER A 2 -12.69 15.19 6.93
N SER A 3 -13.40 15.08 8.04
CA SER A 3 -13.21 13.94 8.94
C SER A 3 -14.55 13.55 9.57
N GLY A 4 -15.31 12.75 8.83
CA GLY A 4 -16.59 12.29 9.31
C GLY A 4 -16.53 10.83 9.76
N SER A 5 -15.83 10.63 10.87
CA SER A 5 -15.69 9.28 11.42
C SER A 5 -15.47 8.28 10.28
N SER A 6 -14.21 8.16 9.87
CA SER A 6 -13.87 7.25 8.79
C SER A 6 -13.86 5.81 9.32
N GLY A 7 -13.85 4.87 8.38
CA GLY A 7 -13.84 3.46 8.73
C GLY A 7 -12.50 2.82 8.40
N SER A 8 -12.38 2.36 7.17
CA SER A 8 -11.15 1.73 6.72
C SER A 8 -10.93 2.01 5.23
N HIS A 9 -9.88 2.77 4.95
CA HIS A 9 -9.54 3.11 3.59
C HIS A 9 -8.11 2.69 3.28
N GLN A 10 -7.23 2.95 4.25
CA GLN A 10 -5.83 2.60 4.09
C GLN A 10 -5.61 1.11 4.36
N LEU A 11 -4.79 0.50 3.53
CA LEU A 11 -4.50 -0.91 3.67
C LEU A 11 -3.09 -1.08 4.25
N ILE A 12 -3.03 -1.78 5.37
CA ILE A 12 -1.77 -2.02 6.04
C ILE A 12 -1.14 -3.31 5.50
N VAL A 13 -0.06 -3.14 4.75
CA VAL A 13 0.63 -4.27 4.16
C VAL A 13 2.13 -4.12 4.39
N LYS A 14 2.75 -5.22 4.81
CA LYS A 14 4.18 -5.23 5.08
C LYS A 14 4.92 -5.71 3.83
N ALA A 15 6.05 -5.07 3.57
CA ALA A 15 6.86 -5.42 2.42
C ALA A 15 7.42 -6.84 2.61
N ARG A 16 7.87 -7.42 1.50
CA ARG A 16 8.42 -8.76 1.53
C ARG A 16 9.94 -8.71 1.78
N PHE A 17 10.62 -8.02 0.88
CA PHE A 17 12.06 -7.89 0.99
C PHE A 17 12.53 -6.55 0.41
N ASN A 18 13.85 -6.43 0.27
CA ASN A 18 14.44 -5.22 -0.27
C ASN A 18 13.83 -4.93 -1.65
N PHE A 19 13.19 -3.77 -1.75
CA PHE A 19 12.57 -3.38 -2.99
C PHE A 19 13.07 -1.99 -3.43
N LYS A 20 13.65 -1.96 -4.62
CA LYS A 20 14.17 -0.72 -5.17
C LYS A 20 13.13 -0.11 -6.11
N GLN A 21 13.01 1.22 -6.03
CA GLN A 21 12.06 1.93 -6.86
C GLN A 21 12.68 2.24 -8.23
N THR A 22 11.83 2.27 -9.23
CA THR A 22 12.28 2.55 -10.58
C THR A 22 12.51 4.05 -10.77
N ASN A 23 11.89 4.82 -9.89
CA ASN A 23 12.01 6.27 -9.94
C ASN A 23 11.50 6.87 -8.63
N GLU A 24 11.70 8.17 -8.50
CA GLU A 24 11.27 8.88 -7.30
C GLU A 24 9.74 8.98 -7.28
N ASP A 25 9.14 8.69 -8.42
CA ASP A 25 7.69 8.75 -8.53
C ASP A 25 7.09 7.50 -7.89
N GLU A 26 7.87 6.44 -7.89
CA GLU A 26 7.42 5.17 -7.32
C GLU A 26 7.83 5.08 -5.85
N LEU A 27 7.20 4.16 -5.14
CA LEU A 27 7.50 3.95 -3.74
C LEU A 27 8.75 3.08 -3.61
N SER A 28 9.27 3.04 -2.39
CA SER A 28 10.46 2.25 -2.11
C SER A 28 10.38 1.65 -0.71
N VAL A 29 10.70 0.37 -0.62
CA VAL A 29 10.67 -0.32 0.65
C VAL A 29 11.85 -1.29 0.73
N CYS A 30 12.36 -1.46 1.95
CA CYS A 30 13.48 -2.34 2.17
C CYS A 30 12.96 -3.63 2.82
N LYS A 31 12.70 -3.53 4.11
CA LYS A 31 12.19 -4.68 4.86
C LYS A 31 11.46 -4.18 6.10
N GLY A 32 10.43 -4.93 6.47
CA GLY A 32 9.64 -4.57 7.63
C GLY A 32 9.25 -3.10 7.62
N ASP A 33 8.48 -2.73 6.60
CA ASP A 33 8.04 -1.36 6.43
C ASP A 33 6.56 -1.35 6.03
N ILE A 34 5.70 -1.35 7.03
CA ILE A 34 4.26 -1.34 6.79
C ILE A 34 3.92 -0.17 5.86
N ILE A 35 3.17 -0.49 4.82
CA ILE A 35 2.76 0.52 3.85
C ILE A 35 1.24 0.67 3.89
N TYR A 36 0.79 1.88 3.60
CA TYR A 36 -0.63 2.18 3.59
C TYR A 36 -1.15 2.36 2.16
N VAL A 37 -1.97 1.40 1.74
CA VAL A 37 -2.54 1.45 0.41
C VAL A 37 -3.77 2.36 0.41
N THR A 38 -3.70 3.39 -0.41
CA THR A 38 -4.80 4.34 -0.51
C THR A 38 -5.56 4.14 -1.82
N ARG A 39 -4.80 3.99 -2.89
CA ARG A 39 -5.39 3.79 -4.21
C ARG A 39 -6.05 2.40 -4.29
N VAL A 40 -5.20 1.39 -4.39
CA VAL A 40 -5.68 0.02 -4.49
C VAL A 40 -6.16 -0.25 -5.91
N GLU A 41 -5.21 -0.46 -6.79
CA GLU A 41 -5.52 -0.74 -8.18
C GLU A 41 -5.33 -2.23 -8.49
N GLU A 42 -6.13 -2.71 -9.44
CA GLU A 42 -6.07 -4.10 -9.83
C GLU A 42 -5.26 -4.25 -11.12
N GLY A 43 -4.80 -3.12 -11.63
CA GLY A 43 -4.03 -3.12 -12.85
C GLY A 43 -2.75 -3.96 -12.70
N GLY A 44 -2.07 -3.74 -11.58
CA GLY A 44 -0.84 -4.47 -11.31
C GLY A 44 -0.02 -3.77 -10.23
N TRP A 45 -0.13 -2.44 -10.21
CA TRP A 45 0.59 -1.64 -9.24
C TRP A 45 -0.38 -1.25 -8.13
N TRP A 46 0.18 -0.86 -7.00
CA TRP A 46 -0.62 -0.45 -5.85
C TRP A 46 -0.01 0.82 -5.27
N GLU A 47 -0.84 1.86 -5.20
CA GLU A 47 -0.39 3.13 -4.66
C GLU A 47 -0.76 3.24 -3.18
N GLY A 48 0.26 3.45 -2.36
CA GLY A 48 0.06 3.57 -0.93
C GLY A 48 0.97 4.65 -0.34
N THR A 49 1.24 4.52 0.95
CA THR A 49 2.09 5.47 1.64
C THR A 49 2.94 4.74 2.70
N LEU A 50 4.23 5.07 2.70
CA LEU A 50 5.15 4.47 3.64
C LEU A 50 5.61 5.53 4.65
N ASN A 51 6.25 5.06 5.71
CA ASN A 51 6.73 5.95 6.74
C ASN A 51 7.46 7.13 6.09
N GLY A 52 6.71 8.19 5.87
CA GLY A 52 7.25 9.39 5.25
C GLY A 52 7.66 9.13 3.81
N ARG A 53 6.94 8.21 3.18
CA ARG A 53 7.21 7.85 1.80
C ARG A 53 5.91 7.74 1.01
N THR A 54 6.06 7.66 -0.30
CA THR A 54 4.90 7.55 -1.18
C THR A 54 5.31 6.98 -2.53
N GLY A 55 4.30 6.66 -3.34
CA GLY A 55 4.55 6.11 -4.66
C GLY A 55 3.74 4.82 -4.87
N TRP A 56 4.02 4.17 -5.99
CA TRP A 56 3.32 2.94 -6.32
C TRP A 56 4.26 1.77 -6.01
N PHE A 57 3.66 0.61 -5.78
CA PHE A 57 4.42 -0.59 -5.46
C PHE A 57 3.58 -1.85 -5.66
N PRO A 58 4.29 -3.00 -5.77
CA PRO A 58 3.62 -4.28 -5.95
C PRO A 58 2.97 -4.75 -4.65
N SER A 59 1.69 -5.07 -4.75
CA SER A 59 0.95 -5.55 -3.59
C SER A 59 1.13 -7.06 -3.43
N ASN A 60 1.22 -7.73 -4.56
CA ASN A 60 1.40 -9.18 -4.56
C ASN A 60 2.71 -9.53 -3.84
N TYR A 61 3.71 -8.70 -4.07
CA TYR A 61 5.01 -8.92 -3.46
C TYR A 61 4.92 -8.78 -1.94
N VAL A 62 4.48 -7.60 -1.50
CA VAL A 62 4.34 -7.33 -0.09
C VAL A 62 3.23 -8.21 0.50
N ARG A 63 3.25 -8.35 1.82
CA ARG A 63 2.26 -9.16 2.50
C ARG A 63 1.16 -8.26 3.08
N GLU A 64 -0.01 -8.87 3.26
CA GLU A 64 -1.14 -8.14 3.81
C GLU A 64 -1.30 -8.45 5.29
N ILE A 65 -1.60 -7.41 6.06
CA ILE A 65 -1.79 -7.56 7.49
C ILE A 65 -3.28 -7.54 7.81
N LYS A 66 -4.00 -6.72 7.06
CA LYS A 66 -5.44 -6.60 7.25
C LYS A 66 -6.15 -7.74 6.52
N SER A 67 -6.68 -8.67 7.31
CA SER A 67 -7.38 -9.81 6.74
C SER A 67 -8.77 -9.39 6.29
N SER A 68 -9.25 -8.29 6.85
CA SER A 68 -10.56 -7.77 6.49
C SER A 68 -10.51 -7.13 5.10
N GLU A 69 -9.30 -6.99 4.59
CA GLU A 69 -9.11 -6.39 3.28
C GLU A 69 -8.90 -7.49 2.23
N ARG A 70 -7.93 -8.35 2.50
CA ARG A 70 -7.63 -9.44 1.59
C ARG A 70 -8.87 -10.29 1.34
N SER A 71 -9.63 -10.51 2.40
CA SER A 71 -10.83 -11.30 2.32
C SER A 71 -11.90 -10.54 1.54
N GLY A 72 -11.58 -9.29 1.22
CA GLY A 72 -12.50 -8.45 0.48
C GLY A 72 -12.65 -7.08 1.14
N PRO A 73 -12.42 -6.01 0.33
CA PRO A 73 -12.53 -4.65 0.84
C PRO A 73 -13.99 -4.25 1.01
N SER A 74 -14.23 -3.39 1.99
CA SER A 74 -15.58 -2.92 2.26
C SER A 74 -16.41 -4.05 2.86
N SER A 75 -16.55 -5.12 2.08
CA SER A 75 -17.33 -6.26 2.51
C SER A 75 -16.92 -6.67 3.93
N GLY A 76 -15.62 -6.91 4.10
CA GLY A 76 -15.09 -7.30 5.39
C GLY A 76 -15.14 -6.12 6.38
N GLY A 1 -6.26 16.97 13.09
CA GLY A 1 -6.05 17.65 11.82
C GLY A 1 -6.57 16.80 10.66
N SER A 2 -7.22 17.47 9.72
CA SER A 2 -7.77 16.79 8.56
C SER A 2 -7.19 17.40 7.28
N SER A 3 -6.48 16.56 6.53
CA SER A 3 -5.88 17.01 5.29
C SER A 3 -5.30 15.80 4.53
N GLY A 4 -6.14 15.22 3.70
CA GLY A 4 -5.74 14.06 2.92
C GLY A 4 -6.82 13.67 1.92
N SER A 5 -6.87 12.38 1.60
CA SER A 5 -7.84 11.86 0.67
C SER A 5 -9.18 11.61 1.38
N SER A 6 -10.26 11.75 0.62
CA SER A 6 -11.58 11.55 1.17
C SER A 6 -12.26 10.36 0.47
N GLY A 7 -12.89 9.52 1.27
CA GLY A 7 -13.58 8.36 0.73
C GLY A 7 -12.58 7.29 0.27
N SER A 8 -11.98 6.62 1.25
CA SER A 8 -11.01 5.58 0.96
C SER A 8 -10.55 4.92 2.26
N HIS A 9 -10.15 3.67 2.13
CA HIS A 9 -9.67 2.91 3.29
C HIS A 9 -8.19 2.60 3.12
N GLN A 10 -7.45 2.80 4.20
CA GLN A 10 -6.03 2.54 4.20
C GLN A 10 -5.75 1.06 4.42
N LEU A 11 -4.91 0.49 3.56
CA LEU A 11 -4.57 -0.91 3.66
C LEU A 11 -3.16 -1.04 4.24
N ILE A 12 -3.08 -1.75 5.36
CA ILE A 12 -1.80 -1.96 6.02
C ILE A 12 -1.17 -3.25 5.50
N VAL A 13 -0.16 -3.08 4.66
CA VAL A 13 0.53 -4.22 4.08
C VAL A 13 2.03 -4.10 4.39
N LYS A 14 2.63 -5.25 4.67
CA LYS A 14 4.05 -5.29 4.99
C LYS A 14 4.84 -5.67 3.73
N ALA A 15 6.06 -5.17 3.67
CA ALA A 15 6.92 -5.45 2.53
C ALA A 15 7.36 -6.91 2.57
N ARG A 16 7.59 -7.46 1.39
CA ARG A 16 8.01 -8.85 1.28
C ARG A 16 9.53 -8.94 1.20
N PHE A 17 10.11 -8.08 0.37
CA PHE A 17 11.54 -8.05 0.19
C PHE A 17 12.03 -6.63 -0.13
N ASN A 18 13.33 -6.51 -0.29
CA ASN A 18 13.94 -5.23 -0.60
C ASN A 18 13.54 -4.81 -2.02
N PHE A 19 12.66 -3.81 -2.09
CA PHE A 19 12.20 -3.33 -3.37
C PHE A 19 12.99 -2.08 -3.80
N LYS A 20 13.12 -1.93 -5.11
CA LYS A 20 13.85 -0.80 -5.66
C LYS A 20 12.89 0.07 -6.48
N GLN A 21 12.83 1.34 -6.12
CA GLN A 21 11.96 2.28 -6.80
C GLN A 21 12.62 2.75 -8.11
N THR A 22 11.77 3.02 -9.09
CA THR A 22 12.25 3.47 -10.39
C THR A 22 12.33 4.99 -10.43
N ASN A 23 11.57 5.61 -9.54
CA ASN A 23 11.54 7.06 -9.47
C ASN A 23 11.17 7.48 -8.05
N GLU A 24 11.22 8.79 -7.82
CA GLU A 24 10.88 9.34 -6.51
C GLU A 24 9.37 9.25 -6.26
N ASP A 25 8.63 9.15 -7.36
CA ASP A 25 7.19 9.06 -7.28
C ASP A 25 6.78 7.60 -7.03
N GLU A 26 7.80 6.76 -6.90
CA GLU A 26 7.57 5.35 -6.66
C GLU A 26 7.83 5.01 -5.18
N LEU A 27 7.06 4.04 -4.69
CA LEU A 27 7.20 3.63 -3.31
C LEU A 27 8.44 2.74 -3.17
N SER A 28 9.38 3.22 -2.38
CA SER A 28 10.62 2.48 -2.15
C SER A 28 10.55 1.75 -0.80
N VAL A 29 10.31 0.45 -0.88
CA VAL A 29 10.22 -0.36 0.31
C VAL A 29 11.46 -1.26 0.40
N CYS A 30 11.77 -1.66 1.62
CA CYS A 30 12.92 -2.51 1.86
C CYS A 30 12.43 -3.81 2.50
N LYS A 31 12.46 -3.82 3.83
CA LYS A 31 12.01 -4.99 4.57
C LYS A 31 11.33 -4.54 5.86
N GLY A 32 10.30 -5.28 6.24
CA GLY A 32 9.55 -4.97 7.44
C GLY A 32 9.19 -3.49 7.49
N ASP A 33 8.38 -3.07 6.53
CA ASP A 33 7.95 -1.69 6.45
C ASP A 33 6.48 -1.62 6.02
N ILE A 34 5.61 -1.57 7.01
CA ILE A 34 4.18 -1.51 6.76
C ILE A 34 3.88 -0.31 5.85
N ILE A 35 3.15 -0.60 4.78
CA ILE A 35 2.80 0.44 3.83
C ILE A 35 1.27 0.60 3.81
N TYR A 36 0.85 1.86 3.74
CA TYR A 36 -0.58 2.16 3.71
C TYR A 36 -1.07 2.34 2.28
N VAL A 37 -1.89 1.39 1.85
CA VAL A 37 -2.44 1.42 0.51
C VAL A 37 -3.68 2.32 0.49
N THR A 38 -3.60 3.37 -0.32
CA THR A 38 -4.70 4.31 -0.44
C THR A 38 -5.42 4.13 -1.78
N ARG A 39 -4.63 3.99 -2.83
CA ARG A 39 -5.16 3.82 -4.16
C ARG A 39 -5.83 2.44 -4.29
N VAL A 40 -5.00 1.42 -4.31
CA VAL A 40 -5.49 0.05 -4.43
C VAL A 40 -6.00 -0.18 -5.85
N GLU A 41 -5.07 -0.43 -6.76
CA GLU A 41 -5.41 -0.67 -8.14
C GLU A 41 -5.32 -2.16 -8.46
N GLU A 42 -6.13 -2.59 -9.42
CA GLU A 42 -6.16 -3.98 -9.82
C GLU A 42 -5.35 -4.18 -11.10
N GLY A 43 -4.87 -3.06 -11.64
CA GLY A 43 -4.08 -3.09 -12.86
C GLY A 43 -2.82 -3.95 -12.67
N GLY A 44 -2.16 -3.74 -11.54
CA GLY A 44 -0.94 -4.49 -11.24
C GLY A 44 -0.10 -3.75 -10.21
N TRP A 45 -0.19 -2.43 -10.23
CA TRP A 45 0.55 -1.61 -9.30
C TRP A 45 -0.40 -1.17 -8.19
N TRP A 46 0.19 -0.88 -7.03
CA TRP A 46 -0.59 -0.46 -5.88
C TRP A 46 0.06 0.81 -5.31
N GLU A 47 -0.77 1.80 -5.08
CA GLU A 47 -0.29 3.07 -4.54
C GLU A 47 -0.67 3.18 -3.06
N GLY A 48 0.35 3.38 -2.24
CA GLY A 48 0.15 3.52 -0.81
C GLY A 48 1.02 4.63 -0.23
N THR A 49 1.36 4.48 1.05
CA THR A 49 2.19 5.46 1.73
C THR A 49 3.07 4.77 2.77
N LEU A 50 4.36 5.08 2.70
CA LEU A 50 5.31 4.50 3.63
C LEU A 50 5.82 5.59 4.58
N ASN A 51 6.49 5.15 5.63
CA ASN A 51 7.02 6.07 6.62
C ASN A 51 7.72 7.24 5.91
N GLY A 52 6.95 8.29 5.67
CA GLY A 52 7.47 9.46 5.00
C GLY A 52 7.78 9.16 3.53
N ARG A 53 7.00 8.24 2.98
CA ARG A 53 7.17 7.87 1.58
C ARG A 53 5.82 7.68 0.92
N THR A 54 5.82 7.77 -0.41
CA THR A 54 4.60 7.62 -1.18
C THR A 54 4.92 7.26 -2.64
N GLY A 55 4.00 6.54 -3.25
CA GLY A 55 4.18 6.12 -4.63
C GLY A 55 3.42 4.82 -4.91
N TRP A 56 4.01 4.02 -5.79
CA TRP A 56 3.40 2.74 -6.15
C TRP A 56 4.43 1.65 -5.91
N PHE A 57 3.94 0.43 -5.76
CA PHE A 57 4.80 -0.71 -5.52
C PHE A 57 4.07 -2.02 -5.83
N PRO A 58 4.89 -3.10 -6.00
CA PRO A 58 4.34 -4.41 -6.29
C PRO A 58 3.71 -5.04 -5.05
N SER A 59 2.41 -5.25 -5.12
CA SER A 59 1.68 -5.84 -4.02
C SER A 59 1.74 -7.37 -4.10
N ASN A 60 1.69 -7.87 -5.32
CA ASN A 60 1.75 -9.30 -5.56
C ASN A 60 2.76 -9.93 -4.60
N TYR A 61 3.77 -9.14 -4.25
CA TYR A 61 4.80 -9.61 -3.35
C TYR A 61 4.52 -9.16 -1.91
N VAL A 62 4.31 -7.86 -1.76
CA VAL A 62 4.03 -7.29 -0.45
C VAL A 62 3.00 -8.17 0.27
N ARG A 63 3.13 -8.21 1.59
CA ARG A 63 2.22 -9.00 2.40
C ARG A 63 1.13 -8.10 3.01
N GLU A 64 -0.05 -8.68 3.13
CA GLU A 64 -1.18 -7.95 3.69
C GLU A 64 -1.40 -8.35 5.14
N ILE A 65 -1.67 -7.36 5.97
CA ILE A 65 -1.90 -7.60 7.39
C ILE A 65 -3.40 -7.50 7.67
N LYS A 66 -3.95 -6.34 7.38
CA LYS A 66 -5.37 -6.10 7.59
C LYS A 66 -6.17 -7.30 7.09
N SER A 67 -7.01 -7.82 7.97
CA SER A 67 -7.84 -8.97 7.63
C SER A 67 -9.20 -8.51 7.13
N SER A 68 -9.51 -7.26 7.43
CA SER A 68 -10.78 -6.68 7.02
C SER A 68 -10.60 -5.89 5.72
N GLU A 69 -9.35 -5.73 5.32
CA GLU A 69 -9.02 -5.01 4.11
C GLU A 69 -9.93 -5.47 2.96
N ARG A 70 -10.23 -6.76 2.98
CA ARG A 70 -11.08 -7.34 1.95
C ARG A 70 -12.43 -6.63 1.92
N SER A 71 -12.92 -6.29 3.10
CA SER A 71 -14.20 -5.61 3.22
C SER A 71 -13.98 -4.12 3.46
N GLY A 72 -12.74 -3.69 3.24
CA GLY A 72 -12.38 -2.29 3.42
C GLY A 72 -12.77 -1.47 2.20
N PRO A 73 -11.73 -1.14 1.38
CA PRO A 73 -11.95 -0.36 0.18
C PRO A 73 -12.61 -1.20 -0.92
N SER A 74 -13.83 -1.63 -0.64
CA SER A 74 -14.56 -2.45 -1.59
C SER A 74 -16.07 -2.25 -1.39
N SER A 75 -16.75 -1.95 -2.49
CA SER A 75 -18.18 -1.73 -2.45
C SER A 75 -18.84 -2.37 -3.67
N GLY A 76 -19.38 -3.55 -3.47
CA GLY A 76 -20.05 -4.27 -4.54
C GLY A 76 -21.57 -4.25 -4.37
N GLY A 1 -5.59 19.94 -4.87
CA GLY A 1 -6.36 20.43 -3.73
C GLY A 1 -6.98 19.27 -2.95
N SER A 2 -7.85 19.63 -2.03
CA SER A 2 -8.52 18.64 -1.19
C SER A 2 -9.76 19.26 -0.54
N SER A 3 -10.90 19.03 -1.17
CA SER A 3 -12.15 19.55 -0.65
C SER A 3 -13.32 18.72 -1.18
N GLY A 4 -14.20 18.35 -0.27
CA GLY A 4 -15.36 17.55 -0.63
C GLY A 4 -15.42 16.26 0.19
N SER A 5 -14.73 15.24 -0.31
CA SER A 5 -14.70 13.96 0.36
C SER A 5 -13.47 13.17 -0.08
N SER A 6 -13.20 12.09 0.64
CA SER A 6 -12.06 11.25 0.33
C SER A 6 -12.41 9.78 0.61
N GLY A 7 -12.75 9.52 1.86
CA GLY A 7 -13.10 8.16 2.27
C GLY A 7 -11.95 7.51 3.05
N SER A 8 -12.13 6.24 3.34
CA SER A 8 -11.12 5.48 4.08
C SER A 8 -10.93 4.11 3.43
N HIS A 9 -9.69 3.85 3.03
CA HIS A 9 -9.36 2.58 2.40
C HIS A 9 -7.90 2.23 2.68
N GLN A 10 -7.38 2.84 3.75
CA GLN A 10 -6.00 2.60 4.13
C GLN A 10 -5.76 1.11 4.37
N LEU A 11 -4.89 0.54 3.53
CA LEU A 11 -4.57 -0.87 3.63
C LEU A 11 -3.17 -1.02 4.24
N ILE A 12 -3.12 -1.72 5.36
CA ILE A 12 -1.85 -1.94 6.04
C ILE A 12 -1.22 -3.24 5.52
N VAL A 13 -0.14 -3.07 4.78
CA VAL A 13 0.56 -4.22 4.21
C VAL A 13 2.06 -4.06 4.47
N LYS A 14 2.70 -5.18 4.77
CA LYS A 14 4.13 -5.18 5.03
C LYS A 14 4.87 -5.61 3.77
N ALA A 15 5.98 -4.94 3.52
CA ALA A 15 6.80 -5.24 2.35
C ALA A 15 7.18 -6.72 2.36
N ARG A 16 7.63 -7.20 1.21
CA ARG A 16 8.03 -8.58 1.08
C ARG A 16 9.55 -8.72 1.25
N PHE A 17 10.27 -8.04 0.36
CA PHE A 17 11.71 -8.08 0.40
C PHE A 17 12.31 -6.76 -0.11
N ASN A 18 13.63 -6.74 -0.20
CA ASN A 18 14.33 -5.55 -0.66
C ASN A 18 13.81 -5.17 -2.05
N PHE A 19 13.02 -4.11 -2.07
CA PHE A 19 12.45 -3.62 -3.32
C PHE A 19 12.98 -2.24 -3.66
N LYS A 20 13.42 -2.08 -4.90
CA LYS A 20 13.95 -0.81 -5.36
C LYS A 20 12.92 -0.15 -6.27
N GLN A 21 12.83 1.17 -6.14
CA GLN A 21 11.89 1.94 -6.94
C GLN A 21 12.50 2.25 -8.32
N THR A 22 11.64 2.23 -9.33
CA THR A 22 12.07 2.50 -10.69
C THR A 22 12.31 4.00 -10.89
N ASN A 23 11.76 4.78 -9.95
CA ASN A 23 11.92 6.22 -10.01
C ASN A 23 11.36 6.84 -8.72
N GLU A 24 11.75 8.08 -8.49
CA GLU A 24 11.31 8.79 -7.30
C GLU A 24 9.79 8.96 -7.32
N ASP A 25 9.21 8.68 -8.48
CA ASP A 25 7.78 8.80 -8.65
C ASP A 25 7.09 7.61 -7.97
N GLU A 26 7.74 6.46 -8.07
CA GLU A 26 7.21 5.24 -7.47
C GLU A 26 7.65 5.14 -6.01
N LEU A 27 7.12 4.12 -5.34
CA LEU A 27 7.45 3.90 -3.94
C LEU A 27 8.69 3.01 -3.86
N SER A 28 9.19 2.86 -2.64
CA SER A 28 10.37 2.05 -2.41
C SER A 28 10.33 1.48 -0.99
N VAL A 29 10.53 0.16 -0.91
CA VAL A 29 10.53 -0.52 0.37
C VAL A 29 11.69 -1.52 0.42
N CYS A 30 12.07 -1.87 1.64
CA CYS A 30 13.15 -2.81 1.84
C CYS A 30 12.60 -4.06 2.51
N LYS A 31 12.48 -3.99 3.82
CA LYS A 31 11.96 -5.11 4.60
C LYS A 31 11.38 -4.59 5.91
N GLY A 32 10.22 -5.15 6.27
CA GLY A 32 9.55 -4.75 7.49
C GLY A 32 9.20 -3.26 7.46
N ASP A 33 8.36 -2.90 6.51
CA ASP A 33 7.94 -1.51 6.37
C ASP A 33 6.46 -1.47 5.95
N ILE A 34 5.60 -1.38 6.95
CA ILE A 34 4.17 -1.33 6.69
C ILE A 34 3.86 -0.16 5.76
N ILE A 35 3.07 -0.45 4.75
CA ILE A 35 2.69 0.56 3.77
C ILE A 35 1.17 0.70 3.74
N TYR A 36 0.72 1.94 3.64
CA TYR A 36 -0.71 2.23 3.62
C TYR A 36 -1.20 2.39 2.17
N VAL A 37 -2.00 1.42 1.74
CA VAL A 37 -2.54 1.45 0.39
C VAL A 37 -3.79 2.32 0.36
N THR A 38 -3.72 3.38 -0.43
CA THR A 38 -4.83 4.30 -0.56
C THR A 38 -5.53 4.13 -1.90
N ARG A 39 -4.71 4.03 -2.95
CA ARG A 39 -5.23 3.86 -4.29
C ARG A 39 -5.91 2.50 -4.43
N VAL A 40 -5.09 1.45 -4.41
CA VAL A 40 -5.60 0.10 -4.53
C VAL A 40 -6.08 -0.14 -5.95
N GLU A 41 -5.12 -0.35 -6.85
CA GLU A 41 -5.44 -0.59 -8.24
C GLU A 41 -5.23 -2.06 -8.60
N GLU A 42 -6.27 -2.66 -9.16
CA GLU A 42 -6.20 -4.06 -9.55
C GLU A 42 -5.48 -4.20 -10.89
N GLY A 43 -5.04 -3.07 -11.41
CA GLY A 43 -4.33 -3.06 -12.68
C GLY A 43 -3.05 -3.89 -12.61
N GLY A 44 -2.30 -3.65 -11.54
CA GLY A 44 -1.05 -4.36 -11.33
C GLY A 44 -0.19 -3.67 -10.27
N TRP A 45 -0.26 -2.34 -10.27
CA TRP A 45 0.49 -1.55 -9.32
C TRP A 45 -0.45 -1.14 -8.20
N TRP A 46 0.15 -0.82 -7.06
CA TRP A 46 -0.62 -0.40 -5.90
C TRP A 46 0.03 0.86 -5.33
N GLU A 47 -0.81 1.88 -5.13
CA GLU A 47 -0.33 3.14 -4.59
C GLU A 47 -0.70 3.27 -3.12
N GLY A 48 0.31 3.44 -2.30
CA GLY A 48 0.11 3.57 -0.87
C GLY A 48 1.05 4.62 -0.27
N THR A 49 1.21 4.55 1.04
CA THR A 49 2.08 5.48 1.74
C THR A 49 2.94 4.74 2.78
N LEU A 50 4.25 4.94 2.67
CA LEU A 50 5.18 4.30 3.58
C LEU A 50 5.66 5.32 4.61
N ASN A 51 6.31 4.82 5.64
CA ASN A 51 6.83 5.66 6.70
C ASN A 51 7.56 6.85 6.07
N GLY A 52 6.81 7.92 5.85
CA GLY A 52 7.38 9.13 5.26
C GLY A 52 7.73 8.90 3.79
N ARG A 53 7.03 7.96 3.18
CA ARG A 53 7.26 7.64 1.79
C ARG A 53 5.93 7.52 1.04
N THR A 54 6.02 7.51 -0.28
CA THR A 54 4.84 7.40 -1.12
C THR A 54 5.22 6.91 -2.52
N GLY A 55 4.20 6.58 -3.29
CA GLY A 55 4.41 6.10 -4.65
C GLY A 55 3.60 4.84 -4.92
N TRP A 56 3.99 4.14 -5.98
CA TRP A 56 3.32 2.91 -6.36
C TRP A 56 4.28 1.75 -6.14
N PHE A 57 3.72 0.60 -5.79
CA PHE A 57 4.51 -0.59 -5.55
C PHE A 57 3.70 -1.86 -5.82
N PRO A 58 4.45 -2.98 -6.05
CA PRO A 58 3.80 -4.25 -6.31
C PRO A 58 3.23 -4.86 -5.03
N SER A 59 1.95 -5.17 -5.08
CA SER A 59 1.27 -5.75 -3.94
C SER A 59 1.31 -7.28 -4.02
N ASN A 60 1.42 -7.77 -5.25
CA ASN A 60 1.48 -9.20 -5.49
C ASN A 60 2.49 -9.83 -4.53
N TYR A 61 3.52 -9.07 -4.22
CA TYR A 61 4.57 -9.54 -3.32
C TYR A 61 4.31 -9.05 -1.90
N VAL A 62 4.16 -7.74 -1.75
CA VAL A 62 3.91 -7.14 -0.46
C VAL A 62 2.96 -8.04 0.34
N ARG A 63 3.27 -8.18 1.62
CA ARG A 63 2.45 -9.00 2.50
C ARG A 63 1.33 -8.16 3.12
N GLU A 64 0.18 -8.80 3.26
CA GLU A 64 -0.98 -8.13 3.83
C GLU A 64 -1.06 -8.41 5.33
N ILE A 65 -1.40 -7.37 6.08
CA ILE A 65 -1.52 -7.48 7.52
C ILE A 65 -3.00 -7.47 7.91
N LYS A 66 -3.71 -6.51 7.35
CA LYS A 66 -5.14 -6.38 7.64
C LYS A 66 -5.92 -7.42 6.84
N SER A 67 -6.31 -8.48 7.52
CA SER A 67 -7.05 -9.56 6.89
C SER A 67 -8.45 -9.06 6.49
N SER A 68 -8.87 -7.99 7.16
CA SER A 68 -10.17 -7.41 6.88
C SER A 68 -10.14 -6.66 5.54
N GLU A 69 -8.94 -6.50 5.02
CA GLU A 69 -8.75 -5.80 3.77
C GLU A 69 -8.57 -6.80 2.63
N ARG A 70 -8.19 -8.02 3.00
CA ARG A 70 -7.99 -9.08 2.03
C ARG A 70 -9.20 -10.00 1.98
N SER A 71 -9.67 -10.37 3.17
CA SER A 71 -10.83 -11.25 3.27
C SER A 71 -12.11 -10.43 3.27
N GLY A 72 -11.95 -9.13 3.06
CA GLY A 72 -13.09 -8.23 3.02
C GLY A 72 -13.43 -7.82 1.58
N PRO A 73 -12.77 -6.73 1.12
CA PRO A 73 -13.00 -6.24 -0.23
C PRO A 73 -12.31 -7.14 -1.26
N SER A 74 -12.98 -7.31 -2.38
CA SER A 74 -12.45 -8.14 -3.46
C SER A 74 -12.13 -9.54 -2.94
N SER A 75 -11.92 -10.46 -3.87
CA SER A 75 -11.61 -11.83 -3.51
C SER A 75 -12.87 -12.53 -3.00
N GLY A 76 -13.31 -13.52 -3.78
CA GLY A 76 -14.50 -14.27 -3.41
C GLY A 76 -14.17 -15.76 -3.23
N GLY A 1 -24.63 17.27 11.14
CA GLY A 1 -23.48 17.82 10.46
C GLY A 1 -22.28 16.86 10.54
N SER A 2 -22.23 15.96 9.58
CA SER A 2 -21.15 14.99 9.52
C SER A 2 -21.37 14.02 8.35
N SER A 3 -20.26 13.53 7.82
CA SER A 3 -20.31 12.62 6.70
C SER A 3 -18.92 12.00 6.46
N GLY A 4 -18.93 10.75 6.03
CA GLY A 4 -17.68 10.05 5.75
C GLY A 4 -16.65 10.31 6.86
N SER A 5 -16.66 9.42 7.84
CA SER A 5 -15.74 9.54 8.96
C SER A 5 -15.46 8.16 9.55
N SER A 6 -14.54 7.46 8.91
CA SER A 6 -14.17 6.12 9.36
C SER A 6 -12.95 5.63 8.59
N GLY A 7 -12.28 4.65 9.17
CA GLY A 7 -11.09 4.07 8.55
C GLY A 7 -11.39 3.59 7.13
N SER A 8 -10.63 4.12 6.18
CA SER A 8 -10.80 3.76 4.79
C SER A 8 -9.71 4.41 3.93
N HIS A 9 -9.50 3.83 2.76
CA HIS A 9 -8.49 4.35 1.85
C HIS A 9 -7.11 4.16 2.46
N GLN A 10 -6.98 3.10 3.24
CA GLN A 10 -5.72 2.80 3.89
C GLN A 10 -5.61 1.30 4.18
N LEU A 11 -4.70 0.66 3.46
CA LEU A 11 -4.49 -0.77 3.63
C LEU A 11 -3.09 -1.01 4.22
N ILE A 12 -3.07 -1.69 5.36
CA ILE A 12 -1.82 -1.98 6.03
C ILE A 12 -1.23 -3.28 5.46
N VAL A 13 -0.09 -3.14 4.80
CA VAL A 13 0.58 -4.28 4.21
C VAL A 13 2.07 -4.21 4.50
N LYS A 14 2.65 -5.37 4.79
CA LYS A 14 4.07 -5.45 5.10
C LYS A 14 4.84 -5.80 3.82
N ALA A 15 6.10 -5.40 3.80
CA ALA A 15 6.96 -5.66 2.65
C ALA A 15 7.55 -7.07 2.78
N ARG A 16 7.83 -7.66 1.63
CA ARG A 16 8.41 -9.00 1.60
C ARG A 16 9.89 -8.94 1.95
N PHE A 17 10.65 -8.27 1.10
CA PHE A 17 12.08 -8.14 1.30
C PHE A 17 12.59 -6.80 0.75
N ASN A 18 13.91 -6.70 0.70
CA ASN A 18 14.53 -5.48 0.19
C ASN A 18 14.00 -5.17 -1.20
N PHE A 19 13.16 -4.15 -1.26
CA PHE A 19 12.57 -3.74 -2.52
C PHE A 19 13.04 -2.34 -2.93
N LYS A 20 13.80 -2.29 -4.01
CA LYS A 20 14.31 -1.03 -4.50
C LYS A 20 13.36 -0.47 -5.57
N GLN A 21 13.04 0.81 -5.42
CA GLN A 21 12.15 1.46 -6.35
C GLN A 21 12.86 1.72 -7.68
N THR A 22 12.08 1.63 -8.76
CA THR A 22 12.63 1.84 -10.09
C THR A 22 12.85 3.33 -10.33
N ASN A 23 12.25 4.14 -9.48
CA ASN A 23 12.37 5.59 -9.60
C ASN A 23 11.80 6.25 -8.35
N GLU A 24 12.18 7.50 -8.15
CA GLU A 24 11.72 8.25 -7.00
C GLU A 24 10.20 8.43 -7.06
N ASP A 25 9.67 8.29 -8.28
CA ASP A 25 8.24 8.44 -8.49
C ASP A 25 7.50 7.35 -7.74
N GLU A 26 8.01 6.12 -7.87
CA GLU A 26 7.41 4.98 -7.21
C GLU A 26 7.78 4.98 -5.72
N LEU A 27 7.28 3.96 -5.03
CA LEU A 27 7.55 3.82 -3.61
C LEU A 27 8.73 2.86 -3.41
N SER A 28 9.35 2.99 -2.25
CA SER A 28 10.50 2.14 -1.93
C SER A 28 10.35 1.58 -0.51
N VAL A 29 10.66 0.30 -0.37
CA VAL A 29 10.57 -0.36 0.91
C VAL A 29 11.77 -1.30 1.09
N CYS A 30 11.91 -1.80 2.31
CA CYS A 30 13.01 -2.70 2.62
C CYS A 30 12.42 -3.97 3.25
N LYS A 31 12.06 -3.86 4.51
CA LYS A 31 11.49 -4.98 5.24
C LYS A 31 10.73 -4.46 6.46
N GLY A 32 9.61 -5.11 6.73
CA GLY A 32 8.77 -4.73 7.86
C GLY A 32 8.72 -3.21 8.01
N ASP A 33 8.30 -2.56 6.93
CA ASP A 33 8.19 -1.11 6.92
C ASP A 33 6.72 -0.71 7.08
N ILE A 34 5.85 -1.59 6.63
CA ILE A 34 4.42 -1.35 6.70
C ILE A 34 4.05 -0.19 5.78
N ILE A 35 3.27 -0.52 4.75
CA ILE A 35 2.85 0.47 3.78
C ILE A 35 1.33 0.63 3.85
N TYR A 36 0.87 1.83 3.55
CA TYR A 36 -0.55 2.12 3.57
C TYR A 36 -1.09 2.30 2.16
N VAL A 37 -1.90 1.33 1.74
CA VAL A 37 -2.49 1.38 0.41
C VAL A 37 -3.73 2.27 0.45
N THR A 38 -3.69 3.31 -0.37
CA THR A 38 -4.81 4.25 -0.45
C THR A 38 -5.57 4.07 -1.77
N ARG A 39 -4.80 3.99 -2.85
CA ARG A 39 -5.39 3.82 -4.16
C ARG A 39 -6.14 2.49 -4.24
N VAL A 40 -5.37 1.41 -4.35
CA VAL A 40 -5.96 0.09 -4.43
C VAL A 40 -6.67 -0.07 -5.77
N GLU A 41 -5.90 -0.41 -6.79
CA GLU A 41 -6.43 -0.59 -8.13
C GLU A 41 -6.02 -1.95 -8.68
N GLU A 42 -6.52 -2.25 -9.88
CA GLU A 42 -6.22 -3.50 -10.53
C GLU A 42 -5.19 -3.30 -11.64
N GLY A 43 -4.96 -2.04 -11.96
CA GLY A 43 -4.00 -1.68 -12.99
C GLY A 43 -2.79 -2.63 -12.96
N GLY A 44 -2.48 -3.10 -11.77
CA GLY A 44 -1.36 -4.01 -11.58
C GLY A 44 -0.50 -3.58 -10.40
N TRP A 45 -0.37 -2.28 -10.22
CA TRP A 45 0.42 -1.73 -9.13
C TRP A 45 -0.54 -1.31 -8.02
N TRP A 46 0.03 -0.89 -6.91
CA TRP A 46 -0.76 -0.45 -5.77
C TRP A 46 -0.11 0.82 -5.20
N GLU A 47 -0.90 1.87 -5.14
CA GLU A 47 -0.41 3.14 -4.61
C GLU A 47 -0.73 3.26 -3.12
N GLY A 48 0.32 3.33 -2.32
CA GLY A 48 0.16 3.45 -0.88
C GLY A 48 1.07 4.54 -0.32
N THR A 49 1.27 4.48 0.99
CA THR A 49 2.12 5.45 1.65
C THR A 49 2.93 4.78 2.77
N LEU A 50 4.20 5.15 2.84
CA LEU A 50 5.10 4.61 3.84
C LEU A 50 5.57 5.72 4.77
N ASN A 51 6.19 5.31 5.86
CA ASN A 51 6.70 6.26 6.84
C ASN A 51 7.38 7.41 6.11
N GLY A 52 6.61 8.47 5.86
CA GLY A 52 7.14 9.64 5.18
C GLY A 52 7.57 9.29 3.75
N ARG A 53 6.80 8.40 3.14
CA ARG A 53 7.10 7.96 1.78
C ARG A 53 5.81 7.86 0.97
N THR A 54 5.97 7.73 -0.34
CA THR A 54 4.84 7.62 -1.23
C THR A 54 5.26 6.99 -2.57
N GLY A 55 4.26 6.68 -3.38
CA GLY A 55 4.52 6.08 -4.68
C GLY A 55 3.74 4.78 -4.84
N TRP A 56 4.01 4.09 -5.95
CA TRP A 56 3.33 2.83 -6.23
C TRP A 56 4.29 1.70 -5.86
N PHE A 57 3.77 0.49 -5.95
CA PHE A 57 4.56 -0.69 -5.63
C PHE A 57 3.75 -1.98 -5.83
N PRO A 58 4.47 -3.11 -5.96
CA PRO A 58 3.83 -4.39 -6.15
C PRO A 58 3.21 -4.90 -4.85
N SER A 59 1.89 -5.00 -4.86
CA SER A 59 1.16 -5.46 -3.69
C SER A 59 1.22 -6.99 -3.61
N ASN A 60 1.56 -7.59 -4.74
CA ASN A 60 1.64 -9.04 -4.81
C ASN A 60 2.87 -9.51 -4.04
N TYR A 61 3.88 -8.66 -4.02
CA TYR A 61 5.11 -8.98 -3.31
C TYR A 61 4.96 -8.74 -1.81
N VAL A 62 4.53 -7.53 -1.48
CA VAL A 62 4.34 -7.16 -0.09
C VAL A 62 3.15 -7.92 0.48
N ARG A 63 3.31 -8.39 1.72
CA ARG A 63 2.27 -9.14 2.38
C ARG A 63 1.24 -8.18 3.00
N GLU A 64 0.04 -8.71 3.19
CA GLU A 64 -1.04 -7.92 3.76
C GLU A 64 -1.25 -8.29 5.23
N ILE A 65 -1.65 -7.30 6.01
CA ILE A 65 -1.89 -7.51 7.43
C ILE A 65 -3.40 -7.50 7.70
N LYS A 66 -4.05 -6.48 7.17
CA LYS A 66 -5.49 -6.35 7.34
C LYS A 66 -6.19 -7.57 6.75
N SER A 67 -6.92 -8.27 7.61
CA SER A 67 -7.63 -9.46 7.19
C SER A 67 -9.07 -9.10 6.82
N SER A 68 -9.45 -7.88 7.19
CA SER A 68 -10.80 -7.41 6.90
C SER A 68 -10.82 -6.67 5.55
N GLU A 69 -9.63 -6.45 5.03
CA GLU A 69 -9.49 -5.75 3.76
C GLU A 69 -9.56 -6.76 2.60
N ARG A 70 -8.89 -7.89 2.80
CA ARG A 70 -8.86 -8.93 1.79
C ARG A 70 -10.29 -9.42 1.50
N SER A 71 -11.04 -9.60 2.58
CA SER A 71 -12.41 -10.07 2.46
C SER A 71 -13.37 -8.88 2.51
N GLY A 72 -12.81 -7.69 2.38
CA GLY A 72 -13.61 -6.48 2.41
C GLY A 72 -12.92 -5.35 1.63
N PRO A 73 -12.79 -5.58 0.30
CA PRO A 73 -12.16 -4.60 -0.56
C PRO A 73 -13.09 -3.41 -0.82
N SER A 74 -13.49 -2.76 0.27
CA SER A 74 -14.37 -1.62 0.18
C SER A 74 -14.72 -1.11 1.58
N SER A 75 -13.77 -0.40 2.16
CA SER A 75 -13.96 0.15 3.50
C SER A 75 -14.96 1.30 3.45
N GLY A 76 -16.13 1.04 4.04
CA GLY A 76 -17.18 2.05 4.07
C GLY A 76 -18.29 1.71 3.08
#